data_2YTX
#
_entry.id   2YTX
#
_cell.length_a   1.000
_cell.length_b   1.000
_cell.length_c   1.000
_cell.angle_alpha   90.00
_cell.angle_beta   90.00
_cell.angle_gamma   90.00
#
_symmetry.space_group_name_H-M   'P 1'
#
_entity_poly.entity_id   1
_entity_poly.type   'polypeptide(L)'
_entity_poly.pdbx_seq_one_letter_code
;GSSGSSGNIMLLKKKQARCQGVVCAMKEAFGFIERGDVVKEIFFHYSEFKGDLETLQPGDDVEFTIKDRNGKEVATDVRL
LPQGTVIFEDISGPSSG
;
_entity_poly.pdbx_strand_id   A
#
# COMPACT_ATOMS: atom_id res chain seq x y z
N GLY A 1 -34.64 31.09 16.79
CA GLY A 1 -34.22 30.20 15.71
C GLY A 1 -32.86 29.60 15.96
N SER A 2 -32.83 28.34 16.38
CA SER A 2 -31.58 27.64 16.66
C SER A 2 -31.14 26.81 15.46
N SER A 3 -32.12 26.32 14.70
CA SER A 3 -31.85 25.51 13.52
C SER A 3 -31.42 26.38 12.34
N GLY A 4 -30.33 25.99 11.69
CA GLY A 4 -29.84 26.73 10.55
C GLY A 4 -28.45 26.27 10.11
N SER A 5 -27.66 27.21 9.59
CA SER A 5 -26.32 26.90 9.12
C SER A 5 -25.32 26.96 10.28
N SER A 6 -24.80 25.80 10.67
CA SER A 6 -23.84 25.71 11.77
C SER A 6 -22.60 24.94 11.34
N GLY A 7 -21.46 25.29 11.93
CA GLY A 7 -20.21 24.61 11.60
C GLY A 7 -19.05 25.10 12.44
N ASN A 8 -17.85 25.01 11.88
CA ASN A 8 -16.65 25.44 12.59
C ASN A 8 -16.56 24.79 13.97
N ILE A 9 -15.96 23.60 14.02
CA ILE A 9 -15.81 22.87 15.27
C ILE A 9 -15.00 21.59 15.07
N MET A 10 -14.49 21.05 16.17
CA MET A 10 -13.69 19.83 16.11
C MET A 10 -14.31 18.81 15.16
N LEU A 11 -13.47 17.99 14.55
CA LEU A 11 -13.94 16.98 13.60
C LEU A 11 -13.11 15.70 13.73
N LEU A 12 -13.79 14.59 14.03
CA LEU A 12 -13.11 13.30 14.17
C LEU A 12 -12.96 12.62 12.82
N LYS A 13 -11.75 12.13 12.54
CA LYS A 13 -11.47 11.44 11.29
C LYS A 13 -10.78 10.10 11.54
N LYS A 14 -11.48 9.20 12.23
CA LYS A 14 -10.93 7.89 12.54
C LYS A 14 -10.79 7.05 11.27
N LYS A 15 -9.78 6.18 11.25
CA LYS A 15 -9.53 5.32 10.10
C LYS A 15 -10.59 4.22 10.01
N GLN A 16 -10.76 3.68 8.81
CA GLN A 16 -11.75 2.62 8.60
C GLN A 16 -11.06 1.26 8.51
N ALA A 17 -10.40 1.01 7.39
CA ALA A 17 -9.69 -0.25 7.18
C ALA A 17 -8.74 -0.17 6.00
N ARG A 18 -7.96 -1.22 5.79
CA ARG A 18 -7.00 -1.27 4.69
C ARG A 18 -6.50 -2.69 4.45
N CYS A 19 -5.80 -2.88 3.34
CA CYS A 19 -5.28 -4.19 2.99
C CYS A 19 -3.84 -4.09 2.49
N GLN A 20 -2.95 -4.87 3.11
CA GLN A 20 -1.54 -4.85 2.73
C GLN A 20 -1.02 -6.28 2.56
N GLY A 21 0.17 -6.40 1.96
CA GLY A 21 0.75 -7.71 1.74
C GLY A 21 2.25 -7.64 1.49
N VAL A 22 2.75 -8.56 0.69
CA VAL A 22 4.18 -8.60 0.38
C VAL A 22 4.41 -8.87 -1.11
N VAL A 23 5.23 -8.04 -1.74
CA VAL A 23 5.53 -8.19 -3.16
C VAL A 23 6.34 -9.46 -3.41
N CYS A 24 5.67 -10.49 -3.93
CA CYS A 24 6.32 -11.76 -4.21
C CYS A 24 6.81 -11.80 -5.65
N ALA A 25 6.00 -11.28 -6.57
CA ALA A 25 6.35 -11.26 -7.98
C ALA A 25 7.06 -9.95 -8.35
N MET A 26 8.14 -10.08 -9.12
CA MET A 26 8.91 -8.92 -9.55
C MET A 26 9.11 -8.92 -11.06
N LYS A 27 8.43 -8.01 -11.75
CA LYS A 27 8.53 -7.90 -13.19
C LYS A 27 8.78 -6.46 -13.62
N GLU A 28 8.99 -6.25 -14.91
CA GLU A 28 9.24 -4.92 -15.45
C GLU A 28 7.98 -4.36 -16.09
N ALA A 29 6.83 -4.66 -15.51
CA ALA A 29 5.55 -4.18 -16.02
C ALA A 29 4.45 -4.31 -14.98
N PHE A 30 4.39 -5.47 -14.32
CA PHE A 30 3.39 -5.70 -13.29
C PHE A 30 3.88 -6.75 -12.30
N GLY A 31 3.16 -6.89 -11.19
CA GLY A 31 3.53 -7.85 -10.17
C GLY A 31 2.34 -8.32 -9.36
N PHE A 32 2.60 -9.17 -8.36
CA PHE A 32 1.55 -9.70 -7.51
C PHE A 32 1.91 -9.54 -6.03
N ILE A 33 0.89 -9.47 -5.19
CA ILE A 33 1.11 -9.33 -3.75
C ILE A 33 0.58 -10.54 -2.99
N GLU A 34 1.36 -11.02 -2.03
CA GLU A 34 0.98 -12.18 -1.23
C GLU A 34 0.46 -11.75 0.13
N ARG A 35 -0.53 -12.48 0.65
CA ARG A 35 -1.12 -12.17 1.94
C ARG A 35 -0.63 -13.14 3.01
N GLY A 36 -0.67 -12.71 4.27
CA GLY A 36 -0.22 -13.56 5.36
C GLY A 36 -1.37 -14.32 6.00
N ASP A 37 -2.19 -13.61 6.77
CA ASP A 37 -3.32 -14.23 7.45
C ASP A 37 -4.27 -14.88 6.43
N VAL A 38 -4.51 -14.19 5.32
CA VAL A 38 -5.39 -14.69 4.29
C VAL A 38 -4.59 -15.19 3.08
N VAL A 39 -5.27 -15.87 2.16
CA VAL A 39 -4.63 -16.38 0.96
C VAL A 39 -5.23 -15.77 -0.30
N LYS A 40 -5.44 -14.46 -0.26
CA LYS A 40 -6.01 -13.74 -1.40
C LYS A 40 -4.98 -12.80 -2.02
N GLU A 41 -4.79 -12.92 -3.32
CA GLU A 41 -3.83 -12.09 -4.03
C GLU A 41 -4.53 -11.22 -5.07
N ILE A 42 -3.82 -10.22 -5.58
CA ILE A 42 -4.38 -9.32 -6.58
C ILE A 42 -3.32 -8.89 -7.59
N PHE A 43 -3.77 -8.30 -8.69
CA PHE A 43 -2.85 -7.85 -9.73
C PHE A 43 -2.73 -6.33 -9.74
N PHE A 44 -1.51 -5.85 -9.49
CA PHE A 44 -1.26 -4.41 -9.45
C PHE A 44 -0.26 -4.01 -10.53
N HIS A 45 -0.51 -2.88 -11.17
CA HIS A 45 0.37 -2.38 -12.23
C HIS A 45 1.32 -1.32 -11.68
N TYR A 46 2.59 -1.43 -12.04
CA TYR A 46 3.60 -0.47 -11.60
C TYR A 46 3.19 0.96 -11.93
N SER A 47 2.46 1.12 -13.03
CA SER A 47 2.00 2.43 -13.47
C SER A 47 1.24 3.14 -12.34
N GLU A 48 0.52 2.36 -11.54
CA GLU A 48 -0.26 2.91 -10.44
C GLU A 48 0.58 2.97 -9.17
N PHE A 49 1.56 2.09 -9.06
CA PHE A 49 2.43 2.04 -7.90
C PHE A 49 3.03 3.41 -7.61
N LYS A 50 2.78 3.93 -6.41
CA LYS A 50 3.29 5.24 -6.01
C LYS A 50 4.42 5.08 -5.01
N GLY A 51 5.62 4.77 -5.51
CA GLY A 51 6.76 4.60 -4.64
C GLY A 51 8.08 4.76 -5.38
N ASP A 52 9.06 3.94 -5.03
CA ASP A 52 10.37 3.98 -5.67
C ASP A 52 10.61 2.74 -6.53
N LEU A 53 10.29 2.85 -7.81
CA LEU A 53 10.46 1.74 -8.74
C LEU A 53 11.95 1.42 -8.93
N GLU A 54 12.80 2.35 -8.52
CA GLU A 54 14.24 2.17 -8.65
C GLU A 54 14.77 1.22 -7.58
N THR A 55 14.21 1.32 -6.38
CA THR A 55 14.63 0.48 -5.28
C THR A 55 13.43 -0.21 -4.64
N LEU A 56 13.09 -1.39 -5.16
CA LEU A 56 11.96 -2.16 -4.64
C LEU A 56 12.26 -3.66 -4.69
N GLN A 57 12.81 -4.19 -3.61
CA GLN A 57 13.14 -5.61 -3.54
C GLN A 57 13.75 -5.96 -2.20
N PRO A 58 13.69 -7.26 -1.84
CA PRO A 58 13.09 -8.28 -2.70
C PRO A 58 11.58 -8.15 -2.79
N GLY A 59 10.94 -7.88 -1.65
CA GLY A 59 9.49 -7.73 -1.63
C GLY A 59 9.02 -6.84 -0.51
N ASP A 60 9.45 -5.58 -0.53
CA ASP A 60 9.07 -4.62 0.50
C ASP A 60 7.55 -4.58 0.67
N ASP A 61 7.11 -4.59 1.92
CA ASP A 61 5.68 -4.55 2.22
C ASP A 61 5.00 -3.40 1.49
N VAL A 62 3.80 -3.66 0.98
CA VAL A 62 3.04 -2.65 0.26
C VAL A 62 1.57 -2.66 0.67
N GLU A 63 0.88 -1.56 0.42
CA GLU A 63 -0.53 -1.44 0.78
C GLU A 63 -1.38 -1.24 -0.48
N PHE A 64 -2.69 -1.43 -0.32
CA PHE A 64 -3.62 -1.28 -1.44
C PHE A 64 -5.06 -1.29 -0.95
N THR A 65 -5.98 -0.91 -1.83
CA THR A 65 -7.39 -0.88 -1.49
C THR A 65 -8.24 -1.60 -2.54
N ILE A 66 -8.81 -2.74 -2.14
CA ILE A 66 -9.64 -3.52 -3.05
C ILE A 66 -10.92 -2.78 -3.42
N LYS A 67 -11.17 -2.69 -4.71
CA LYS A 67 -12.37 -2.00 -5.20
C LYS A 67 -13.34 -2.98 -5.84
N ASP A 68 -14.42 -2.46 -6.42
CA ASP A 68 -15.42 -3.29 -7.08
C ASP A 68 -15.19 -3.35 -8.57
N ARG A 69 -13.95 -3.65 -8.96
CA ARG A 69 -13.59 -3.75 -10.38
C ARG A 69 -14.34 -4.89 -11.06
N ASN A 70 -14.99 -4.60 -12.18
CA ASN A 70 -15.74 -5.60 -12.91
C ASN A 70 -14.80 -6.61 -13.56
N GLY A 71 -15.04 -7.89 -13.29
CA GLY A 71 -14.21 -8.94 -13.85
C GLY A 71 -13.30 -9.58 -12.82
N LYS A 72 -12.19 -8.90 -12.51
CA LYS A 72 -11.24 -9.41 -11.53
C LYS A 72 -10.94 -8.36 -10.47
N GLU A 73 -10.44 -8.81 -9.32
CA GLU A 73 -10.11 -7.90 -8.23
C GLU A 73 -8.64 -7.46 -8.31
N VAL A 74 -8.44 -6.19 -8.61
CA VAL A 74 -7.09 -5.64 -8.71
C VAL A 74 -6.84 -4.58 -7.65
N ALA A 75 -5.58 -4.20 -7.48
CA ALA A 75 -5.21 -3.20 -6.49
C ALA A 75 -4.90 -1.86 -7.16
N THR A 76 -5.62 -0.83 -6.75
CA THR A 76 -5.43 0.51 -7.31
C THR A 76 -4.74 1.43 -6.31
N ASP A 77 -3.88 2.30 -6.81
CA ASP A 77 -3.16 3.24 -5.96
C ASP A 77 -2.35 2.50 -4.90
N VAL A 78 -1.30 1.80 -5.33
CA VAL A 78 -0.46 1.05 -4.41
C VAL A 78 0.57 1.95 -3.74
N ARG A 79 0.71 1.80 -2.43
CA ARG A 79 1.66 2.61 -1.66
C ARG A 79 2.52 1.73 -0.76
N LEU A 80 3.84 1.89 -0.89
CA LEU A 80 4.77 1.11 -0.09
C LEU A 80 4.49 1.27 1.40
N LEU A 81 4.89 0.28 2.19
CA LEU A 81 4.68 0.30 3.63
C LEU A 81 5.94 0.73 4.37
N PRO A 82 5.78 1.21 5.60
CA PRO A 82 6.90 1.66 6.44
C PRO A 82 7.78 0.50 6.89
N GLN A 83 8.99 0.82 7.34
CA GLN A 83 9.93 -0.20 7.81
C GLN A 83 9.29 -1.07 8.88
N GLY A 84 9.88 -2.24 9.11
CA GLY A 84 9.36 -3.15 10.11
C GLY A 84 9.49 -2.60 11.52
N THR A 85 10.46 -3.11 12.26
CA THR A 85 10.69 -2.67 13.63
C THR A 85 11.01 -1.17 13.67
N VAL A 86 10.12 -0.40 14.29
CA VAL A 86 10.31 1.04 14.41
C VAL A 86 11.44 1.37 15.39
N ILE A 87 12.13 2.47 15.12
CA ILE A 87 13.24 2.89 15.97
C ILE A 87 12.91 4.21 16.67
N PHE A 88 13.30 4.31 17.94
CA PHE A 88 13.05 5.52 18.72
C PHE A 88 13.63 6.75 18.02
N GLU A 89 13.23 7.93 18.47
CA GLU A 89 13.70 9.18 17.89
C GLU A 89 13.25 10.37 18.71
N ASP A 90 13.73 11.55 18.34
CA ASP A 90 13.37 12.78 19.06
C ASP A 90 12.40 13.62 18.22
N ILE A 91 11.31 13.01 17.78
CA ILE A 91 10.32 13.69 16.97
C ILE A 91 8.91 13.46 17.52
N SER A 92 8.64 14.03 18.69
CA SER A 92 7.33 13.88 19.32
C SER A 92 6.30 14.77 18.64
N GLY A 93 5.26 14.15 18.10
CA GLY A 93 4.21 14.90 17.43
C GLY A 93 3.03 14.03 17.03
N PRO A 94 2.14 14.58 16.20
CA PRO A 94 0.96 13.86 15.73
C PRO A 94 1.30 12.73 14.76
N SER A 95 2.44 12.84 14.11
CA SER A 95 2.90 11.83 13.17
C SER A 95 1.93 11.73 11.99
N SER A 96 2.38 11.08 10.92
CA SER A 96 1.55 10.90 9.73
C SER A 96 0.55 9.76 9.92
N GLY A 97 -0.50 9.77 9.11
CA GLY A 97 -1.52 8.74 9.21
C GLY A 97 -2.57 9.05 10.26
N GLY A 1 -42.01 31.69 2.55
CA GLY A 1 -42.05 32.04 3.95
C GLY A 1 -41.11 31.20 4.79
N SER A 2 -39.95 31.77 5.13
CA SER A 2 -38.96 31.06 5.93
C SER A 2 -38.52 29.78 5.22
N SER A 3 -37.94 29.93 4.04
CA SER A 3 -37.49 28.78 3.27
C SER A 3 -35.97 28.81 3.10
N GLY A 4 -35.31 27.74 3.56
CA GLY A 4 -33.87 27.67 3.45
C GLY A 4 -33.38 26.28 3.09
N SER A 5 -32.08 26.06 3.22
CA SER A 5 -31.48 24.76 2.89
C SER A 5 -30.14 24.60 3.58
N SER A 6 -29.90 23.41 4.12
CA SER A 6 -28.64 23.12 4.81
C SER A 6 -27.77 22.17 3.98
N GLY A 7 -26.59 21.85 4.50
CA GLY A 7 -25.68 20.97 3.80
C GLY A 7 -24.52 20.53 4.66
N ASN A 8 -23.84 19.46 4.24
CA ASN A 8 -22.71 18.93 4.98
C ASN A 8 -21.58 19.95 5.04
N ILE A 9 -20.55 19.65 5.84
CA ILE A 9 -19.41 20.54 5.98
C ILE A 9 -18.19 19.79 6.50
N MET A 10 -17.02 20.12 5.96
CA MET A 10 -15.77 19.48 6.36
C MET A 10 -15.81 17.98 6.04
N LEU A 11 -14.62 17.38 5.94
CA LEU A 11 -14.51 15.96 5.65
C LEU A 11 -14.22 15.15 6.90
N LEU A 12 -14.53 13.86 6.85
CA LEU A 12 -14.31 12.98 8.00
C LEU A 12 -13.37 11.84 7.62
N LYS A 13 -12.62 11.34 8.60
CA LYS A 13 -11.68 10.25 8.38
C LYS A 13 -12.43 8.93 8.17
N LYS A 14 -11.96 8.15 7.20
CA LYS A 14 -12.57 6.86 6.91
C LYS A 14 -11.52 5.77 6.77
N LYS A 15 -11.64 4.73 7.61
CA LYS A 15 -10.70 3.62 7.59
C LYS A 15 -11.37 2.33 8.01
N GLN A 16 -11.35 1.33 7.13
CA GLN A 16 -11.96 0.04 7.42
C GLN A 16 -11.66 -0.97 6.32
N ALA A 17 -11.90 -0.56 5.07
CA ALA A 17 -11.65 -1.43 3.93
C ALA A 17 -10.26 -1.22 3.37
N ARG A 18 -9.42 -2.24 3.47
CA ARG A 18 -8.04 -2.16 2.98
C ARG A 18 -7.33 -3.50 3.13
N CYS A 19 -6.20 -3.64 2.46
CA CYS A 19 -5.42 -4.87 2.52
C CYS A 19 -3.97 -4.62 2.14
N GLN A 20 -3.06 -5.34 2.78
CA GLN A 20 -1.63 -5.20 2.51
C GLN A 20 -0.91 -6.54 2.58
N GLY A 21 0.32 -6.58 2.11
CA GLY A 21 1.09 -7.81 2.12
C GLY A 21 2.54 -7.59 1.73
N VAL A 22 3.10 -8.56 0.99
CA VAL A 22 4.49 -8.46 0.56
C VAL A 22 4.61 -8.79 -0.92
N VAL A 23 5.30 -7.92 -1.66
CA VAL A 23 5.49 -8.12 -3.09
C VAL A 23 6.06 -9.51 -3.39
N CYS A 24 5.20 -10.40 -3.87
CA CYS A 24 5.61 -11.76 -4.19
C CYS A 24 6.20 -11.84 -5.59
N ALA A 25 5.51 -11.23 -6.56
CA ALA A 25 5.96 -11.22 -7.94
C ALA A 25 6.82 -10.00 -8.23
N MET A 26 7.85 -10.19 -9.06
CA MET A 26 8.76 -9.11 -9.42
C MET A 26 9.02 -9.11 -10.92
N LYS A 27 8.45 -8.13 -11.62
CA LYS A 27 8.64 -8.01 -13.06
C LYS A 27 8.99 -6.58 -13.46
N GLU A 28 9.28 -6.38 -14.72
CA GLU A 28 9.64 -5.06 -15.23
C GLU A 28 8.43 -4.37 -15.88
N ALA A 29 7.27 -4.55 -15.27
CA ALA A 29 6.04 -3.95 -15.78
C ALA A 29 4.92 -4.03 -14.74
N PHE A 30 4.77 -5.19 -14.13
CA PHE A 30 3.73 -5.40 -13.12
C PHE A 30 4.13 -6.52 -12.15
N GLY A 31 3.36 -6.67 -11.08
CA GLY A 31 3.65 -7.68 -10.10
C GLY A 31 2.43 -8.04 -9.26
N PHE A 32 2.64 -8.86 -8.23
CA PHE A 32 1.55 -9.26 -7.35
C PHE A 32 1.93 -9.07 -5.89
N ILE A 33 0.98 -9.35 -4.99
CA ILE A 33 1.22 -9.20 -3.56
C ILE A 33 0.73 -10.43 -2.79
N GLU A 34 1.47 -10.80 -1.75
CA GLU A 34 1.11 -11.95 -0.94
C GLU A 34 -0.02 -11.61 0.03
N ARG A 35 -0.89 -12.58 0.28
CA ARG A 35 -2.02 -12.38 1.18
C ARG A 35 -1.56 -11.81 2.52
N GLY A 36 -0.74 -12.58 3.23
CA GLY A 36 -0.25 -12.14 4.53
C GLY A 36 -0.88 -12.90 5.68
N ASP A 37 -2.20 -13.03 5.65
CA ASP A 37 -2.93 -13.73 6.70
C ASP A 37 -4.31 -14.16 6.22
N VAL A 38 -4.44 -14.35 4.91
CA VAL A 38 -5.70 -14.77 4.32
C VAL A 38 -5.48 -15.57 3.05
N VAL A 39 -6.57 -16.00 2.43
CA VAL A 39 -6.49 -16.78 1.20
C VAL A 39 -7.01 -15.97 0.01
N LYS A 40 -6.63 -14.70 -0.06
CA LYS A 40 -7.03 -13.83 -1.14
C LYS A 40 -5.87 -13.00 -1.65
N GLU A 41 -5.72 -12.93 -2.97
CA GLU A 41 -4.65 -12.17 -3.58
C GLU A 41 -5.18 -11.18 -4.61
N ILE A 42 -4.34 -10.25 -5.03
CA ILE A 42 -4.74 -9.23 -6.00
C ILE A 42 -3.58 -8.90 -6.94
N PHE A 43 -3.90 -8.21 -8.03
CA PHE A 43 -2.90 -7.82 -9.01
C PHE A 43 -2.83 -6.30 -9.16
N PHE A 44 -1.62 -5.77 -9.10
CA PHE A 44 -1.42 -4.33 -9.23
C PHE A 44 -0.41 -4.01 -10.31
N HIS A 45 -0.55 -2.83 -10.93
CA HIS A 45 0.35 -2.42 -12.00
C HIS A 45 1.27 -1.30 -11.51
N TYR A 46 2.55 -1.39 -11.87
CA TYR A 46 3.53 -0.40 -11.48
C TYR A 46 3.08 1.00 -11.87
N SER A 47 2.29 1.09 -12.94
CA SER A 47 1.78 2.36 -13.41
C SER A 47 1.09 3.14 -12.29
N GLU A 48 0.33 2.42 -11.47
CA GLU A 48 -0.38 3.04 -10.37
C GLU A 48 0.50 3.08 -9.11
N PHE A 49 1.44 2.15 -9.02
CA PHE A 49 2.35 2.10 -7.88
C PHE A 49 3.00 3.44 -7.63
N LYS A 50 2.82 3.97 -6.42
CA LYS A 50 3.39 5.26 -6.05
C LYS A 50 4.54 5.08 -5.08
N GLY A 51 5.72 4.74 -5.60
CA GLY A 51 6.88 4.56 -4.76
C GLY A 51 8.18 4.68 -5.53
N ASP A 52 9.24 4.06 -5.02
CA ASP A 52 10.55 4.11 -5.67
C ASP A 52 10.78 2.88 -6.53
N LEU A 53 10.40 2.98 -7.81
CA LEU A 53 10.57 1.87 -8.74
C LEU A 53 12.04 1.59 -8.99
N GLU A 54 12.90 2.54 -8.62
CA GLU A 54 14.33 2.39 -8.80
C GLU A 54 14.93 1.45 -7.75
N THR A 55 14.41 1.54 -6.53
CA THR A 55 14.89 0.70 -5.44
C THR A 55 13.74 -0.02 -4.75
N LEU A 56 13.40 -1.20 -5.26
CA LEU A 56 12.31 -1.99 -4.70
C LEU A 56 12.63 -3.48 -4.76
N GLN A 57 13.25 -3.99 -3.71
CA GLN A 57 13.60 -5.41 -3.65
C GLN A 57 14.03 -5.80 -2.23
N PRO A 58 14.01 -7.11 -1.95
CA PRO A 58 13.60 -8.13 -2.94
C PRO A 58 12.12 -8.07 -3.25
N GLY A 59 11.36 -7.40 -2.39
CA GLY A 59 9.93 -7.27 -2.59
C GLY A 59 9.30 -6.20 -1.71
N ASP A 60 9.66 -6.20 -0.43
CA ASP A 60 9.14 -5.22 0.51
C ASP A 60 7.62 -5.34 0.62
N ASP A 61 7.04 -4.65 1.60
CA ASP A 61 5.61 -4.69 1.83
C ASP A 61 4.92 -3.55 1.09
N VAL A 62 3.66 -3.76 0.70
CA VAL A 62 2.89 -2.75 -0.01
C VAL A 62 1.44 -2.74 0.45
N GLU A 63 0.78 -1.59 0.30
CA GLU A 63 -0.61 -1.44 0.70
C GLU A 63 -1.50 -1.24 -0.51
N PHE A 64 -2.77 -1.62 -0.39
CA PHE A 64 -3.72 -1.48 -1.48
C PHE A 64 -5.16 -1.59 -0.96
N THR A 65 -6.11 -1.16 -1.77
CA THR A 65 -7.52 -1.21 -1.41
C THR A 65 -8.37 -1.77 -2.54
N ILE A 66 -8.84 -3.00 -2.36
CA ILE A 66 -9.67 -3.65 -3.38
C ILE A 66 -11.07 -3.04 -3.42
N LYS A 67 -11.54 -2.77 -4.63
CA LYS A 67 -12.87 -2.19 -4.81
C LYS A 67 -13.77 -3.12 -5.61
N ASP A 68 -14.96 -2.64 -5.96
CA ASP A 68 -15.92 -3.43 -6.72
C ASP A 68 -15.62 -3.34 -8.21
N ARG A 69 -14.46 -3.84 -8.62
CA ARG A 69 -14.06 -3.81 -10.02
C ARG A 69 -14.70 -4.96 -10.79
N ASN A 70 -15.73 -4.64 -11.58
CA ASN A 70 -16.43 -5.65 -12.37
C ASN A 70 -15.49 -6.31 -13.36
N GLY A 71 -15.15 -7.57 -13.08
CA GLY A 71 -14.25 -8.31 -13.97
C GLY A 71 -13.14 -9.00 -13.21
N LYS A 72 -12.07 -8.26 -12.94
CA LYS A 72 -10.93 -8.82 -12.22
C LYS A 72 -10.65 -8.02 -10.95
N GLU A 73 -9.99 -8.66 -9.99
CA GLU A 73 -9.66 -8.00 -8.73
C GLU A 73 -8.24 -7.44 -8.75
N VAL A 74 -8.12 -6.18 -9.15
CA VAL A 74 -6.82 -5.52 -9.22
C VAL A 74 -6.72 -4.39 -8.20
N ALA A 75 -5.53 -4.25 -7.61
CA ALA A 75 -5.31 -3.21 -6.61
C ALA A 75 -4.92 -1.89 -7.28
N THR A 76 -5.60 -0.81 -6.90
CA THR A 76 -5.32 0.50 -7.47
C THR A 76 -4.65 1.40 -6.44
N ASP A 77 -3.84 2.35 -6.93
CA ASP A 77 -3.14 3.28 -6.06
C ASP A 77 -2.36 2.53 -4.99
N VAL A 78 -1.34 1.79 -5.41
CA VAL A 78 -0.52 1.02 -4.48
C VAL A 78 0.55 1.90 -3.84
N ARG A 79 0.80 1.69 -2.56
CA ARG A 79 1.80 2.46 -1.82
C ARG A 79 2.65 1.55 -0.94
N LEU A 80 3.97 1.66 -1.09
CA LEU A 80 4.89 0.85 -0.30
C LEU A 80 4.62 1.01 1.19
N LEU A 81 4.94 -0.02 1.95
CA LEU A 81 4.74 0.00 3.40
C LEU A 81 6.06 0.23 4.13
N PRO A 82 5.97 0.70 5.38
CA PRO A 82 7.14 0.99 6.22
C PRO A 82 7.87 -0.29 6.64
N GLN A 83 8.90 -0.13 7.45
CA GLN A 83 9.68 -1.27 7.93
C GLN A 83 10.36 -2.00 6.76
N GLY A 84 11.52 -1.50 6.35
CA GLY A 84 12.24 -2.11 5.26
C GLY A 84 13.71 -1.78 5.27
N THR A 85 14.21 -1.26 4.16
CA THR A 85 15.63 -0.89 4.05
C THR A 85 15.79 0.61 3.90
N VAL A 86 16.76 1.17 4.63
CA VAL A 86 17.02 2.61 4.58
C VAL A 86 18.51 2.88 4.43
N ILE A 87 18.83 3.96 3.73
CA ILE A 87 20.23 4.33 3.51
C ILE A 87 20.52 5.71 4.10
N PHE A 88 21.72 5.87 4.66
CA PHE A 88 22.12 7.14 5.26
C PHE A 88 22.08 8.26 4.22
N GLU A 89 22.27 9.49 4.68
CA GLU A 89 22.25 10.65 3.80
C GLU A 89 23.40 11.60 4.12
N ASP A 90 23.42 12.74 3.45
CA ASP A 90 24.46 13.74 3.66
C ASP A 90 24.07 15.08 3.03
N ILE A 91 23.38 15.91 3.81
CA ILE A 91 22.95 17.21 3.33
C ILE A 91 24.07 18.24 3.44
N SER A 92 24.55 18.45 4.66
CA SER A 92 25.63 19.41 4.91
C SER A 92 25.28 20.78 4.33
N GLY A 93 26.26 21.68 4.33
CA GLY A 93 26.03 23.01 3.81
C GLY A 93 27.29 23.62 3.23
N PRO A 94 27.14 24.77 2.54
CA PRO A 94 28.26 25.48 1.93
C PRO A 94 29.18 26.12 2.96
N SER A 95 30.41 26.41 2.56
CA SER A 95 31.39 27.02 3.46
C SER A 95 32.24 28.05 2.72
N SER A 96 33.19 28.63 3.42
CA SER A 96 34.08 29.63 2.83
C SER A 96 33.29 30.84 2.36
N GLY A 97 33.95 31.74 1.64
CA GLY A 97 33.30 32.93 1.13
C GLY A 97 34.27 33.92 0.53
N GLY A 1 -4.05 28.88 -4.75
CA GLY A 1 -4.49 27.62 -4.18
C GLY A 1 -3.73 26.44 -4.75
N SER A 2 -2.41 26.56 -4.80
CA SER A 2 -1.57 25.49 -5.33
C SER A 2 -0.62 24.95 -4.25
N SER A 3 -1.22 24.35 -3.22
CA SER A 3 -0.44 23.80 -2.12
C SER A 3 -1.07 22.50 -1.61
N GLY A 4 -0.26 21.68 -0.95
CA GLY A 4 -0.74 20.41 -0.43
C GLY A 4 0.28 19.31 -0.52
N SER A 5 0.22 18.53 -1.60
CA SER A 5 1.16 17.43 -1.80
C SER A 5 1.05 16.89 -3.23
N SER A 6 2.21 16.65 -3.84
CA SER A 6 2.25 16.13 -5.21
C SER A 6 2.03 14.62 -5.23
N GLY A 7 1.65 14.10 -6.39
CA GLY A 7 1.42 12.67 -6.52
C GLY A 7 -0.06 12.35 -6.67
N ASN A 8 -0.83 12.55 -5.60
CA ASN A 8 -2.25 12.26 -5.63
C ASN A 8 -3.05 13.51 -5.26
N ILE A 9 -4.36 13.32 -5.06
CA ILE A 9 -5.23 14.43 -4.70
C ILE A 9 -6.62 13.92 -4.31
N MET A 10 -7.19 14.54 -3.27
CA MET A 10 -8.52 14.15 -2.79
C MET A 10 -8.50 12.72 -2.27
N LEU A 11 -9.45 12.41 -1.38
CA LEU A 11 -9.55 11.08 -0.81
C LEU A 11 -10.84 10.93 0.01
N LEU A 12 -10.88 11.62 1.15
CA LEU A 12 -12.05 11.58 2.02
C LEU A 12 -12.35 10.14 2.46
N LYS A 13 -13.38 9.98 3.28
CA LYS A 13 -13.77 8.67 3.77
C LYS A 13 -15.08 8.21 3.14
N LYS A 14 -15.09 6.98 2.62
CA LYS A 14 -16.28 6.44 1.98
C LYS A 14 -16.21 4.91 1.93
N LYS A 15 -15.05 4.39 1.59
CA LYS A 15 -14.85 2.95 1.51
C LYS A 15 -14.15 2.42 2.77
N GLN A 16 -14.80 1.48 3.45
CA GLN A 16 -14.24 0.89 4.66
C GLN A 16 -13.73 -0.52 4.39
N ALA A 17 -12.57 -0.61 3.76
CA ALA A 17 -11.97 -1.90 3.44
C ALA A 17 -10.60 -1.72 2.78
N ARG A 18 -9.58 -2.29 3.41
CA ARG A 18 -8.22 -2.20 2.89
C ARG A 18 -7.50 -3.54 2.98
N CYS A 19 -6.35 -3.64 2.32
CA CYS A 19 -5.58 -4.88 2.33
C CYS A 19 -4.10 -4.58 2.06
N GLN A 20 -3.22 -5.25 2.81
CA GLN A 20 -1.78 -5.05 2.64
C GLN A 20 -1.07 -6.40 2.57
N GLY A 21 0.16 -6.38 2.05
CA GLY A 21 0.93 -7.60 1.95
C GLY A 21 2.35 -7.36 1.46
N VAL A 22 3.10 -8.44 1.24
CA VAL A 22 4.47 -8.33 0.77
C VAL A 22 4.58 -8.70 -0.71
N VAL A 23 5.20 -7.82 -1.49
CA VAL A 23 5.37 -8.05 -2.91
C VAL A 23 6.01 -9.41 -3.18
N CYS A 24 5.19 -10.37 -3.59
CA CYS A 24 5.68 -11.72 -3.87
C CYS A 24 6.30 -11.78 -5.25
N ALA A 25 5.51 -11.47 -6.28
CA ALA A 25 5.98 -11.49 -7.65
C ALA A 25 6.54 -10.13 -8.07
N MET A 26 7.60 -10.16 -8.87
CA MET A 26 8.22 -8.92 -9.33
C MET A 26 8.59 -9.02 -10.81
N LYS A 27 8.02 -8.15 -11.62
CA LYS A 27 8.29 -8.13 -13.05
C LYS A 27 8.54 -6.72 -13.56
N GLU A 28 8.90 -6.60 -14.83
CA GLU A 28 9.15 -5.29 -15.44
C GLU A 28 7.89 -4.73 -16.09
N ALA A 29 6.78 -4.80 -15.38
CA ALA A 29 5.52 -4.30 -15.89
C ALA A 29 4.41 -4.43 -14.85
N PHE A 30 4.36 -5.58 -14.19
CA PHE A 30 3.34 -5.84 -13.17
C PHE A 30 3.84 -6.88 -12.17
N GLY A 31 3.09 -7.05 -11.09
CA GLY A 31 3.46 -8.02 -10.06
C GLY A 31 2.29 -8.42 -9.19
N PHE A 32 2.55 -9.25 -8.20
CA PHE A 32 1.52 -9.72 -7.28
C PHE A 32 1.99 -9.64 -5.83
N ILE A 33 1.05 -9.43 -4.92
CA ILE A 33 1.37 -9.33 -3.50
C ILE A 33 0.66 -10.42 -2.71
N GLU A 34 1.34 -10.94 -1.68
CA GLU A 34 0.78 -11.99 -0.85
C GLU A 34 -0.08 -11.38 0.27
N ARG A 35 -1.34 -11.77 0.32
CA ARG A 35 -2.26 -11.28 1.34
C ARG A 35 -1.68 -11.47 2.74
N GLY A 36 -1.69 -12.71 3.20
CA GLY A 36 -1.16 -13.01 4.53
C GLY A 36 -1.35 -14.46 4.92
N ASP A 37 -0.44 -15.31 4.48
CA ASP A 37 -0.50 -16.74 4.78
C ASP A 37 -1.82 -17.33 4.30
N VAL A 38 -2.41 -16.72 3.28
CA VAL A 38 -3.68 -17.19 2.72
C VAL A 38 -3.57 -17.41 1.21
N VAL A 39 -4.67 -17.81 0.60
CA VAL A 39 -4.71 -18.06 -0.83
C VAL A 39 -5.40 -16.91 -1.56
N LYS A 40 -5.10 -15.68 -1.16
CA LYS A 40 -5.69 -14.51 -1.78
C LYS A 40 -4.60 -13.59 -2.34
N GLU A 41 -4.70 -13.27 -3.63
CA GLU A 41 -3.73 -12.41 -4.28
C GLU A 41 -4.42 -11.38 -5.17
N ILE A 42 -3.68 -10.37 -5.60
CA ILE A 42 -4.23 -9.32 -6.45
C ILE A 42 -3.22 -8.90 -7.53
N PHE A 43 -3.69 -8.17 -8.52
CA PHE A 43 -2.83 -7.71 -9.61
C PHE A 43 -2.68 -6.19 -9.56
N PHE A 44 -1.43 -5.73 -9.51
CA PHE A 44 -1.14 -4.30 -9.46
C PHE A 44 -0.13 -3.91 -10.54
N HIS A 45 -0.41 -2.82 -11.25
CA HIS A 45 0.49 -2.35 -12.30
C HIS A 45 1.47 -1.33 -11.76
N TYR A 46 2.71 -1.38 -12.25
CA TYR A 46 3.75 -0.45 -11.81
C TYR A 46 3.33 0.99 -12.06
N SER A 47 2.45 1.20 -13.04
CA SER A 47 1.98 2.53 -13.38
C SER A 47 1.24 3.15 -12.20
N GLU A 48 0.52 2.32 -11.45
CA GLU A 48 -0.24 2.80 -10.30
C GLU A 48 0.64 2.82 -9.05
N PHE A 49 1.66 1.97 -9.03
CA PHE A 49 2.57 1.88 -7.89
C PHE A 49 3.13 3.27 -7.55
N LYS A 50 3.04 3.62 -6.28
CA LYS A 50 3.53 4.92 -5.81
C LYS A 50 4.65 4.73 -4.79
N GLY A 51 5.86 4.44 -5.28
CA GLY A 51 6.99 4.24 -4.40
C GLY A 51 8.31 4.45 -5.11
N ASP A 52 9.28 3.61 -4.80
CA ASP A 52 10.61 3.70 -5.41
C ASP A 52 10.75 2.70 -6.55
N LEU A 53 10.41 3.13 -7.76
CA LEU A 53 10.50 2.28 -8.94
C LEU A 53 11.94 1.83 -9.18
N GLU A 54 12.90 2.63 -8.71
CA GLU A 54 14.31 2.33 -8.87
C GLU A 54 14.79 1.37 -7.78
N THR A 55 14.32 1.60 -6.56
CA THR A 55 14.69 0.75 -5.43
C THR A 55 13.48 0.05 -4.83
N LEU A 56 13.17 -1.13 -5.36
CA LEU A 56 12.02 -1.89 -4.87
C LEU A 56 12.32 -3.39 -4.90
N GLN A 57 13.05 -3.86 -3.90
CA GLN A 57 13.40 -5.27 -3.81
C GLN A 57 13.88 -5.64 -2.40
N PRO A 58 13.85 -6.94 -2.08
CA PRO A 58 13.41 -7.97 -3.02
C PRO A 58 11.91 -7.91 -3.29
N GLY A 59 11.19 -7.22 -2.41
CA GLY A 59 9.75 -7.09 -2.57
C GLY A 59 9.16 -6.01 -1.69
N ASP A 60 9.56 -6.02 -0.42
CA ASP A 60 9.07 -5.03 0.53
C ASP A 60 7.55 -5.15 0.71
N ASP A 61 7.03 -4.49 1.74
CA ASP A 61 5.60 -4.53 2.02
C ASP A 61 4.88 -3.38 1.32
N VAL A 62 3.61 -3.60 0.98
CA VAL A 62 2.81 -2.58 0.30
C VAL A 62 1.38 -2.60 0.80
N GLU A 63 0.62 -1.55 0.47
CA GLU A 63 -0.78 -1.45 0.88
C GLU A 63 -1.65 -1.03 -0.29
N PHE A 64 -2.91 -1.46 -0.28
CA PHE A 64 -3.85 -1.12 -1.33
C PHE A 64 -5.29 -1.22 -0.84
N THR A 65 -6.23 -0.85 -1.69
CA THR A 65 -7.65 -0.90 -1.35
C THR A 65 -8.47 -1.57 -2.44
N ILE A 66 -9.02 -2.74 -2.13
CA ILE A 66 -9.83 -3.47 -3.09
C ILE A 66 -11.19 -2.82 -3.29
N LYS A 67 -11.47 -2.40 -4.52
CA LYS A 67 -12.74 -1.76 -4.83
C LYS A 67 -13.66 -2.71 -5.59
N ASP A 68 -14.90 -2.30 -5.80
CA ASP A 68 -15.87 -3.11 -6.52
C ASP A 68 -15.66 -3.02 -8.02
N ARG A 69 -14.71 -3.78 -8.53
CA ARG A 69 -14.40 -3.78 -9.96
C ARG A 69 -15.00 -5.02 -10.65
N ASN A 70 -16.07 -4.81 -11.40
CA ASN A 70 -16.72 -5.90 -12.12
C ASN A 70 -15.74 -6.66 -12.99
N GLY A 71 -15.40 -7.87 -12.57
CA GLY A 71 -14.46 -8.68 -13.33
C GLY A 71 -13.37 -9.26 -12.45
N LYS A 72 -12.29 -8.51 -12.27
CA LYS A 72 -11.16 -8.95 -11.45
C LYS A 72 -10.83 -7.93 -10.37
N GLU A 73 -10.18 -8.38 -9.31
CA GLU A 73 -9.80 -7.50 -8.22
C GLU A 73 -8.37 -7.01 -8.38
N VAL A 74 -8.22 -5.71 -8.65
CA VAL A 74 -6.91 -5.11 -8.83
C VAL A 74 -6.67 -4.00 -7.81
N ALA A 75 -5.42 -3.88 -7.35
CA ALA A 75 -5.06 -2.85 -6.39
C ALA A 75 -4.72 -1.53 -7.08
N THR A 76 -5.51 -0.50 -6.80
CA THR A 76 -5.29 0.81 -7.40
C THR A 76 -4.48 1.71 -6.47
N ASP A 77 -3.51 2.41 -7.04
CA ASP A 77 -2.66 3.31 -6.26
C ASP A 77 -2.04 2.59 -5.08
N VAL A 78 -1.04 1.74 -5.36
CA VAL A 78 -0.37 0.99 -4.32
C VAL A 78 0.70 1.84 -3.64
N ARG A 79 0.68 1.86 -2.30
CA ARG A 79 1.64 2.62 -1.52
C ARG A 79 2.50 1.70 -0.67
N LEU A 80 3.82 1.85 -0.81
CA LEU A 80 4.76 1.03 -0.04
C LEU A 80 4.53 1.19 1.45
N LEU A 81 4.56 0.08 2.17
CA LEU A 81 4.37 0.09 3.62
C LEU A 81 5.64 0.51 4.35
N PRO A 82 5.48 0.98 5.59
CA PRO A 82 6.61 1.41 6.42
C PRO A 82 7.50 0.25 6.85
N GLN A 83 8.73 0.56 7.24
CA GLN A 83 9.68 -0.47 7.68
C GLN A 83 9.92 -0.37 9.18
N GLY A 84 10.64 -1.34 9.72
CA GLY A 84 10.93 -1.35 11.15
C GLY A 84 12.34 -0.88 11.45
N THR A 85 13.32 -1.54 10.85
CA THR A 85 14.73 -1.20 11.06
C THR A 85 15.30 -0.48 9.84
N VAL A 86 15.59 0.81 9.99
CA VAL A 86 16.14 1.61 8.91
C VAL A 86 17.29 2.48 9.40
N ILE A 87 18.28 2.69 8.54
CA ILE A 87 19.44 3.50 8.89
C ILE A 87 19.20 4.97 8.53
N PHE A 88 19.69 5.87 9.38
CA PHE A 88 19.53 7.30 9.16
C PHE A 88 20.25 7.73 7.87
N GLU A 89 19.62 8.62 7.12
CA GLU A 89 20.19 9.11 5.87
C GLU A 89 20.78 10.50 6.06
N ASP A 90 21.24 11.09 4.96
CA ASP A 90 21.83 12.43 5.00
C ASP A 90 23.00 12.48 5.97
N ILE A 91 24.02 11.67 5.72
CA ILE A 91 25.20 11.61 6.57
C ILE A 91 25.93 12.96 6.57
N SER A 92 25.86 13.66 5.44
CA SER A 92 26.52 14.96 5.31
C SER A 92 25.78 16.03 6.10
N GLY A 93 26.22 17.27 5.96
CA GLY A 93 25.59 18.36 6.68
C GLY A 93 25.26 19.54 5.76
N PRO A 94 24.74 20.62 6.35
CA PRO A 94 24.37 21.82 5.60
C PRO A 94 25.58 22.58 5.07
N SER A 95 25.57 22.89 3.78
CA SER A 95 26.67 23.60 3.15
C SER A 95 26.16 24.84 2.41
N SER A 96 27.08 25.55 1.76
CA SER A 96 26.73 26.76 1.03
C SER A 96 26.01 26.42 -0.27
N GLY A 97 24.90 27.08 -0.52
CA GLY A 97 24.12 26.84 -1.72
C GLY A 97 23.15 25.70 -1.57
N GLY A 1 -21.64 14.25 -24.59
CA GLY A 1 -20.47 13.51 -25.05
C GLY A 1 -20.33 12.17 -24.36
N SER A 2 -19.19 11.93 -23.73
CA SER A 2 -18.93 10.67 -23.04
C SER A 2 -19.60 10.66 -21.68
N SER A 3 -20.73 9.97 -21.56
CA SER A 3 -21.46 9.88 -20.31
C SER A 3 -20.84 8.82 -19.40
N GLY A 4 -20.43 9.24 -18.20
CA GLY A 4 -19.83 8.31 -17.26
C GLY A 4 -20.87 7.57 -16.44
N SER A 5 -20.44 6.53 -15.74
CA SER A 5 -21.34 5.73 -14.92
C SER A 5 -21.56 6.38 -13.56
N SER A 6 -22.82 6.56 -13.19
CA SER A 6 -23.17 7.18 -11.92
C SER A 6 -24.63 6.94 -11.57
N GLY A 7 -24.88 6.04 -10.64
CA GLY A 7 -26.24 5.73 -10.24
C GLY A 7 -26.40 5.63 -8.74
N ASN A 8 -26.28 6.78 -8.05
CA ASN A 8 -26.41 6.80 -6.60
C ASN A 8 -27.30 7.96 -6.16
N ILE A 9 -27.85 7.84 -4.95
CA ILE A 9 -28.73 8.88 -4.42
C ILE A 9 -28.06 9.63 -3.27
N MET A 10 -27.10 8.98 -2.63
CA MET A 10 -26.38 9.60 -1.52
C MET A 10 -25.05 8.88 -1.27
N LEU A 11 -24.08 9.61 -0.73
CA LEU A 11 -22.76 9.05 -0.44
C LEU A 11 -22.69 8.53 1.00
N LEU A 12 -22.54 7.21 1.13
CA LEU A 12 -22.46 6.59 2.46
C LEU A 12 -21.04 6.14 2.75
N LYS A 13 -20.59 6.37 3.98
CA LYS A 13 -19.25 5.99 4.39
C LYS A 13 -18.19 6.66 3.53
N LYS A 14 -16.92 6.34 3.77
CA LYS A 14 -15.83 6.92 3.01
C LYS A 14 -14.53 6.13 3.25
N LYS A 15 -14.30 5.76 4.49
CA LYS A 15 -13.11 4.99 4.86
C LYS A 15 -13.47 3.74 5.64
N GLN A 16 -13.44 2.60 4.97
CA GLN A 16 -13.77 1.33 5.61
C GLN A 16 -12.52 0.67 6.19
N ALA A 17 -11.69 0.12 5.31
CA ALA A 17 -10.46 -0.53 5.74
C ALA A 17 -9.46 -0.64 4.58
N ARG A 18 -8.28 -1.16 4.87
CA ARG A 18 -7.24 -1.30 3.86
C ARG A 18 -6.62 -2.70 3.91
N CYS A 19 -5.79 -3.01 2.92
CA CYS A 19 -5.14 -4.31 2.85
C CYS A 19 -3.70 -4.17 2.35
N GLN A 20 -2.78 -4.86 3.03
CA GLN A 20 -1.38 -4.80 2.66
C GLN A 20 -0.78 -6.21 2.59
N GLY A 21 0.40 -6.31 1.98
CA GLY A 21 1.05 -7.60 1.86
C GLY A 21 2.52 -7.48 1.50
N VAL A 22 3.00 -8.37 0.65
CA VAL A 22 4.40 -8.36 0.22
C VAL A 22 4.53 -8.72 -1.25
N VAL A 23 5.33 -7.95 -1.97
CA VAL A 23 5.55 -8.18 -3.39
C VAL A 23 6.18 -9.55 -3.63
N CYS A 24 5.35 -10.51 -4.05
CA CYS A 24 5.84 -11.87 -4.31
C CYS A 24 6.26 -12.01 -5.77
N ALA A 25 5.66 -11.21 -6.64
CA ALA A 25 5.98 -11.25 -8.07
C ALA A 25 6.83 -10.05 -8.47
N MET A 26 8.02 -10.33 -9.01
CA MET A 26 8.93 -9.27 -9.45
C MET A 26 8.98 -9.20 -10.97
N LYS A 27 8.50 -8.10 -11.53
CA LYS A 27 8.51 -7.91 -12.97
C LYS A 27 8.75 -6.45 -13.33
N GLU A 28 8.89 -6.17 -14.62
CA GLU A 28 9.12 -4.81 -15.09
C GLU A 28 7.88 -4.25 -15.77
N ALA A 29 6.73 -4.42 -15.13
CA ALA A 29 5.47 -3.93 -15.67
C ALA A 29 4.33 -4.13 -14.68
N PHE A 30 4.29 -5.31 -14.05
CA PHE A 30 3.26 -5.63 -13.08
C PHE A 30 3.74 -6.68 -12.09
N GLY A 31 2.96 -6.92 -11.04
CA GLY A 31 3.33 -7.90 -10.05
C GLY A 31 2.16 -8.27 -9.15
N PHE A 32 2.45 -9.04 -8.10
CA PHE A 32 1.42 -9.47 -7.16
C PHE A 32 1.84 -9.20 -5.72
N ILE A 33 0.87 -9.19 -4.82
CA ILE A 33 1.15 -8.94 -3.40
C ILE A 33 0.53 -10.02 -2.52
N GLU A 34 1.36 -10.71 -1.76
CA GLU A 34 0.90 -11.77 -0.87
C GLU A 34 0.16 -11.18 0.33
N ARG A 35 -1.16 -11.33 0.35
CA ARG A 35 -1.97 -10.82 1.44
C ARG A 35 -1.48 -11.34 2.78
N GLY A 36 -1.26 -12.65 2.86
CA GLY A 36 -0.78 -13.25 4.09
C GLY A 36 -1.91 -13.71 4.99
N ASP A 37 -2.68 -12.75 5.50
CA ASP A 37 -3.81 -13.08 6.37
C ASP A 37 -4.79 -14.02 5.68
N VAL A 38 -5.08 -13.75 4.42
CA VAL A 38 -5.99 -14.58 3.64
C VAL A 38 -5.27 -15.25 2.48
N VAL A 39 -6.02 -16.07 1.73
CA VAL A 39 -5.45 -16.78 0.59
C VAL A 39 -5.93 -16.19 -0.72
N LYS A 40 -6.09 -14.87 -0.75
CA LYS A 40 -6.55 -14.17 -1.94
C LYS A 40 -5.49 -13.20 -2.45
N GLU A 41 -5.13 -13.32 -3.72
CA GLU A 41 -4.12 -12.46 -4.32
C GLU A 41 -4.78 -11.44 -5.25
N ILE A 42 -4.00 -10.46 -5.69
CA ILE A 42 -4.49 -9.42 -6.59
C ILE A 42 -3.43 -9.01 -7.60
N PHE A 43 -3.85 -8.29 -8.64
CA PHE A 43 -2.94 -7.84 -9.67
C PHE A 43 -2.86 -6.31 -9.70
N PHE A 44 -1.65 -5.79 -9.64
CA PHE A 44 -1.43 -4.34 -9.65
C PHE A 44 -0.41 -3.96 -10.72
N HIS A 45 -0.54 -2.74 -11.25
CA HIS A 45 0.37 -2.25 -12.28
C HIS A 45 1.34 -1.22 -11.70
N TYR A 46 2.61 -1.37 -12.02
CA TYR A 46 3.64 -0.46 -11.53
C TYR A 46 3.26 0.99 -11.83
N SER A 47 2.52 1.19 -12.92
CA SER A 47 2.10 2.52 -13.32
C SER A 47 1.31 3.21 -12.20
N GLU A 48 0.57 2.41 -11.43
CA GLU A 48 -0.21 2.94 -10.33
C GLU A 48 0.62 3.03 -9.05
N PHE A 49 1.63 2.17 -8.95
CA PHE A 49 2.49 2.16 -7.78
C PHE A 49 3.10 3.54 -7.53
N LYS A 50 2.98 4.01 -6.29
CA LYS A 50 3.51 5.31 -5.92
C LYS A 50 4.64 5.17 -4.90
N GLY A 51 5.83 4.87 -5.39
CA GLY A 51 6.98 4.71 -4.50
C GLY A 51 8.30 4.85 -5.23
N ASP A 52 9.25 3.99 -4.88
CA ASP A 52 10.57 4.01 -5.52
C ASP A 52 10.77 2.80 -6.40
N LEU A 53 10.49 2.95 -7.69
CA LEU A 53 10.65 1.85 -8.64
C LEU A 53 12.11 1.51 -8.84
N GLU A 54 12.99 2.41 -8.42
CA GLU A 54 14.43 2.19 -8.54
C GLU A 54 14.93 1.21 -7.49
N THR A 55 14.37 1.29 -6.30
CA THR A 55 14.76 0.41 -5.20
C THR A 55 13.55 -0.27 -4.58
N LEU A 56 13.17 -1.42 -5.14
CA LEU A 56 12.02 -2.17 -4.64
C LEU A 56 12.27 -3.67 -4.77
N GLN A 57 12.86 -4.26 -3.74
CA GLN A 57 13.14 -5.69 -3.73
C GLN A 57 13.80 -6.11 -2.43
N PRO A 58 13.73 -7.42 -2.11
CA PRO A 58 13.05 -8.40 -2.97
C PRO A 58 11.53 -8.21 -2.98
N GLY A 59 10.98 -7.81 -1.84
CA GLY A 59 9.55 -7.61 -1.74
C GLY A 59 9.17 -6.73 -0.56
N ASP A 60 9.41 -5.43 -0.69
CA ASP A 60 9.09 -4.48 0.37
C ASP A 60 7.59 -4.42 0.61
N ASP A 61 7.21 -4.23 1.87
CA ASP A 61 5.80 -4.15 2.24
C ASP A 61 5.10 -3.04 1.47
N VAL A 62 3.93 -3.35 0.92
CA VAL A 62 3.15 -2.39 0.16
C VAL A 62 1.67 -2.42 0.56
N GLU A 63 0.99 -1.30 0.37
CA GLU A 63 -0.42 -1.20 0.70
C GLU A 63 -1.27 -1.06 -0.55
N PHE A 64 -2.47 -1.65 -0.53
CA PHE A 64 -3.37 -1.58 -1.66
C PHE A 64 -4.83 -1.62 -1.21
N THR A 65 -5.74 -1.29 -2.11
CA THR A 65 -7.16 -1.28 -1.79
C THR A 65 -7.93 -2.24 -2.71
N ILE A 66 -8.94 -2.89 -2.15
CA ILE A 66 -9.76 -3.83 -2.91
C ILE A 66 -11.10 -3.22 -3.28
N LYS A 67 -11.35 -3.08 -4.58
CA LYS A 67 -12.61 -2.50 -5.06
C LYS A 67 -13.71 -3.57 -5.09
N ASP A 68 -14.86 -3.19 -5.64
CA ASP A 68 -15.99 -4.11 -5.74
C ASP A 68 -16.20 -4.56 -7.18
N ARG A 69 -15.12 -5.04 -7.81
CA ARG A 69 -15.19 -5.50 -9.18
C ARG A 69 -15.77 -6.91 -9.25
N ASN A 70 -16.89 -7.04 -9.96
CA ASN A 70 -17.56 -8.33 -10.10
C ASN A 70 -16.74 -9.26 -11.00
N GLY A 71 -16.14 -10.28 -10.39
CA GLY A 71 -15.34 -11.23 -11.15
C GLY A 71 -13.97 -11.45 -10.54
N LYS A 72 -13.10 -10.45 -10.66
CA LYS A 72 -11.76 -10.55 -10.11
C LYS A 72 -11.48 -9.39 -9.15
N GLU A 73 -10.35 -9.46 -8.45
CA GLU A 73 -9.97 -8.42 -7.50
C GLU A 73 -8.56 -7.91 -7.80
N VAL A 74 -8.48 -6.64 -8.21
CA VAL A 74 -7.20 -6.03 -8.53
C VAL A 74 -6.89 -4.88 -7.58
N ALA A 75 -5.60 -4.63 -7.36
CA ALA A 75 -5.17 -3.57 -6.46
C ALA A 75 -4.99 -2.26 -7.22
N THR A 76 -5.53 -1.18 -6.67
CA THR A 76 -5.44 0.14 -7.29
C THR A 76 -4.76 1.14 -6.36
N ASP A 77 -3.93 2.00 -6.95
CA ASP A 77 -3.22 3.01 -6.16
C ASP A 77 -2.40 2.37 -5.06
N VAL A 78 -1.36 1.64 -5.46
CA VAL A 78 -0.48 0.97 -4.49
C VAL A 78 0.55 1.93 -3.93
N ARG A 79 0.77 1.86 -2.63
CA ARG A 79 1.74 2.73 -1.96
C ARG A 79 2.61 1.94 -1.00
N LEU A 80 3.92 2.13 -1.09
CA LEU A 80 4.86 1.42 -0.22
C LEU A 80 4.51 1.63 1.25
N LEU A 81 4.79 0.64 2.07
CA LEU A 81 4.49 0.71 3.50
C LEU A 81 5.69 1.27 4.26
N PRO A 82 5.43 1.79 5.47
CA PRO A 82 6.47 2.36 6.33
C PRO A 82 7.42 1.30 6.88
N GLN A 83 8.55 1.74 7.42
CA GLN A 83 9.54 0.82 7.99
C GLN A 83 10.25 1.46 9.18
N GLY A 84 9.87 1.04 10.39
CA GLY A 84 10.47 1.58 11.59
C GLY A 84 10.32 3.08 11.69
N THR A 85 9.10 3.56 11.51
CA THR A 85 8.82 5.00 11.58
C THR A 85 9.55 5.75 10.47
N VAL A 86 8.80 6.21 9.48
CA VAL A 86 9.38 6.95 8.36
C VAL A 86 9.49 8.44 8.70
N ILE A 87 10.53 9.09 8.17
CA ILE A 87 10.75 10.50 8.41
C ILE A 87 10.16 11.35 7.29
N PHE A 88 9.59 12.49 7.66
CA PHE A 88 8.98 13.39 6.68
C PHE A 88 10.03 14.30 6.06
N GLU A 89 9.71 14.84 4.88
CA GLU A 89 10.63 15.73 4.18
C GLU A 89 10.21 17.18 4.34
N ASP A 90 10.88 18.07 3.63
CA ASP A 90 10.58 19.50 3.68
C ASP A 90 10.82 20.05 5.09
N ILE A 91 11.95 19.69 5.67
CA ILE A 91 12.30 20.15 7.01
C ILE A 91 13.74 20.66 7.06
N SER A 92 14.11 21.45 6.05
CA SER A 92 15.46 22.01 5.97
C SER A 92 15.48 23.25 5.10
N GLY A 93 16.67 23.81 4.91
CA GLY A 93 16.81 24.99 4.09
C GLY A 93 16.44 26.26 4.84
N PRO A 94 16.51 27.41 4.14
CA PRO A 94 16.18 28.72 4.72
C PRO A 94 14.70 28.87 5.00
N SER A 95 14.36 29.76 5.92
CA SER A 95 12.97 30.00 6.29
C SER A 95 12.57 31.44 6.00
N SER A 96 11.74 31.63 4.97
CA SER A 96 11.28 32.96 4.59
C SER A 96 10.23 32.88 3.48
N GLY A 97 9.14 33.62 3.66
CA GLY A 97 8.07 33.60 2.67
C GLY A 97 6.90 32.75 3.09
N GLY A 1 -25.86 -3.70 -5.34
CA GLY A 1 -25.84 -2.48 -6.12
C GLY A 1 -25.97 -1.23 -5.26
N SER A 2 -25.05 -0.29 -5.47
CA SER A 2 -25.05 0.96 -4.70
C SER A 2 -25.07 2.16 -5.63
N SER A 3 -25.99 3.10 -5.36
CA SER A 3 -26.11 4.30 -6.17
C SER A 3 -25.65 5.53 -5.39
N GLY A 4 -24.65 6.22 -5.94
CA GLY A 4 -24.13 7.41 -5.29
C GLY A 4 -22.71 7.71 -5.70
N SER A 5 -22.38 8.99 -5.84
CA SER A 5 -21.05 9.42 -6.23
C SER A 5 -20.43 10.32 -5.17
N SER A 6 -19.15 10.63 -5.34
CA SER A 6 -18.43 11.48 -4.40
C SER A 6 -19.09 12.86 -4.31
N GLY A 7 -18.89 13.67 -5.35
CA GLY A 7 -19.46 15.00 -5.38
C GLY A 7 -18.48 16.05 -4.90
N ASN A 8 -18.08 15.96 -3.64
CA ASN A 8 -17.14 16.92 -3.06
C ASN A 8 -15.83 16.92 -3.82
N ILE A 9 -14.96 17.87 -3.50
CA ILE A 9 -13.65 17.98 -4.14
C ILE A 9 -12.65 17.02 -3.53
N MET A 10 -12.89 16.65 -2.27
CA MET A 10 -12.01 15.74 -1.56
C MET A 10 -12.79 14.87 -0.58
N LEU A 11 -12.31 13.65 -0.35
CA LEU A 11 -12.97 12.73 0.56
C LEU A 11 -11.95 12.03 1.45
N LEU A 12 -11.50 12.71 2.50
CA LEU A 12 -10.53 12.16 3.43
C LEU A 12 -11.05 10.86 4.05
N LYS A 13 -10.18 10.18 4.79
CA LYS A 13 -10.54 8.92 5.43
C LYS A 13 -9.45 8.46 6.40
N LYS A 14 -9.84 7.70 7.41
CA LYS A 14 -8.89 7.19 8.39
C LYS A 14 -8.74 5.68 8.26
N LYS A 15 -7.71 5.14 8.90
CA LYS A 15 -7.45 3.71 8.86
C LYS A 15 -8.68 2.93 9.26
N GLN A 16 -9.17 2.09 8.35
CA GLN A 16 -10.35 1.28 8.61
C GLN A 16 -10.42 0.10 7.65
N ALA A 17 -10.53 0.40 6.36
CA ALA A 17 -10.61 -0.64 5.34
C ALA A 17 -9.39 -0.60 4.42
N ARG A 18 -8.52 -1.60 4.54
CA ARG A 18 -7.32 -1.67 3.72
C ARG A 18 -6.68 -3.05 3.82
N CYS A 19 -5.84 -3.39 2.84
CA CYS A 19 -5.17 -4.67 2.81
C CYS A 19 -3.72 -4.52 2.34
N GLN A 20 -2.80 -5.08 3.11
CA GLN A 20 -1.38 -5.00 2.77
C GLN A 20 -0.76 -6.39 2.73
N GLY A 21 0.43 -6.47 2.14
CA GLY A 21 1.12 -7.75 2.04
C GLY A 21 2.58 -7.60 1.69
N VAL A 22 3.06 -8.46 0.79
CA VAL A 22 4.46 -8.41 0.36
C VAL A 22 4.60 -8.76 -1.11
N VAL A 23 5.35 -7.95 -1.83
CA VAL A 23 5.57 -8.17 -3.26
C VAL A 23 6.20 -9.53 -3.52
N CYS A 24 5.39 -10.49 -3.94
CA CYS A 24 5.88 -11.83 -4.22
C CYS A 24 6.33 -11.96 -5.68
N ALA A 25 5.68 -11.20 -6.55
CA ALA A 25 6.01 -11.22 -7.97
C ALA A 25 6.86 -10.01 -8.36
N MET A 26 7.98 -10.28 -9.03
CA MET A 26 8.87 -9.21 -9.46
C MET A 26 8.95 -9.14 -10.99
N LYS A 27 8.41 -8.08 -11.56
CA LYS A 27 8.42 -7.90 -13.00
C LYS A 27 8.65 -6.43 -13.36
N GLU A 28 8.89 -6.18 -14.66
CA GLU A 28 9.13 -4.82 -15.12
C GLU A 28 7.88 -4.25 -15.79
N ALA A 29 6.72 -4.56 -15.23
CA ALA A 29 5.45 -4.08 -15.76
C ALA A 29 4.33 -4.21 -14.73
N PHE A 30 4.29 -5.36 -14.06
CA PHE A 30 3.27 -5.61 -13.05
C PHE A 30 3.75 -6.63 -12.04
N GLY A 31 2.98 -6.81 -10.96
CA GLY A 31 3.35 -7.76 -9.92
C GLY A 31 2.19 -8.10 -9.01
N PHE A 32 2.44 -8.96 -8.03
CA PHE A 32 1.42 -9.37 -7.09
C PHE A 32 1.83 -9.08 -5.66
N ILE A 33 0.91 -9.29 -4.72
CA ILE A 33 1.18 -9.04 -3.31
C ILE A 33 0.62 -10.16 -2.44
N GLU A 34 1.49 -10.83 -1.69
CA GLU A 34 1.08 -11.92 -0.82
C GLU A 34 0.23 -11.40 0.34
N ARG A 35 -1.08 -11.53 0.22
CA ARG A 35 -1.99 -11.06 1.25
C ARG A 35 -1.60 -11.62 2.62
N GLY A 36 -2.02 -10.94 3.67
CA GLY A 36 -1.71 -11.39 5.02
C GLY A 36 -2.92 -11.47 5.91
N ASP A 37 -3.69 -10.37 5.96
CA ASP A 37 -4.89 -10.32 6.79
C ASP A 37 -6.01 -11.17 6.17
N VAL A 38 -5.96 -11.31 4.85
CA VAL A 38 -6.97 -12.10 4.14
C VAL A 38 -6.33 -13.24 3.36
N VAL A 39 -7.15 -13.96 2.59
CA VAL A 39 -6.66 -15.08 1.80
C VAL A 39 -7.01 -14.90 0.32
N LYS A 40 -6.86 -13.67 -0.16
CA LYS A 40 -7.15 -13.36 -1.56
C LYS A 40 -6.04 -12.51 -2.17
N GLU A 41 -5.57 -12.92 -3.35
CA GLU A 41 -4.50 -12.20 -4.03
C GLU A 41 -5.08 -11.16 -4.98
N ILE A 42 -4.23 -10.24 -5.42
CA ILE A 42 -4.66 -9.18 -6.34
C ILE A 42 -3.57 -8.85 -7.35
N PHE A 43 -3.94 -8.11 -8.38
CA PHE A 43 -2.99 -7.74 -9.43
C PHE A 43 -2.88 -6.22 -9.54
N PHE A 44 -1.69 -5.70 -9.25
CA PHE A 44 -1.45 -4.27 -9.32
C PHE A 44 -0.46 -3.93 -10.42
N HIS A 45 -0.68 -2.79 -11.07
CA HIS A 45 0.19 -2.34 -12.16
C HIS A 45 1.18 -1.30 -11.67
N TYR A 46 2.44 -1.43 -12.09
CA TYR A 46 3.48 -0.50 -11.69
C TYR A 46 3.06 0.94 -11.95
N SER A 47 2.32 1.14 -13.04
CA SER A 47 1.85 2.48 -13.41
C SER A 47 1.09 3.13 -12.26
N GLU A 48 0.48 2.30 -11.43
CA GLU A 48 -0.28 2.79 -10.28
C GLU A 48 0.60 2.87 -9.04
N PHE A 49 1.63 2.04 -8.99
CA PHE A 49 2.55 2.01 -7.86
C PHE A 49 3.07 3.42 -7.56
N LYS A 50 2.96 3.82 -6.29
CA LYS A 50 3.42 5.14 -5.86
C LYS A 50 4.56 5.02 -4.87
N GLY A 51 5.77 4.79 -5.37
CA GLY A 51 6.93 4.66 -4.51
C GLY A 51 8.23 4.81 -5.26
N ASP A 52 9.25 4.07 -4.83
CA ASP A 52 10.56 4.14 -5.46
C ASP A 52 10.77 2.93 -6.38
N LEU A 53 10.45 3.10 -7.65
CA LEU A 53 10.61 2.02 -8.63
C LEU A 53 12.08 1.70 -8.86
N GLU A 54 12.95 2.60 -8.42
CA GLU A 54 14.39 2.42 -8.57
C GLU A 54 14.92 1.42 -7.55
N THR A 55 14.37 1.46 -6.33
CA THR A 55 14.79 0.57 -5.26
C THR A 55 13.59 -0.14 -4.66
N LEU A 56 13.23 -1.29 -5.23
CA LEU A 56 12.11 -2.07 -4.73
C LEU A 56 12.37 -3.57 -4.88
N GLN A 57 12.95 -4.16 -3.85
CA GLN A 57 13.27 -5.59 -3.85
C GLN A 57 13.91 -6.01 -2.55
N PRO A 58 13.86 -7.32 -2.25
CA PRO A 58 13.22 -8.30 -3.14
C PRO A 58 11.70 -8.14 -3.17
N GLY A 59 11.13 -7.74 -2.03
CA GLY A 59 9.69 -7.56 -1.95
C GLY A 59 9.28 -6.70 -0.76
N ASP A 60 9.56 -5.41 -0.84
CA ASP A 60 9.21 -4.49 0.23
C ASP A 60 7.70 -4.48 0.49
N ASP A 61 7.32 -4.37 1.75
CA ASP A 61 5.91 -4.35 2.12
C ASP A 61 5.17 -3.23 1.41
N VAL A 62 3.97 -3.52 0.94
CA VAL A 62 3.16 -2.53 0.23
C VAL A 62 1.69 -2.64 0.63
N GLU A 63 0.94 -1.58 0.35
CA GLU A 63 -0.49 -1.55 0.68
C GLU A 63 -1.33 -1.41 -0.57
N PHE A 64 -2.59 -1.84 -0.50
CA PHE A 64 -3.50 -1.75 -1.63
C PHE A 64 -4.95 -1.85 -1.17
N THR A 65 -5.88 -1.49 -2.05
CA THR A 65 -7.30 -1.54 -1.74
C THR A 65 -8.09 -2.20 -2.86
N ILE A 66 -8.64 -3.37 -2.58
CA ILE A 66 -9.43 -4.10 -3.57
C ILE A 66 -10.80 -3.47 -3.75
N LYS A 67 -11.13 -3.13 -4.99
CA LYS A 67 -12.42 -2.51 -5.31
C LYS A 67 -13.35 -3.53 -5.95
N ASP A 68 -14.52 -3.06 -6.37
CA ASP A 68 -15.52 -3.94 -7.01
C ASP A 68 -15.29 -4.01 -8.51
N ARG A 69 -14.87 -5.18 -8.98
CA ARG A 69 -14.61 -5.38 -10.40
C ARG A 69 -15.08 -6.77 -10.85
N ASN A 70 -16.09 -6.80 -11.71
CA ASN A 70 -16.63 -8.06 -12.21
C ASN A 70 -15.62 -8.76 -13.11
N GLY A 71 -15.01 -9.83 -12.59
CA GLY A 71 -14.03 -10.57 -13.36
C GLY A 71 -12.82 -10.95 -12.54
N LYS A 72 -11.84 -10.05 -12.46
CA LYS A 72 -10.62 -10.30 -11.70
C LYS A 72 -10.40 -9.20 -10.66
N GLU A 73 -9.54 -9.49 -9.68
CA GLU A 73 -9.24 -8.53 -8.63
C GLU A 73 -7.91 -7.83 -8.90
N VAL A 74 -7.96 -6.51 -9.09
CA VAL A 74 -6.77 -5.73 -9.35
C VAL A 74 -6.60 -4.62 -8.33
N ALA A 75 -5.38 -4.47 -7.82
CA ALA A 75 -5.10 -3.43 -6.83
C ALA A 75 -4.67 -2.13 -7.49
N THR A 76 -5.36 -1.05 -7.13
CA THR A 76 -5.05 0.26 -7.70
C THR A 76 -4.52 1.22 -6.64
N ASP A 77 -3.63 2.12 -7.04
CA ASP A 77 -3.04 3.08 -6.13
C ASP A 77 -2.26 2.38 -5.02
N VAL A 78 -1.19 1.70 -5.40
CA VAL A 78 -0.36 0.98 -4.43
C VAL A 78 0.62 1.93 -3.75
N ARG A 79 0.76 1.77 -2.44
CA ARG A 79 1.67 2.61 -1.66
C ARG A 79 2.54 1.76 -0.75
N LEU A 80 3.86 1.95 -0.85
CA LEU A 80 4.81 1.21 -0.03
C LEU A 80 4.49 1.37 1.45
N LEU A 81 4.81 0.34 2.23
CA LEU A 81 4.57 0.36 3.67
C LEU A 81 5.79 0.88 4.42
N PRO A 82 5.57 1.35 5.65
CA PRO A 82 6.64 1.88 6.51
C PRO A 82 7.59 0.79 6.99
N GLN A 83 8.68 1.20 7.61
CA GLN A 83 9.68 0.26 8.12
C GLN A 83 10.28 -0.56 6.99
N GLY A 84 10.48 0.08 5.84
CA GLY A 84 11.06 -0.60 4.70
C GLY A 84 12.56 -0.72 4.79
N THR A 85 13.04 -1.36 5.85
CA THR A 85 14.48 -1.53 6.05
C THR A 85 15.18 -0.20 6.24
N VAL A 86 16.41 -0.24 6.74
CA VAL A 86 17.18 0.97 6.96
C VAL A 86 18.40 1.02 6.05
N ILE A 87 18.77 2.23 5.64
CA ILE A 87 19.93 2.42 4.76
C ILE A 87 21.21 2.56 5.56
N PHE A 88 22.28 1.96 5.06
CA PHE A 88 23.58 2.02 5.72
C PHE A 88 24.12 3.44 5.73
N GLU A 89 24.67 3.85 6.88
CA GLU A 89 25.22 5.20 7.01
C GLU A 89 26.34 5.22 8.05
N ASP A 90 27.24 6.18 7.92
CA ASP A 90 28.36 6.32 8.85
C ASP A 90 29.12 5.00 8.97
N ILE A 91 29.44 4.39 7.83
CA ILE A 91 30.16 3.13 7.81
C ILE A 91 31.64 3.35 8.04
N SER A 92 32.23 4.25 7.26
CA SER A 92 33.66 4.55 7.39
C SER A 92 34.49 3.29 7.21
N GLY A 93 35.80 3.40 7.47
CA GLY A 93 36.69 2.26 7.34
C GLY A 93 36.69 1.39 8.57
N PRO A 94 37.56 0.37 8.58
CA PRO A 94 37.68 -0.56 9.69
C PRO A 94 38.29 0.09 10.93
N SER A 95 38.04 -0.49 12.10
CA SER A 95 38.57 0.03 13.35
C SER A 95 38.55 -1.04 14.43
N SER A 96 39.33 -0.81 15.50
CA SER A 96 39.41 -1.75 16.60
C SER A 96 39.49 -1.02 17.94
N GLY A 97 39.19 -1.74 19.01
CA GLY A 97 39.22 -1.14 20.34
C GLY A 97 38.36 0.10 20.44
N GLY A 1 -31.93 20.76 39.16
CA GLY A 1 -30.56 20.46 38.79
C GLY A 1 -30.39 20.25 37.31
N SER A 2 -29.46 20.99 36.71
CA SER A 2 -29.19 20.88 35.28
C SER A 2 -28.02 21.77 34.88
N SER A 3 -26.98 21.14 34.35
CA SER A 3 -25.77 21.85 33.93
C SER A 3 -25.52 21.66 32.44
N GLY A 4 -24.99 22.69 31.80
CA GLY A 4 -24.71 22.62 30.37
C GLY A 4 -23.61 21.62 30.04
N SER A 5 -23.90 20.71 29.12
CA SER A 5 -22.92 19.71 28.73
C SER A 5 -22.62 19.79 27.24
N SER A 6 -22.42 21.00 26.75
CA SER A 6 -22.13 21.23 25.34
C SER A 6 -20.68 20.87 25.02
N GLY A 7 -20.45 19.62 24.63
CA GLY A 7 -19.12 19.17 24.30
C GLY A 7 -19.09 18.24 23.11
N ASN A 8 -19.80 18.62 22.05
CA ASN A 8 -19.86 17.80 20.84
C ASN A 8 -20.46 16.43 21.13
N ILE A 9 -20.58 15.61 20.10
CA ILE A 9 -21.13 14.26 20.25
C ILE A 9 -20.85 13.41 19.01
N MET A 10 -20.60 12.13 19.24
CA MET A 10 -20.31 11.20 18.15
C MET A 10 -19.06 11.63 17.40
N LEU A 11 -18.62 10.78 16.47
CA LEU A 11 -17.43 11.07 15.68
C LEU A 11 -17.60 10.59 14.25
N LEU A 12 -17.11 11.37 13.30
CA LEU A 12 -17.21 11.03 11.89
C LEU A 12 -16.06 10.13 11.46
N LYS A 13 -16.34 9.18 10.58
CA LYS A 13 -15.32 8.26 10.09
C LYS A 13 -14.66 7.52 11.24
N LYS A 14 -15.33 6.50 11.75
CA LYS A 14 -14.81 5.71 12.86
C LYS A 14 -14.35 4.33 12.38
N LYS A 15 -15.14 3.72 11.51
CA LYS A 15 -14.82 2.41 10.96
C LYS A 15 -13.93 2.53 9.72
N GLN A 16 -12.99 1.61 9.59
CA GLN A 16 -12.08 1.62 8.45
C GLN A 16 -11.48 0.23 8.23
N ALA A 17 -10.79 0.06 7.10
CA ALA A 17 -10.16 -1.20 6.77
C ALA A 17 -9.31 -1.09 5.52
N ARG A 18 -8.46 -2.09 5.29
CA ARG A 18 -7.57 -2.09 4.13
C ARG A 18 -7.00 -3.49 3.87
N CYS A 19 -6.04 -3.57 2.97
CA CYS A 19 -5.42 -4.84 2.64
C CYS A 19 -3.99 -4.64 2.14
N GLN A 20 -3.03 -5.26 2.82
CA GLN A 20 -1.63 -5.13 2.46
C GLN A 20 -0.91 -6.47 2.58
N GLY A 21 0.28 -6.57 1.99
CA GLY A 21 1.04 -7.80 2.06
C GLY A 21 2.49 -7.60 1.67
N VAL A 22 3.06 -8.59 0.98
CA VAL A 22 4.45 -8.51 0.54
C VAL A 22 4.57 -8.83 -0.94
N VAL A 23 5.26 -7.96 -1.67
CA VAL A 23 5.46 -8.14 -3.11
C VAL A 23 6.02 -9.53 -3.40
N CYS A 24 5.16 -10.42 -3.90
CA CYS A 24 5.57 -11.77 -4.23
C CYS A 24 6.20 -11.84 -5.62
N ALA A 25 5.49 -11.30 -6.61
CA ALA A 25 5.97 -11.28 -7.99
C ALA A 25 6.70 -9.99 -8.29
N MET A 26 7.78 -10.10 -9.06
CA MET A 26 8.57 -8.93 -9.43
C MET A 26 8.89 -8.95 -10.93
N LYS A 27 8.28 -8.02 -11.67
CA LYS A 27 8.49 -7.93 -13.11
C LYS A 27 8.77 -6.49 -13.52
N GLU A 28 9.10 -6.30 -14.80
CA GLU A 28 9.41 -4.97 -15.32
C GLU A 28 8.16 -4.33 -15.92
N ALA A 29 7.04 -4.44 -15.22
CA ALA A 29 5.78 -3.88 -15.70
C ALA A 29 4.69 -4.01 -14.63
N PHE A 30 4.62 -5.17 -14.00
CA PHE A 30 3.61 -5.42 -12.97
C PHE A 30 4.10 -6.50 -12.01
N GLY A 31 3.36 -6.68 -10.91
CA GLY A 31 3.72 -7.68 -9.92
C GLY A 31 2.52 -8.17 -9.13
N PHE A 32 2.79 -8.91 -8.06
CA PHE A 32 1.73 -9.44 -7.21
C PHE A 32 2.01 -9.16 -5.74
N ILE A 33 1.06 -9.52 -4.88
CA ILE A 33 1.22 -9.31 -3.45
C ILE A 33 0.71 -10.50 -2.65
N GLU A 34 1.57 -11.03 -1.78
CA GLU A 34 1.21 -12.19 -0.96
C GLU A 34 0.33 -11.76 0.21
N ARG A 35 -0.75 -12.51 0.43
CA ARG A 35 -1.68 -12.22 1.52
C ARG A 35 -0.99 -12.34 2.87
N GLY A 36 -1.58 -11.75 3.89
CA GLY A 36 -1.01 -11.81 5.22
C GLY A 36 -2.03 -12.21 6.27
N ASP A 37 -3.13 -11.47 6.35
CA ASP A 37 -4.17 -11.76 7.32
C ASP A 37 -5.29 -12.60 6.69
N VAL A 38 -5.50 -12.41 5.39
CA VAL A 38 -6.52 -13.15 4.67
C VAL A 38 -5.90 -14.19 3.74
N VAL A 39 -6.74 -14.85 2.96
CA VAL A 39 -6.28 -15.89 2.04
C VAL A 39 -6.65 -15.53 0.59
N LYS A 40 -6.44 -14.27 0.24
CA LYS A 40 -6.74 -13.80 -1.11
C LYS A 40 -5.64 -12.88 -1.64
N GLU A 41 -5.38 -12.96 -2.93
CA GLU A 41 -4.36 -12.13 -3.55
C GLU A 41 -4.96 -11.21 -4.61
N ILE A 42 -4.17 -10.24 -5.06
CA ILE A 42 -4.63 -9.29 -6.07
C ILE A 42 -3.50 -8.93 -7.03
N PHE A 43 -3.86 -8.30 -8.14
CA PHE A 43 -2.88 -7.88 -9.13
C PHE A 43 -2.83 -6.37 -9.26
N PHE A 44 -1.63 -5.81 -9.11
CA PHE A 44 -1.43 -4.37 -9.19
C PHE A 44 -0.44 -4.02 -10.30
N HIS A 45 -0.61 -2.83 -10.89
CA HIS A 45 0.27 -2.37 -11.95
C HIS A 45 1.19 -1.27 -11.46
N TYR A 46 2.47 -1.38 -11.81
CA TYR A 46 3.47 -0.40 -11.40
C TYR A 46 3.03 1.02 -11.80
N SER A 47 2.25 1.11 -12.88
CA SER A 47 1.78 2.39 -13.36
C SER A 47 1.09 3.18 -12.26
N GLU A 48 0.32 2.47 -11.43
CA GLU A 48 -0.38 3.11 -10.32
C GLU A 48 0.49 3.15 -9.08
N PHE A 49 1.43 2.22 -8.99
CA PHE A 49 2.33 2.16 -7.83
C PHE A 49 3.00 3.52 -7.59
N LYS A 50 2.82 4.05 -6.39
CA LYS A 50 3.39 5.34 -6.03
C LYS A 50 4.54 5.16 -5.04
N GLY A 51 5.71 4.79 -5.56
CA GLY A 51 6.87 4.59 -4.71
C GLY A 51 8.18 4.74 -5.47
N ASP A 52 9.20 4.02 -5.03
CA ASP A 52 10.51 4.08 -5.67
C ASP A 52 10.75 2.84 -6.52
N LEU A 53 10.41 2.92 -7.80
CA LEU A 53 10.59 1.80 -8.72
C LEU A 53 12.07 1.52 -8.95
N GLU A 54 12.92 2.48 -8.57
CA GLU A 54 14.36 2.34 -8.74
C GLU A 54 14.94 1.40 -7.68
N THR A 55 14.40 1.50 -6.46
CA THR A 55 14.87 0.68 -5.36
C THR A 55 13.71 -0.05 -4.68
N LEU A 56 13.38 -1.24 -5.19
CA LEU A 56 12.29 -2.03 -4.64
C LEU A 56 12.61 -3.52 -4.71
N GLN A 57 13.21 -4.04 -3.65
CA GLN A 57 13.57 -5.45 -3.58
C GLN A 57 13.98 -5.85 -2.16
N PRO A 58 13.95 -7.16 -1.89
CA PRO A 58 13.56 -8.17 -2.88
C PRO A 58 12.07 -8.11 -3.20
N GLY A 59 11.31 -7.43 -2.35
CA GLY A 59 9.88 -7.31 -2.56
C GLY A 59 9.25 -6.24 -1.69
N ASP A 60 9.59 -6.25 -0.41
CA ASP A 60 9.06 -5.27 0.54
C ASP A 60 7.54 -5.39 0.62
N ASP A 61 6.96 -4.68 1.60
CA ASP A 61 5.51 -4.70 1.79
C ASP A 61 4.84 -3.56 1.04
N VAL A 62 3.61 -3.79 0.60
CA VAL A 62 2.86 -2.78 -0.14
C VAL A 62 1.40 -2.74 0.31
N GLU A 63 0.80 -1.55 0.24
CA GLU A 63 -0.60 -1.38 0.64
C GLU A 63 -1.49 -1.17 -0.57
N PHE A 64 -2.71 -1.69 -0.50
CA PHE A 64 -3.65 -1.56 -1.60
C PHE A 64 -5.09 -1.60 -1.08
N THR A 65 -6.03 -1.15 -1.90
CA THR A 65 -7.44 -1.12 -1.53
C THR A 65 -8.31 -1.69 -2.64
N ILE A 66 -8.67 -2.96 -2.52
CA ILE A 66 -9.51 -3.60 -3.52
C ILE A 66 -10.83 -2.87 -3.70
N LYS A 67 -11.22 -2.65 -4.96
CA LYS A 67 -12.45 -1.96 -5.27
C LYS A 67 -13.37 -2.83 -6.13
N ASP A 68 -14.56 -2.32 -6.43
CA ASP A 68 -15.52 -3.06 -7.24
C ASP A 68 -15.06 -3.13 -8.68
N ARG A 69 -14.81 -4.35 -9.15
CA ARG A 69 -14.36 -4.58 -10.52
C ARG A 69 -14.84 -5.93 -11.04
N ASN A 70 -15.81 -5.89 -11.95
CA ASN A 70 -16.36 -7.11 -12.53
C ASN A 70 -15.32 -7.81 -13.41
N GLY A 71 -15.18 -9.12 -13.23
CA GLY A 71 -14.23 -9.88 -14.01
C GLY A 71 -13.03 -10.32 -13.19
N LYS A 72 -12.09 -9.39 -12.98
CA LYS A 72 -10.89 -9.68 -12.21
C LYS A 72 -10.69 -8.66 -11.09
N GLU A 73 -9.89 -9.02 -10.10
CA GLU A 73 -9.61 -8.13 -8.98
C GLU A 73 -8.21 -7.54 -9.08
N VAL A 74 -8.13 -6.23 -9.24
CA VAL A 74 -6.85 -5.53 -9.35
C VAL A 74 -6.74 -4.42 -8.32
N ALA A 75 -5.54 -4.25 -7.77
CA ALA A 75 -5.30 -3.22 -6.77
C ALA A 75 -4.83 -1.92 -7.43
N THR A 76 -5.48 -0.82 -7.06
CA THR A 76 -5.14 0.49 -7.61
C THR A 76 -4.53 1.39 -6.55
N ASP A 77 -3.75 2.36 -7.00
CA ASP A 77 -3.10 3.31 -6.08
C ASP A 77 -2.32 2.55 -5.00
N VAL A 78 -1.36 1.75 -5.42
CA VAL A 78 -0.55 0.98 -4.48
C VAL A 78 0.58 1.84 -3.89
N ARG A 79 0.76 1.74 -2.59
CA ARG A 79 1.80 2.50 -1.90
C ARG A 79 2.65 1.59 -1.01
N LEU A 80 3.97 1.69 -1.17
CA LEU A 80 4.89 0.88 -0.39
C LEU A 80 4.62 1.04 1.11
N LEU A 81 4.96 0.01 1.87
CA LEU A 81 4.76 0.04 3.32
C LEU A 81 6.07 0.29 4.06
N PRO A 82 5.97 0.76 5.30
CA PRO A 82 7.15 1.05 6.14
C PRO A 82 7.88 -0.21 6.56
N GLN A 83 9.03 -0.04 7.20
CA GLN A 83 9.83 -1.17 7.66
C GLN A 83 10.31 -2.01 6.49
N GLY A 84 11.27 -1.50 5.74
CA GLY A 84 11.80 -2.23 4.60
C GLY A 84 13.05 -3.02 4.94
N THR A 85 14.06 -2.91 4.08
CA THR A 85 15.31 -3.63 4.30
C THR A 85 16.48 -2.65 4.47
N VAL A 86 17.44 -3.04 5.30
CA VAL A 86 18.61 -2.20 5.56
C VAL A 86 19.80 -2.66 4.74
N ILE A 87 20.63 -1.70 4.33
CA ILE A 87 21.81 -2.00 3.52
C ILE A 87 23.04 -2.22 4.42
N PHE A 88 23.92 -3.11 3.99
CA PHE A 88 25.13 -3.42 4.74
C PHE A 88 25.97 -2.16 4.95
N GLU A 89 26.62 -2.06 6.12
CA GLU A 89 27.45 -0.91 6.43
C GLU A 89 28.87 -1.35 6.80
N ASP A 90 29.83 -0.51 6.50
CA ASP A 90 31.23 -0.80 6.81
C ASP A 90 31.79 0.18 7.83
N ILE A 91 31.20 0.17 9.03
CA ILE A 91 31.63 1.06 10.10
C ILE A 91 31.49 0.39 11.46
N SER A 92 32.57 -0.21 11.95
CA SER A 92 32.56 -0.89 13.24
C SER A 92 32.39 0.12 14.37
N GLY A 93 31.69 -0.30 15.43
CA GLY A 93 31.47 0.58 16.56
C GLY A 93 31.69 -0.13 17.89
N PRO A 94 31.26 0.52 18.98
CA PRO A 94 31.41 -0.04 20.33
C PRO A 94 30.49 -1.22 20.57
N SER A 95 30.89 -2.11 21.47
CA SER A 95 30.09 -3.30 21.78
C SER A 95 29.00 -2.96 22.78
N SER A 96 27.75 -3.20 22.40
CA SER A 96 26.61 -2.92 23.26
C SER A 96 25.99 -4.22 23.78
N GLY A 97 25.68 -4.25 25.07
CA GLY A 97 25.09 -5.43 25.67
C GLY A 97 23.57 -5.37 25.68
N GLY A 1 -22.75 36.77 22.05
CA GLY A 1 -21.45 36.83 22.69
C GLY A 1 -21.34 35.91 23.88
N SER A 2 -21.57 34.61 23.64
CA SER A 2 -21.50 33.63 24.70
C SER A 2 -21.06 32.27 24.16
N SER A 3 -19.79 32.16 23.82
CA SER A 3 -19.25 30.91 23.27
C SER A 3 -17.80 30.72 23.70
N GLY A 4 -17.25 29.55 23.38
CA GLY A 4 -15.87 29.26 23.75
C GLY A 4 -15.58 27.77 23.75
N SER A 5 -14.71 27.34 22.84
CA SER A 5 -14.34 25.93 22.73
C SER A 5 -13.03 25.77 21.99
N SER A 6 -11.93 25.71 22.73
CA SER A 6 -10.61 25.55 22.15
C SER A 6 -10.29 24.08 21.89
N GLY A 7 -9.65 23.81 20.76
CA GLY A 7 -9.31 22.45 20.41
C GLY A 7 -8.66 22.34 19.04
N ASN A 8 -7.33 22.45 19.00
CA ASN A 8 -6.60 22.36 17.74
C ASN A 8 -5.13 22.06 18.00
N ILE A 9 -4.85 21.37 19.10
CA ILE A 9 -3.48 21.01 19.45
C ILE A 9 -3.17 19.57 19.06
N MET A 10 -4.22 18.75 18.96
CA MET A 10 -4.05 17.35 18.58
C MET A 10 -5.03 16.96 17.48
N LEU A 11 -4.75 15.86 16.80
CA LEU A 11 -5.63 15.37 15.73
C LEU A 11 -5.44 13.88 15.51
N LEU A 12 -6.53 13.20 15.23
CA LEU A 12 -6.50 11.75 15.00
C LEU A 12 -6.87 11.43 13.55
N LYS A 13 -6.67 10.17 13.16
CA LYS A 13 -6.99 9.73 11.81
C LYS A 13 -8.02 8.60 11.84
N LYS A 14 -9.14 8.81 11.17
CA LYS A 14 -10.20 7.81 11.11
C LYS A 14 -9.89 6.74 10.06
N LYS A 15 -9.83 5.49 10.51
CA LYS A 15 -9.55 4.38 9.61
C LYS A 15 -10.49 3.22 9.87
N GLN A 16 -10.35 2.15 9.08
CA GLN A 16 -11.20 0.97 9.23
C GLN A 16 -10.37 -0.30 9.17
N ALA A 17 -9.92 -0.66 7.96
CA ALA A 17 -9.11 -1.85 7.77
C ALA A 17 -8.69 -2.01 6.31
N ARG A 18 -7.49 -1.55 6.00
CA ARG A 18 -6.97 -1.63 4.63
C ARG A 18 -6.41 -3.02 4.35
N CYS A 19 -5.74 -3.16 3.21
CA CYS A 19 -5.16 -4.43 2.82
C CYS A 19 -3.71 -4.26 2.36
N GLN A 20 -2.81 -5.01 2.98
CA GLN A 20 -1.39 -4.93 2.64
C GLN A 20 -0.78 -6.32 2.54
N GLY A 21 0.43 -6.40 1.97
CA GLY A 21 1.09 -7.67 1.83
C GLY A 21 2.56 -7.52 1.47
N VAL A 22 3.08 -8.48 0.72
CA VAL A 22 4.48 -8.46 0.31
C VAL A 22 4.63 -8.78 -1.18
N VAL A 23 5.41 -7.97 -1.88
CA VAL A 23 5.62 -8.17 -3.32
C VAL A 23 6.23 -9.55 -3.58
N CYS A 24 5.38 -10.47 -4.03
CA CYS A 24 5.83 -11.83 -4.33
C CYS A 24 6.42 -11.91 -5.73
N ALA A 25 5.66 -11.43 -6.72
CA ALA A 25 6.12 -11.44 -8.10
C ALA A 25 6.93 -10.19 -8.44
N MET A 26 8.06 -10.38 -9.09
CA MET A 26 8.92 -9.27 -9.47
C MET A 26 9.06 -9.18 -10.98
N LYS A 27 8.48 -8.14 -11.57
CA LYS A 27 8.54 -7.95 -13.02
C LYS A 27 8.79 -6.47 -13.35
N GLU A 28 8.98 -6.19 -14.64
CA GLU A 28 9.22 -4.82 -15.08
C GLU A 28 7.98 -4.24 -15.76
N ALA A 29 6.82 -4.52 -15.19
CA ALA A 29 5.56 -4.03 -15.72
C ALA A 29 4.42 -4.22 -14.73
N PHE A 30 4.33 -5.42 -14.17
CA PHE A 30 3.28 -5.74 -13.20
C PHE A 30 3.73 -6.86 -12.26
N GLY A 31 2.94 -7.09 -11.21
CA GLY A 31 3.28 -8.13 -10.26
C GLY A 31 2.14 -8.42 -9.30
N PHE A 32 2.36 -9.35 -8.37
CA PHE A 32 1.34 -9.71 -7.40
C PHE A 32 1.83 -9.46 -5.97
N ILE A 33 0.95 -9.68 -5.00
CA ILE A 33 1.30 -9.47 -3.61
C ILE A 33 0.81 -10.64 -2.75
N GLU A 34 1.71 -11.19 -1.95
CA GLU A 34 1.38 -12.31 -1.08
C GLU A 34 0.54 -11.84 0.11
N ARG A 35 -0.57 -12.54 0.35
CA ARG A 35 -1.47 -12.19 1.45
C ARG A 35 -0.73 -12.27 2.79
N GLY A 36 -1.26 -11.58 3.80
CA GLY A 36 -0.65 -11.59 5.11
C GLY A 36 -1.64 -11.91 6.21
N ASP A 37 -2.76 -12.53 5.84
CA ASP A 37 -3.79 -12.88 6.80
C ASP A 37 -4.95 -13.61 6.11
N VAL A 38 -5.25 -13.20 4.88
CA VAL A 38 -6.33 -13.82 4.12
C VAL A 38 -5.78 -14.69 3.00
N VAL A 39 -6.68 -15.27 2.21
CA VAL A 39 -6.29 -16.13 1.10
C VAL A 39 -6.77 -15.57 -0.23
N LYS A 40 -6.62 -14.26 -0.40
CA LYS A 40 -7.04 -13.59 -1.62
C LYS A 40 -5.90 -12.77 -2.21
N GLU A 41 -5.56 -13.05 -3.47
CA GLU A 41 -4.49 -12.34 -4.14
C GLU A 41 -5.05 -11.26 -5.08
N ILE A 42 -4.19 -10.36 -5.53
CA ILE A 42 -4.60 -9.28 -6.42
C ILE A 42 -3.51 -8.98 -7.45
N PHE A 43 -3.88 -8.22 -8.48
CA PHE A 43 -2.93 -7.85 -9.53
C PHE A 43 -2.79 -6.34 -9.63
N PHE A 44 -1.59 -5.84 -9.34
CA PHE A 44 -1.32 -4.41 -9.40
C PHE A 44 -0.30 -4.09 -10.48
N HIS A 45 -0.40 -2.88 -11.04
CA HIS A 45 0.51 -2.45 -12.10
C HIS A 45 1.47 -1.38 -11.58
N TYR A 46 2.74 -1.52 -11.90
CA TYR A 46 3.76 -0.57 -11.48
C TYR A 46 3.35 0.85 -11.84
N SER A 47 2.60 0.99 -12.92
CA SER A 47 2.15 2.29 -13.38
C SER A 47 1.34 3.00 -12.30
N GLU A 48 0.61 2.22 -11.51
CA GLU A 48 -0.22 2.76 -10.44
C GLU A 48 0.58 2.87 -9.15
N PHE A 49 1.59 2.03 -9.01
CA PHE A 49 2.43 2.02 -7.81
C PHE A 49 3.02 3.41 -7.56
N LYS A 50 2.75 3.95 -6.37
CA LYS A 50 3.24 5.28 -6.00
C LYS A 50 4.35 5.17 -4.96
N GLY A 51 5.56 4.87 -5.41
CA GLY A 51 6.68 4.75 -4.50
C GLY A 51 8.02 4.94 -5.20
N ASP A 52 8.94 4.03 -4.94
CA ASP A 52 10.27 4.11 -5.54
C ASP A 52 10.54 2.90 -6.44
N LEU A 53 10.22 3.03 -7.72
CA LEU A 53 10.42 1.94 -8.68
C LEU A 53 11.91 1.67 -8.89
N GLU A 54 12.74 2.61 -8.46
CA GLU A 54 14.19 2.47 -8.60
C GLU A 54 14.74 1.51 -7.56
N THR A 55 14.18 1.56 -6.35
CA THR A 55 14.63 0.71 -5.26
C THR A 55 13.45 -0.04 -4.63
N LEU A 56 13.13 -1.19 -5.18
CA LEU A 56 12.02 -2.00 -4.67
C LEU A 56 12.34 -3.49 -4.78
N GLN A 57 12.93 -4.05 -3.73
CA GLN A 57 13.29 -5.46 -3.71
C GLN A 57 13.93 -5.84 -2.39
N PRO A 58 13.91 -7.14 -2.07
CA PRO A 58 13.30 -8.16 -2.93
C PRO A 58 11.79 -8.05 -2.98
N GLY A 59 11.19 -7.69 -1.85
CA GLY A 59 9.74 -7.56 -1.79
C GLY A 59 9.29 -6.70 -0.62
N ASP A 60 9.57 -5.41 -0.70
CA ASP A 60 9.19 -4.48 0.36
C ASP A 60 7.68 -4.49 0.58
N ASP A 61 7.26 -4.36 1.83
CA ASP A 61 5.84 -4.35 2.16
C ASP A 61 5.12 -3.22 1.42
N VAL A 62 3.90 -3.51 0.96
CA VAL A 62 3.10 -2.53 0.25
C VAL A 62 1.63 -2.59 0.66
N GLU A 63 0.90 -1.52 0.40
CA GLU A 63 -0.51 -1.46 0.74
C GLU A 63 -1.37 -1.21 -0.49
N PHE A 64 -2.65 -1.54 -0.41
CA PHE A 64 -3.56 -1.36 -1.52
C PHE A 64 -5.02 -1.39 -1.04
N THR A 65 -5.92 -0.88 -1.88
CA THR A 65 -7.33 -0.84 -1.54
C THR A 65 -8.17 -1.55 -2.60
N ILE A 66 -8.85 -2.62 -2.20
CA ILE A 66 -9.69 -3.38 -3.11
C ILE A 66 -10.96 -2.62 -3.46
N LYS A 67 -11.23 -2.49 -4.76
CA LYS A 67 -12.42 -1.78 -5.23
C LYS A 67 -13.48 -2.77 -5.71
N ASP A 68 -14.61 -2.24 -6.16
CA ASP A 68 -15.71 -3.06 -6.65
C ASP A 68 -15.58 -3.29 -8.15
N ARG A 69 -14.54 -4.01 -8.55
CA ARG A 69 -14.30 -4.31 -9.96
C ARG A 69 -15.15 -5.50 -10.42
N ASN A 70 -15.72 -5.39 -11.61
CA ASN A 70 -16.55 -6.45 -12.16
C ASN A 70 -15.70 -7.45 -12.94
N GLY A 71 -15.65 -8.68 -12.45
CA GLY A 71 -14.88 -9.72 -13.12
C GLY A 71 -13.67 -10.15 -12.30
N LYS A 72 -12.63 -9.32 -12.31
CA LYS A 72 -11.41 -9.62 -11.58
C LYS A 72 -11.08 -8.51 -10.58
N GLU A 73 -10.50 -8.88 -9.46
CA GLU A 73 -10.13 -7.91 -8.43
C GLU A 73 -8.69 -7.45 -8.60
N VAL A 74 -8.50 -6.17 -8.92
CA VAL A 74 -7.17 -5.61 -9.10
C VAL A 74 -6.91 -4.50 -8.10
N ALA A 75 -5.68 -4.45 -7.60
CA ALA A 75 -5.28 -3.43 -6.63
C ALA A 75 -4.82 -2.16 -7.33
N THR A 76 -5.40 -1.03 -6.92
CA THR A 76 -5.05 0.25 -7.52
C THR A 76 -4.48 1.20 -6.47
N ASP A 77 -3.61 2.11 -6.91
CA ASP A 77 -2.99 3.07 -6.00
C ASP A 77 -2.21 2.37 -4.91
N VAL A 78 -1.14 1.68 -5.29
CA VAL A 78 -0.30 0.96 -4.34
C VAL A 78 0.69 1.90 -3.66
N ARG A 79 0.79 1.79 -2.34
CA ARG A 79 1.70 2.62 -1.57
C ARG A 79 2.60 1.77 -0.68
N LEU A 80 3.91 1.99 -0.79
CA LEU A 80 4.88 1.23 0.00
C LEU A 80 4.60 1.40 1.49
N LEU A 81 4.82 0.33 2.25
CA LEU A 81 4.61 0.37 3.69
C LEU A 81 5.86 0.82 4.42
N PRO A 82 5.69 1.30 5.66
CA PRO A 82 6.79 1.77 6.50
C PRO A 82 7.70 0.63 6.96
N GLN A 83 8.65 0.95 7.84
CA GLN A 83 9.57 -0.05 8.36
C GLN A 83 10.37 -0.70 7.22
N GLY A 84 11.36 0.03 6.72
CA GLY A 84 12.18 -0.50 5.64
C GLY A 84 13.55 0.15 5.58
N THR A 85 14.54 -0.58 5.07
CA THR A 85 15.90 -0.08 4.97
C THR A 85 15.94 1.20 4.13
N VAL A 86 16.20 2.32 4.79
CA VAL A 86 16.28 3.61 4.11
C VAL A 86 17.63 3.80 3.43
N ILE A 87 17.64 4.50 2.31
CA ILE A 87 18.88 4.75 1.57
C ILE A 87 19.41 6.14 1.84
N PHE A 88 20.73 6.27 1.88
CA PHE A 88 21.36 7.56 2.13
C PHE A 88 20.99 8.58 1.06
N GLU A 89 21.45 9.82 1.23
CA GLU A 89 21.16 10.88 0.27
C GLU A 89 19.66 11.16 0.21
N ASP A 90 18.94 10.68 1.21
CA ASP A 90 17.49 10.89 1.28
C ASP A 90 17.02 11.01 2.72
N ILE A 91 17.26 12.18 3.32
CA ILE A 91 16.87 12.43 4.69
C ILE A 91 16.21 13.80 4.84
N SER A 92 15.34 14.13 3.89
CA SER A 92 14.65 15.41 3.91
C SER A 92 13.49 15.43 2.93
N GLY A 93 12.53 14.53 3.15
CA GLY A 93 11.37 14.44 2.26
C GLY A 93 10.19 15.23 2.79
N PRO A 94 9.05 15.13 2.07
CA PRO A 94 7.82 15.83 2.45
C PRO A 94 7.20 15.26 3.73
N SER A 95 6.91 16.15 4.68
CA SER A 95 6.32 15.73 5.94
C SER A 95 4.80 15.61 5.82
N SER A 96 4.21 16.53 5.08
CA SER A 96 2.75 16.54 4.88
C SER A 96 2.41 17.00 3.46
N GLY A 97 3.03 18.09 3.03
CA GLY A 97 2.76 18.62 1.71
C GLY A 97 4.03 19.08 1.02
N GLY A 1 5.44 30.93 -13.73
CA GLY A 1 4.61 31.82 -14.52
C GLY A 1 3.13 31.57 -14.32
N SER A 2 2.60 30.57 -15.02
CA SER A 2 1.19 30.24 -14.92
C SER A 2 0.80 29.92 -13.48
N SER A 3 -0.48 30.10 -13.17
CA SER A 3 -0.98 29.84 -11.82
C SER A 3 -1.57 28.45 -11.73
N GLY A 4 -1.19 27.71 -10.68
CA GLY A 4 -1.71 26.36 -10.50
C GLY A 4 -3.11 26.35 -9.93
N SER A 5 -4.06 25.81 -10.70
CA SER A 5 -5.45 25.75 -10.26
C SER A 5 -5.66 24.61 -9.28
N SER A 6 -6.87 24.49 -8.75
CA SER A 6 -7.20 23.44 -7.79
C SER A 6 -8.62 22.93 -8.02
N GLY A 7 -9.60 23.77 -7.70
CA GLY A 7 -10.99 23.39 -7.87
C GLY A 7 -11.57 22.74 -6.62
N ASN A 8 -10.81 21.83 -6.02
CA ASN A 8 -11.26 21.14 -4.82
C ASN A 8 -10.80 21.88 -3.57
N ILE A 9 -11.73 22.15 -2.66
CA ILE A 9 -11.43 22.84 -1.42
C ILE A 9 -11.30 21.86 -0.26
N MET A 10 -11.96 20.71 -0.39
CA MET A 10 -11.91 19.69 0.66
C MET A 10 -11.52 18.34 0.07
N LEU A 11 -10.98 17.47 0.91
CA LEU A 11 -10.57 16.14 0.48
C LEU A 11 -10.88 15.10 1.56
N LEU A 12 -11.81 14.21 1.26
CA LEU A 12 -12.20 13.16 2.19
C LEU A 12 -10.98 12.39 2.68
N LYS A 13 -10.97 12.07 3.96
CA LYS A 13 -9.86 11.33 4.55
C LYS A 13 -10.35 10.00 5.14
N LYS A 14 -9.41 9.23 5.71
CA LYS A 14 -9.75 7.94 6.30
C LYS A 14 -10.40 7.03 5.28
N LYS A 15 -10.83 5.85 5.73
CA LYS A 15 -11.48 4.89 4.85
C LYS A 15 -12.04 3.71 5.66
N GLN A 16 -12.53 2.70 4.95
CA GLN A 16 -13.09 1.52 5.60
C GLN A 16 -12.14 0.33 5.49
N ALA A 17 -11.15 0.29 6.39
CA ALA A 17 -10.18 -0.79 6.39
C ALA A 17 -9.35 -0.80 5.10
N ARG A 18 -8.19 -1.45 5.15
CA ARG A 18 -7.31 -1.52 3.99
C ARG A 18 -6.74 -2.92 3.82
N CYS A 19 -5.95 -3.12 2.78
CA CYS A 19 -5.35 -4.42 2.51
C CYS A 19 -3.89 -4.26 2.07
N GLN A 20 -3.01 -5.05 2.69
CA GLN A 20 -1.59 -4.99 2.37
C GLN A 20 -0.99 -6.40 2.33
N GLY A 21 0.21 -6.50 1.77
CA GLY A 21 0.88 -7.78 1.68
C GLY A 21 2.38 -7.65 1.49
N VAL A 22 2.93 -8.49 0.61
CA VAL A 22 4.36 -8.46 0.34
C VAL A 22 4.64 -8.73 -1.14
N VAL A 23 5.47 -7.87 -1.75
CA VAL A 23 5.81 -8.01 -3.16
C VAL A 23 6.56 -9.32 -3.40
N CYS A 24 5.87 -10.30 -3.98
CA CYS A 24 6.46 -11.59 -4.27
C CYS A 24 6.82 -11.70 -5.75
N ALA A 25 6.11 -10.96 -6.59
CA ALA A 25 6.34 -10.97 -8.02
C ALA A 25 7.07 -9.70 -8.47
N MET A 26 8.01 -9.86 -9.39
CA MET A 26 8.78 -8.73 -9.91
C MET A 26 8.84 -8.76 -11.43
N LYS A 27 8.35 -7.70 -12.06
CA LYS A 27 8.35 -7.60 -13.51
C LYS A 27 8.57 -6.16 -13.96
N GLU A 28 8.69 -5.96 -15.28
CA GLU A 28 8.90 -4.63 -15.83
C GLU A 28 7.61 -4.08 -16.42
N ALA A 29 6.48 -4.41 -15.78
CA ALA A 29 5.19 -3.94 -16.24
C ALA A 29 4.14 -4.05 -15.14
N PHE A 30 4.03 -5.24 -14.55
CA PHE A 30 3.07 -5.47 -13.48
C PHE A 30 3.53 -6.63 -12.58
N GLY A 31 2.85 -6.79 -11.45
CA GLY A 31 3.20 -7.86 -10.53
C GLY A 31 2.04 -8.23 -9.62
N PHE A 32 2.34 -9.02 -8.59
CA PHE A 32 1.32 -9.46 -7.64
C PHE A 32 1.83 -9.37 -6.22
N ILE A 33 0.90 -9.25 -5.26
CA ILE A 33 1.25 -9.16 -3.85
C ILE A 33 0.63 -10.29 -3.05
N GLU A 34 1.38 -10.82 -2.09
CA GLU A 34 0.90 -11.91 -1.25
C GLU A 34 0.51 -11.40 0.13
N ARG A 35 -0.71 -11.73 0.55
CA ARG A 35 -1.20 -11.30 1.86
C ARG A 35 -0.27 -11.77 2.97
N GLY A 36 -0.54 -11.31 4.18
CA GLY A 36 0.27 -11.70 5.32
C GLY A 36 -0.45 -12.65 6.26
N ASP A 37 -1.67 -12.29 6.63
CA ASP A 37 -2.47 -13.12 7.54
C ASP A 37 -3.15 -14.24 6.78
N VAL A 38 -3.55 -13.95 5.54
CA VAL A 38 -4.23 -14.94 4.70
C VAL A 38 -3.40 -15.27 3.47
N VAL A 39 -3.94 -16.14 2.61
CA VAL A 39 -3.26 -16.53 1.39
C VAL A 39 -3.94 -15.94 0.17
N LYS A 40 -4.40 -14.71 0.28
CA LYS A 40 -5.07 -14.03 -0.82
C LYS A 40 -4.12 -13.09 -1.54
N GLU A 41 -4.24 -13.03 -2.86
CA GLU A 41 -3.39 -12.16 -3.67
C GLU A 41 -4.23 -11.32 -4.64
N ILE A 42 -3.62 -10.29 -5.19
CA ILE A 42 -4.31 -9.41 -6.14
C ILE A 42 -3.36 -8.94 -7.23
N PHE A 43 -3.93 -8.35 -8.29
CA PHE A 43 -3.13 -7.86 -9.41
C PHE A 43 -3.05 -6.34 -9.38
N PHE A 44 -1.83 -5.82 -9.47
CA PHE A 44 -1.60 -4.38 -9.45
C PHE A 44 -0.64 -3.96 -10.56
N HIS A 45 -0.72 -2.70 -10.95
CA HIS A 45 0.14 -2.17 -12.00
C HIS A 45 1.17 -1.20 -11.43
N TYR A 46 2.44 -1.41 -11.77
CA TYR A 46 3.52 -0.56 -11.30
C TYR A 46 3.24 0.91 -11.62
N SER A 47 2.49 1.14 -12.70
CA SER A 47 2.16 2.49 -13.13
C SER A 47 1.46 3.26 -12.00
N GLU A 48 0.65 2.55 -11.22
CA GLU A 48 -0.08 3.17 -10.13
C GLU A 48 0.75 3.15 -8.85
N PHE A 49 1.67 2.19 -8.75
CA PHE A 49 2.53 2.07 -7.58
C PHE A 49 3.24 3.38 -7.30
N LYS A 50 3.07 3.89 -6.08
CA LYS A 50 3.70 5.15 -5.67
C LYS A 50 4.83 4.89 -4.68
N GLY A 51 6.01 4.56 -5.20
CA GLY A 51 7.15 4.29 -4.35
C GLY A 51 8.45 4.27 -5.12
N ASP A 52 9.35 3.36 -4.73
CA ASP A 52 10.64 3.23 -5.39
C ASP A 52 10.67 2.01 -6.32
N LEU A 53 10.31 2.22 -7.57
CA LEU A 53 10.28 1.14 -8.56
C LEU A 53 11.69 0.63 -8.83
N GLU A 54 12.68 1.50 -8.63
CA GLU A 54 14.08 1.14 -8.85
C GLU A 54 14.62 0.31 -7.70
N THR A 55 14.21 0.65 -6.48
CA THR A 55 14.65 -0.05 -5.29
C THR A 55 13.47 -0.51 -4.44
N LEU A 56 12.97 -1.70 -4.72
CA LEU A 56 11.84 -2.25 -3.99
C LEU A 56 12.18 -3.61 -3.39
N GLN A 57 12.95 -4.39 -4.15
CA GLN A 57 13.36 -5.72 -3.69
C GLN A 57 13.94 -5.66 -2.28
N PRO A 58 13.91 -6.80 -1.58
CA PRO A 58 13.36 -8.05 -2.12
C PRO A 58 11.85 -7.99 -2.27
N GLY A 59 11.17 -7.55 -1.22
CA GLY A 59 9.73 -7.45 -1.25
C GLY A 59 9.17 -6.52 -0.18
N ASP A 60 9.54 -5.25 -0.27
CA ASP A 60 9.08 -4.26 0.70
C ASP A 60 7.55 -4.28 0.81
N ASP A 61 7.06 -4.30 2.04
CA ASP A 61 5.63 -4.31 2.29
C ASP A 61 4.94 -3.18 1.54
N VAL A 62 3.78 -3.49 0.95
CA VAL A 62 3.02 -2.49 0.20
C VAL A 62 1.53 -2.59 0.54
N GLU A 63 0.82 -1.47 0.38
CA GLU A 63 -0.60 -1.43 0.67
C GLU A 63 -1.40 -1.05 -0.59
N PHE A 64 -2.62 -1.56 -0.68
CA PHE A 64 -3.48 -1.27 -1.83
C PHE A 64 -4.93 -1.22 -1.42
N THR A 65 -5.80 -0.80 -2.33
CA THR A 65 -7.22 -0.71 -2.07
C THR A 65 -8.03 -1.47 -3.11
N ILE A 66 -8.84 -2.41 -2.66
CA ILE A 66 -9.67 -3.21 -3.56
C ILE A 66 -11.00 -2.51 -3.84
N LYS A 67 -11.46 -2.61 -5.08
CA LYS A 67 -12.72 -2.00 -5.49
C LYS A 67 -13.67 -3.04 -6.05
N ASP A 68 -14.86 -2.59 -6.47
CA ASP A 68 -15.86 -3.48 -7.04
C ASP A 68 -15.55 -3.79 -8.50
N ARG A 69 -15.36 -5.07 -8.80
CA ARG A 69 -15.05 -5.50 -10.16
C ARG A 69 -15.64 -6.88 -10.44
N ASN A 70 -16.43 -6.98 -11.51
CA ASN A 70 -17.06 -8.24 -11.89
C ASN A 70 -16.07 -9.13 -12.63
N GLY A 71 -15.61 -10.18 -11.94
CA GLY A 71 -14.66 -11.11 -12.56
C GLY A 71 -13.48 -11.38 -11.66
N LYS A 72 -12.51 -10.46 -11.65
CA LYS A 72 -11.32 -10.62 -10.82
C LYS A 72 -11.09 -9.38 -9.96
N GLU A 73 -10.48 -9.58 -8.80
CA GLU A 73 -10.20 -8.49 -7.88
C GLU A 73 -8.81 -7.91 -8.13
N VAL A 74 -8.77 -6.68 -8.62
CA VAL A 74 -7.50 -6.01 -8.90
C VAL A 74 -7.29 -4.83 -7.96
N ALA A 75 -6.02 -4.57 -7.63
CA ALA A 75 -5.68 -3.47 -6.73
C ALA A 75 -5.30 -2.22 -7.54
N THR A 76 -5.59 -1.05 -6.97
CA THR A 76 -5.29 0.22 -7.62
C THR A 76 -4.65 1.20 -6.65
N ASP A 77 -3.80 2.06 -7.18
CA ASP A 77 -3.12 3.07 -6.35
C ASP A 77 -2.39 2.40 -5.18
N VAL A 78 -1.30 1.71 -5.49
CA VAL A 78 -0.51 1.02 -4.47
C VAL A 78 0.44 1.99 -3.78
N ARG A 79 0.55 1.86 -2.46
CA ARG A 79 1.44 2.72 -1.68
C ARG A 79 2.33 1.89 -0.76
N LEU A 80 3.63 2.15 -0.84
CA LEU A 80 4.60 1.42 -0.01
C LEU A 80 4.24 1.53 1.47
N LEU A 81 4.55 0.49 2.23
CA LEU A 81 4.26 0.48 3.66
C LEU A 81 5.47 0.94 4.46
N PRO A 82 5.23 1.38 5.70
CA PRO A 82 6.29 1.86 6.60
C PRO A 82 7.20 0.73 7.07
N GLN A 83 8.26 1.09 7.79
CA GLN A 83 9.20 0.11 8.31
C GLN A 83 9.86 -0.66 7.17
N GLY A 84 11.06 -0.24 6.78
CA GLY A 84 11.77 -0.89 5.70
C GLY A 84 12.36 0.09 4.70
N THR A 85 13.28 0.92 5.18
CA THR A 85 13.92 1.92 4.34
C THR A 85 15.13 2.53 5.03
N VAL A 86 16.00 3.17 4.25
CA VAL A 86 17.20 3.80 4.79
C VAL A 86 17.21 5.29 4.48
N ILE A 87 17.76 6.08 5.40
CA ILE A 87 17.85 7.51 5.22
C ILE A 87 19.12 7.91 4.49
N PHE A 88 19.01 8.90 3.61
CA PHE A 88 20.15 9.38 2.83
C PHE A 88 20.84 10.54 3.54
N GLU A 89 22.16 10.63 3.36
CA GLU A 89 22.94 11.69 3.98
C GLU A 89 22.58 13.05 3.38
N ASP A 90 23.22 14.10 3.90
CA ASP A 90 22.97 15.45 3.42
C ASP A 90 24.05 15.89 2.44
N ILE A 91 24.35 15.02 1.47
CA ILE A 91 25.36 15.32 0.47
C ILE A 91 24.72 15.57 -0.90
N SER A 92 23.49 16.07 -0.89
CA SER A 92 22.77 16.35 -2.13
C SER A 92 23.51 17.38 -2.97
N GLY A 93 23.43 17.24 -4.29
CA GLY A 93 24.10 18.17 -5.18
C GLY A 93 24.08 17.71 -6.62
N PRO A 94 22.89 17.74 -7.24
CA PRO A 94 22.71 17.33 -8.64
C PRO A 94 23.38 18.29 -9.62
N SER A 95 24.55 17.91 -10.10
CA SER A 95 25.29 18.75 -11.04
C SER A 95 26.31 17.92 -11.83
N SER A 96 25.88 17.40 -12.97
CA SER A 96 26.75 16.58 -13.82
C SER A 96 27.31 15.41 -13.04
N GLY A 97 28.25 14.69 -13.64
CA GLY A 97 28.86 13.55 -12.99
C GLY A 97 27.84 12.49 -12.60
N GLY A 1 -10.45 34.24 0.29
CA GLY A 1 -11.03 32.97 0.68
C GLY A 1 -10.42 32.43 1.95
N SER A 2 -10.85 31.24 2.36
CA SER A 2 -10.35 30.62 3.57
C SER A 2 -9.67 29.29 3.25
N SER A 3 -8.46 29.11 3.77
CA SER A 3 -7.70 27.88 3.53
C SER A 3 -7.28 27.24 4.86
N GLY A 4 -8.18 26.44 5.43
CA GLY A 4 -7.90 25.78 6.69
C GLY A 4 -8.81 24.58 6.93
N SER A 5 -8.69 23.57 6.08
CA SER A 5 -9.50 22.37 6.20
C SER A 5 -9.01 21.28 5.26
N SER A 6 -7.76 20.87 5.43
CA SER A 6 -7.16 19.84 4.60
C SER A 6 -7.06 18.52 5.35
N GLY A 7 -6.70 17.45 4.63
CA GLY A 7 -6.57 16.15 5.25
C GLY A 7 -7.81 15.30 5.09
N ASN A 8 -7.62 14.00 4.89
CA ASN A 8 -8.74 13.09 4.70
C ASN A 8 -9.52 13.43 3.45
N ILE A 9 -10.38 12.51 3.03
CA ILE A 9 -11.19 12.71 1.84
C ILE A 9 -12.37 11.74 1.80
N MET A 10 -13.53 12.24 1.38
CA MET A 10 -14.74 11.42 1.29
C MET A 10 -15.16 10.93 2.68
N LEU A 11 -16.45 10.68 2.84
CA LEU A 11 -16.99 10.21 4.12
C LEU A 11 -16.70 8.73 4.32
N LEU A 12 -16.58 8.32 5.57
CA LEU A 12 -16.32 6.92 5.90
C LEU A 12 -17.62 6.13 6.02
N LYS A 13 -17.72 5.06 5.24
CA LYS A 13 -18.91 4.21 5.26
C LYS A 13 -19.21 3.74 6.67
N LYS A 14 -18.30 2.99 7.26
CA LYS A 14 -18.47 2.48 8.62
C LYS A 14 -17.20 1.80 9.12
N LYS A 15 -16.53 1.09 8.23
CA LYS A 15 -15.31 0.38 8.56
C LYS A 15 -14.25 0.57 7.48
N GLN A 16 -13.04 0.91 7.89
CA GLN A 16 -11.94 1.13 6.95
C GLN A 16 -11.73 -0.11 6.08
N ALA A 17 -11.56 0.12 4.77
CA ALA A 17 -11.34 -0.97 3.83
C ALA A 17 -9.97 -0.89 3.19
N ARG A 18 -9.06 -1.77 3.60
CA ARG A 18 -7.71 -1.78 3.06
C ARG A 18 -7.01 -3.11 3.37
N CYS A 19 -6.02 -3.45 2.56
CA CYS A 19 -5.28 -4.70 2.75
C CYS A 19 -3.83 -4.54 2.29
N GLN A 20 -2.91 -5.06 3.08
CA GLN A 20 -1.48 -4.98 2.75
C GLN A 20 -0.86 -6.37 2.65
N GLY A 21 0.34 -6.44 2.10
CA GLY A 21 1.02 -7.71 1.95
C GLY A 21 2.48 -7.55 1.60
N VAL A 22 3.00 -8.46 0.78
CA VAL A 22 4.40 -8.41 0.37
C VAL A 22 4.55 -8.77 -1.10
N VAL A 23 5.33 -7.98 -1.82
CA VAL A 23 5.57 -8.21 -3.25
C VAL A 23 6.22 -9.56 -3.48
N CYS A 24 5.44 -10.53 -3.93
CA CYS A 24 5.96 -11.87 -4.19
C CYS A 24 6.44 -11.99 -5.64
N ALA A 25 5.82 -11.22 -6.52
CA ALA A 25 6.18 -11.24 -7.93
C ALA A 25 6.99 -10.00 -8.32
N MET A 26 7.99 -10.20 -9.17
CA MET A 26 8.84 -9.10 -9.62
C MET A 26 8.95 -9.08 -11.14
N LYS A 27 8.31 -8.10 -11.76
CA LYS A 27 8.35 -7.98 -13.22
C LYS A 27 8.57 -6.52 -13.63
N GLU A 28 8.86 -6.32 -14.92
CA GLU A 28 9.09 -4.97 -15.43
C GLU A 28 7.84 -4.43 -16.12
N ALA A 29 6.69 -4.58 -15.45
CA ALA A 29 5.43 -4.11 -15.98
C ALA A 29 4.31 -4.23 -14.95
N PHE A 30 4.22 -5.41 -14.33
CA PHE A 30 3.19 -5.64 -13.32
C PHE A 30 3.64 -6.74 -12.34
N GLY A 31 2.89 -6.89 -11.25
CA GLY A 31 3.22 -7.90 -10.27
C GLY A 31 2.06 -8.22 -9.34
N PHE A 32 2.29 -9.11 -8.39
CA PHE A 32 1.26 -9.50 -7.44
C PHE A 32 1.72 -9.26 -6.01
N ILE A 33 0.80 -9.41 -5.06
CA ILE A 33 1.11 -9.21 -3.65
C ILE A 33 0.56 -10.36 -2.81
N GLU A 34 1.33 -10.75 -1.79
CA GLU A 34 0.92 -11.83 -0.91
C GLU A 34 0.46 -11.28 0.45
N ARG A 35 -0.82 -11.49 0.76
CA ARG A 35 -1.38 -11.01 2.02
C ARG A 35 -0.64 -11.62 3.21
N GLY A 36 -0.46 -12.94 3.16
CA GLY A 36 0.23 -13.62 4.25
C GLY A 36 -0.71 -14.42 5.12
N ASP A 37 -1.44 -13.73 5.99
CA ASP A 37 -2.39 -14.38 6.88
C ASP A 37 -3.37 -15.25 6.10
N VAL A 38 -3.84 -14.72 4.97
CA VAL A 38 -4.79 -15.45 4.13
C VAL A 38 -4.20 -15.72 2.75
N VAL A 39 -4.95 -16.43 1.92
CA VAL A 39 -4.51 -16.76 0.57
C VAL A 39 -5.19 -15.87 -0.47
N LYS A 40 -5.27 -14.59 -0.16
CA LYS A 40 -5.88 -13.62 -1.07
C LYS A 40 -4.83 -12.72 -1.70
N GLU A 41 -4.83 -12.67 -3.03
CA GLU A 41 -3.87 -11.84 -3.77
C GLU A 41 -4.59 -10.95 -4.78
N ILE A 42 -3.86 -9.96 -5.30
CA ILE A 42 -4.43 -9.05 -6.28
C ILE A 42 -3.39 -8.65 -7.33
N PHE A 43 -3.85 -8.05 -8.42
CA PHE A 43 -2.96 -7.62 -9.50
C PHE A 43 -2.80 -6.11 -9.49
N PHE A 44 -1.55 -5.65 -9.52
CA PHE A 44 -1.26 -4.23 -9.52
C PHE A 44 -0.26 -3.88 -10.63
N HIS A 45 -0.42 -2.69 -11.21
CA HIS A 45 0.47 -2.25 -12.27
C HIS A 45 1.50 -1.27 -11.74
N TYR A 46 2.68 -1.26 -12.35
CA TYR A 46 3.76 -0.38 -11.93
C TYR A 46 3.38 1.08 -12.16
N SER A 47 2.55 1.32 -13.17
CA SER A 47 2.11 2.67 -13.49
C SER A 47 1.33 3.29 -12.34
N GLU A 48 0.58 2.46 -11.64
CA GLU A 48 -0.22 2.92 -10.50
C GLU A 48 0.62 2.97 -9.22
N PHE A 49 1.66 2.15 -9.18
CA PHE A 49 2.54 2.09 -8.02
C PHE A 49 3.05 3.49 -7.66
N LYS A 50 2.90 3.86 -6.39
CA LYS A 50 3.34 5.16 -5.92
C LYS A 50 4.43 5.02 -4.87
N GLY A 51 5.66 4.77 -5.32
CA GLY A 51 6.78 4.61 -4.41
C GLY A 51 8.11 4.67 -5.12
N ASP A 52 9.00 3.75 -4.76
CA ASP A 52 10.33 3.69 -5.38
C ASP A 52 10.38 2.64 -6.48
N LEU A 53 10.53 3.09 -7.72
CA LEU A 53 10.58 2.17 -8.87
C LEU A 53 11.98 1.60 -9.02
N GLU A 54 12.98 2.32 -8.52
CA GLU A 54 14.37 1.87 -8.60
C GLU A 54 14.73 1.01 -7.40
N THR A 55 14.26 1.40 -6.23
CA THR A 55 14.54 0.68 -5.00
C THR A 55 13.28 0.00 -4.46
N LEU A 56 13.04 -1.24 -4.92
CA LEU A 56 11.88 -1.99 -4.48
C LEU A 56 12.11 -3.49 -4.67
N GLN A 57 12.78 -4.11 -3.69
CA GLN A 57 13.06 -5.54 -3.75
C GLN A 57 13.80 -5.99 -2.50
N PRO A 58 13.74 -7.30 -2.22
CA PRO A 58 13.02 -8.26 -3.07
C PRO A 58 11.51 -8.07 -2.98
N GLY A 59 10.99 -7.97 -1.75
CA GLY A 59 9.57 -7.80 -1.56
C GLY A 59 9.25 -6.94 -0.35
N ASP A 60 9.34 -5.62 -0.53
CA ASP A 60 9.06 -4.69 0.55
C ASP A 60 7.56 -4.60 0.82
N ASP A 61 7.19 -4.50 2.09
CA ASP A 61 5.80 -4.40 2.48
C ASP A 61 5.09 -3.29 1.71
N VAL A 62 3.89 -3.57 1.23
CA VAL A 62 3.11 -2.59 0.48
C VAL A 62 1.65 -2.62 0.88
N GLU A 63 0.94 -1.54 0.61
CA GLU A 63 -0.48 -1.44 0.95
C GLU A 63 -1.32 -1.22 -0.31
N PHE A 64 -2.57 -1.70 -0.28
CA PHE A 64 -3.47 -1.55 -1.41
C PHE A 64 -4.92 -1.73 -0.98
N THR A 65 -5.84 -1.31 -1.83
CA THR A 65 -7.26 -1.42 -1.54
C THR A 65 -8.02 -2.06 -2.70
N ILE A 66 -8.75 -3.13 -2.40
CA ILE A 66 -9.52 -3.83 -3.43
C ILE A 66 -10.94 -3.27 -3.53
N LYS A 67 -11.29 -2.80 -4.71
CA LYS A 67 -12.62 -2.23 -4.96
C LYS A 67 -13.52 -3.24 -5.67
N ASP A 68 -14.82 -3.00 -5.61
CA ASP A 68 -15.79 -3.89 -6.26
C ASP A 68 -15.53 -3.95 -7.77
N ARG A 69 -15.06 -5.10 -8.22
CA ARG A 69 -14.77 -5.30 -9.65
C ARG A 69 -15.25 -6.67 -10.10
N ASN A 70 -16.17 -6.68 -11.07
CA ASN A 70 -16.70 -7.93 -11.61
C ASN A 70 -15.66 -8.64 -12.47
N GLY A 71 -15.48 -9.93 -12.20
CA GLY A 71 -14.51 -10.71 -12.96
C GLY A 71 -13.28 -11.07 -12.14
N LYS A 72 -12.36 -10.12 -12.03
CA LYS A 72 -11.12 -10.34 -11.27
C LYS A 72 -10.91 -9.23 -10.25
N GLU A 73 -10.08 -9.50 -9.24
CA GLU A 73 -9.79 -8.52 -8.21
C GLU A 73 -8.42 -7.88 -8.43
N VAL A 74 -8.43 -6.62 -8.85
CA VAL A 74 -7.20 -5.88 -9.09
C VAL A 74 -7.09 -4.66 -8.19
N ALA A 75 -5.87 -4.39 -7.72
CA ALA A 75 -5.63 -3.25 -6.84
C ALA A 75 -5.33 -2.00 -7.65
N THR A 76 -5.41 -0.84 -6.99
CA THR A 76 -5.15 0.43 -7.65
C THR A 76 -4.51 1.42 -6.68
N ASP A 77 -3.49 2.14 -7.16
CA ASP A 77 -2.80 3.12 -6.34
C ASP A 77 -2.12 2.45 -5.16
N VAL A 78 -1.08 1.67 -5.43
CA VAL A 78 -0.34 0.98 -4.39
C VAL A 78 0.68 1.91 -3.73
N ARG A 79 0.78 1.83 -2.41
CA ARG A 79 1.71 2.66 -1.66
C ARG A 79 2.57 1.80 -0.73
N LEU A 80 3.88 1.97 -0.83
CA LEU A 80 4.81 1.22 0.00
C LEU A 80 4.51 1.43 1.49
N LEU A 81 4.73 0.39 2.29
CA LEU A 81 4.49 0.46 3.73
C LEU A 81 5.72 0.98 4.46
N PRO A 82 5.51 1.50 5.68
CA PRO A 82 6.59 2.03 6.51
C PRO A 82 7.51 0.93 7.03
N GLN A 83 8.63 1.34 7.63
CA GLN A 83 9.60 0.38 8.16
C GLN A 83 10.41 1.01 9.29
N GLY A 84 9.99 0.73 10.53
CA GLY A 84 10.68 1.28 11.68
C GLY A 84 10.48 2.78 11.83
N THR A 85 11.41 3.56 11.27
CA THR A 85 11.34 5.00 11.34
C THR A 85 11.49 5.63 9.97
N VAL A 86 10.75 6.70 9.71
CA VAL A 86 10.82 7.40 8.43
C VAL A 86 11.08 8.89 8.63
N ILE A 87 11.82 9.48 7.70
CA ILE A 87 12.14 10.90 7.78
C ILE A 87 11.80 11.61 6.46
N PHE A 88 11.31 12.84 6.57
CA PHE A 88 10.96 13.63 5.39
C PHE A 88 12.15 13.77 4.45
N GLU A 89 11.89 14.26 3.24
CA GLU A 89 12.94 14.45 2.25
C GLU A 89 13.28 15.93 2.09
N ASP A 90 12.29 16.79 2.32
CA ASP A 90 12.48 18.23 2.21
C ASP A 90 12.89 18.60 0.79
N ILE A 91 11.89 18.92 -0.04
CA ILE A 91 12.16 19.31 -1.42
C ILE A 91 11.19 20.38 -1.88
N SER A 92 9.89 20.08 -1.83
CA SER A 92 8.87 21.03 -2.23
C SER A 92 7.88 21.30 -1.10
N GLY A 93 7.52 22.56 -0.92
CA GLY A 93 6.59 22.92 0.14
C GLY A 93 6.94 24.24 0.80
N PRO A 94 6.72 25.34 0.07
CA PRO A 94 7.01 26.69 0.58
C PRO A 94 6.05 27.11 1.68
N SER A 95 6.55 27.12 2.91
CA SER A 95 5.73 27.50 4.06
C SER A 95 6.53 28.38 5.02
N SER A 96 7.47 27.75 5.73
CA SER A 96 8.30 28.47 6.69
C SER A 96 7.45 29.14 7.75
N GLY A 97 8.09 29.91 8.62
CA GLY A 97 7.37 30.59 9.68
C GLY A 97 6.53 31.74 9.16
N GLY A 1 26.87 16.70 19.58
CA GLY A 1 26.26 15.41 19.82
C GLY A 1 24.79 15.38 19.44
N SER A 2 23.92 15.29 20.44
CA SER A 2 22.49 15.24 20.20
C SER A 2 21.81 16.50 20.73
N SER A 3 20.92 17.07 19.92
CA SER A 3 20.20 18.28 20.30
C SER A 3 18.74 18.19 19.91
N GLY A 4 18.48 17.68 18.71
CA GLY A 4 17.11 17.55 18.22
C GLY A 4 16.39 18.88 18.16
N SER A 5 15.08 18.83 17.99
CA SER A 5 14.26 20.04 17.90
C SER A 5 12.81 19.76 18.27
N SER A 6 12.03 20.82 18.42
CA SER A 6 10.62 20.68 18.77
C SER A 6 9.74 21.36 17.75
N GLY A 7 9.37 20.63 16.69
CA GLY A 7 8.53 21.19 15.65
C GLY A 7 8.12 20.15 14.62
N ASN A 8 6.99 19.49 14.88
CA ASN A 8 6.49 18.47 13.96
C ASN A 8 7.54 17.38 13.74
N ILE A 9 7.86 16.65 14.80
CA ILE A 9 8.85 15.59 14.73
C ILE A 9 8.25 14.33 14.09
N MET A 10 6.94 14.20 14.17
CA MET A 10 6.23 13.05 13.61
C MET A 10 4.94 13.48 12.94
N LEU A 11 4.57 12.78 11.87
CA LEU A 11 3.35 13.09 11.13
C LEU A 11 2.67 11.82 10.64
N LEU A 12 1.52 11.51 11.22
CA LEU A 12 0.76 10.31 10.85
C LEU A 12 -0.72 10.49 11.13
N LYS A 13 -1.54 9.71 10.45
CA LYS A 13 -3.00 9.78 10.63
C LYS A 13 -3.59 8.39 10.81
N LYS A 14 -4.91 8.32 10.88
CA LYS A 14 -5.61 7.04 11.04
C LYS A 14 -6.15 6.55 9.70
N LYS A 15 -6.57 5.29 9.68
CA LYS A 15 -7.11 4.69 8.46
C LYS A 15 -8.02 3.52 8.80
N GLN A 16 -8.95 3.21 7.89
CA GLN A 16 -9.89 2.11 8.09
C GLN A 16 -10.21 1.42 6.77
N ALA A 17 -10.39 0.11 6.82
CA ALA A 17 -10.70 -0.66 5.63
C ALA A 17 -9.58 -0.58 4.60
N ARG A 18 -8.73 -1.61 4.57
CA ARG A 18 -7.61 -1.64 3.63
C ARG A 18 -7.02 -3.05 3.57
N CYS A 19 -6.07 -3.23 2.65
CA CYS A 19 -5.42 -4.53 2.48
C CYS A 19 -3.98 -4.36 2.03
N GLN A 20 -3.09 -5.17 2.59
CA GLN A 20 -1.67 -5.11 2.24
C GLN A 20 -1.06 -6.51 2.19
N GLY A 21 0.15 -6.59 1.64
CA GLY A 21 0.82 -7.87 1.53
C GLY A 21 2.32 -7.73 1.38
N VAL A 22 2.90 -8.51 0.48
CA VAL A 22 4.34 -8.47 0.25
C VAL A 22 4.67 -8.76 -1.21
N VAL A 23 5.56 -7.97 -1.79
CA VAL A 23 5.97 -8.13 -3.18
C VAL A 23 6.66 -9.48 -3.39
N CYS A 24 5.94 -10.42 -3.99
CA CYS A 24 6.49 -11.74 -4.25
C CYS A 24 6.87 -11.91 -5.72
N ALA A 25 6.16 -11.19 -6.58
CA ALA A 25 6.41 -11.25 -8.03
C ALA A 25 7.16 -10.00 -8.49
N MET A 26 8.02 -10.17 -9.50
CA MET A 26 8.78 -9.06 -10.04
C MET A 26 8.81 -9.11 -11.57
N LYS A 27 8.38 -8.03 -12.20
CA LYS A 27 8.37 -7.95 -13.66
C LYS A 27 8.64 -6.53 -14.13
N GLU A 28 8.75 -6.35 -15.44
CA GLU A 28 9.00 -5.04 -16.03
C GLU A 28 7.72 -4.44 -16.59
N ALA A 29 6.66 -4.48 -15.80
CA ALA A 29 5.37 -3.93 -16.23
C ALA A 29 4.34 -4.04 -15.11
N PHE A 30 4.28 -5.21 -14.48
CA PHE A 30 3.33 -5.44 -13.40
C PHE A 30 3.84 -6.53 -12.45
N GLY A 31 3.15 -6.70 -11.32
CA GLY A 31 3.55 -7.70 -10.36
C GLY A 31 2.38 -8.18 -9.51
N PHE A 32 2.67 -9.07 -8.56
CA PHE A 32 1.63 -9.61 -7.69
C PHE A 32 2.03 -9.45 -6.22
N ILE A 33 1.04 -9.50 -5.34
CA ILE A 33 1.29 -9.36 -3.91
C ILE A 33 0.83 -10.60 -3.15
N GLU A 34 1.54 -10.92 -2.07
CA GLU A 34 1.21 -12.09 -1.26
C GLU A 34 0.34 -11.70 -0.07
N ARG A 35 -0.78 -12.40 0.09
CA ARG A 35 -1.71 -12.11 1.18
C ARG A 35 -0.98 -12.14 2.52
N GLY A 36 -1.59 -11.50 3.52
CA GLY A 36 -0.99 -11.47 4.85
C GLY A 36 -1.95 -11.89 5.93
N ASP A 37 -3.10 -11.22 6.00
CA ASP A 37 -4.11 -11.53 7.00
C ASP A 37 -5.16 -12.47 6.43
N VAL A 38 -5.49 -12.30 5.16
CA VAL A 38 -6.48 -13.13 4.49
C VAL A 38 -5.81 -14.19 3.61
N VAL A 39 -6.63 -14.96 2.91
CA VAL A 39 -6.12 -16.00 2.02
C VAL A 39 -6.50 -15.72 0.56
N LYS A 40 -6.32 -14.47 0.15
CA LYS A 40 -6.65 -14.06 -1.22
C LYS A 40 -5.60 -13.09 -1.75
N GLU A 41 -5.24 -13.27 -3.03
CA GLU A 41 -4.25 -12.40 -3.66
C GLU A 41 -4.90 -11.48 -4.67
N ILE A 42 -4.14 -10.48 -5.13
CA ILE A 42 -4.66 -9.53 -6.11
C ILE A 42 -3.56 -9.10 -7.08
N PHE A 43 -3.96 -8.46 -8.17
CA PHE A 43 -3.01 -8.01 -9.18
C PHE A 43 -2.95 -6.48 -9.21
N PHE A 44 -1.73 -5.95 -9.15
CA PHE A 44 -1.52 -4.51 -9.17
C PHE A 44 -0.58 -4.11 -10.30
N HIS A 45 -0.80 -2.92 -10.85
CA HIS A 45 0.04 -2.41 -11.94
C HIS A 45 1.03 -1.38 -11.44
N TYR A 46 2.27 -1.50 -11.86
CA TYR A 46 3.32 -0.57 -11.45
C TYR A 46 2.92 0.87 -11.75
N SER A 47 2.13 1.05 -12.79
CA SER A 47 1.67 2.38 -13.20
C SER A 47 1.01 3.09 -12.03
N GLU A 48 0.34 2.32 -11.18
CA GLU A 48 -0.34 2.89 -10.01
C GLU A 48 0.58 2.92 -8.79
N PHE A 49 1.56 2.01 -8.78
CA PHE A 49 2.50 1.93 -7.67
C PHE A 49 3.14 3.29 -7.39
N LYS A 50 2.92 3.80 -6.19
CA LYS A 50 3.47 5.10 -5.81
C LYS A 50 4.71 4.92 -4.93
N GLY A 51 5.84 4.64 -5.57
CA GLY A 51 7.08 4.46 -4.84
C GLY A 51 8.28 4.29 -5.76
N ASP A 52 9.48 4.33 -5.18
CA ASP A 52 10.70 4.17 -5.95
C ASP A 52 10.82 2.76 -6.53
N LEU A 53 10.48 2.63 -7.80
CA LEU A 53 10.55 1.33 -8.48
C LEU A 53 12.00 0.90 -8.68
N GLU A 54 12.92 1.82 -8.45
CA GLU A 54 14.34 1.54 -8.60
C GLU A 54 14.87 0.72 -7.43
N THR A 55 14.37 1.03 -6.23
CA THR A 55 14.80 0.33 -5.02
C THR A 55 13.60 -0.19 -4.24
N LEU A 56 13.17 -1.40 -4.57
CA LEU A 56 12.02 -2.02 -3.90
C LEU A 56 12.41 -3.36 -3.30
N GLN A 57 13.28 -4.10 -4.00
CA GLN A 57 13.72 -5.41 -3.54
C GLN A 57 14.22 -5.33 -2.10
N PRO A 58 14.22 -6.48 -1.41
CA PRO A 58 13.76 -7.75 -1.99
C PRO A 58 12.26 -7.77 -2.22
N GLY A 59 11.51 -7.38 -1.21
CA GLY A 59 10.05 -7.36 -1.32
C GLY A 59 9.40 -6.48 -0.28
N ASP A 60 9.72 -5.19 -0.31
CA ASP A 60 9.16 -4.24 0.64
C ASP A 60 7.64 -4.32 0.65
N ASP A 61 7.07 -4.47 1.85
CA ASP A 61 5.62 -4.57 2.00
C ASP A 61 4.93 -3.40 1.30
N VAL A 62 3.75 -3.68 0.74
CA VAL A 62 2.98 -2.65 0.05
C VAL A 62 1.51 -2.72 0.42
N GLU A 63 0.83 -1.58 0.32
CA GLU A 63 -0.59 -1.51 0.66
C GLU A 63 -1.42 -1.11 -0.57
N PHE A 64 -2.67 -1.55 -0.58
CA PHE A 64 -3.57 -1.24 -1.69
C PHE A 64 -5.01 -1.15 -1.21
N THR A 65 -5.91 -0.76 -2.12
CA THR A 65 -7.32 -0.62 -1.79
C THR A 65 -8.19 -1.29 -2.85
N ILE A 66 -8.85 -2.39 -2.46
CA ILE A 66 -9.71 -3.11 -3.38
C ILE A 66 -11.00 -2.35 -3.66
N LYS A 67 -11.32 -2.17 -4.93
CA LYS A 67 -12.52 -1.46 -5.33
C LYS A 67 -13.60 -2.42 -5.81
N ASP A 68 -14.75 -1.88 -6.18
CA ASP A 68 -15.87 -2.69 -6.67
C ASP A 68 -15.67 -3.06 -8.14
N ARG A 69 -14.91 -4.12 -8.38
CA ARG A 69 -14.65 -4.57 -9.75
C ARG A 69 -15.17 -5.98 -9.96
N ASN A 70 -16.31 -6.09 -10.64
CA ASN A 70 -16.92 -7.38 -10.91
C ASN A 70 -16.09 -8.17 -11.93
N GLY A 71 -15.79 -9.42 -11.59
CA GLY A 71 -15.02 -10.26 -12.48
C GLY A 71 -13.61 -10.52 -11.95
N LYS A 72 -12.77 -9.49 -11.97
CA LYS A 72 -11.40 -9.61 -11.49
C LYS A 72 -11.11 -8.57 -10.41
N GLU A 73 -10.23 -8.92 -9.48
CA GLU A 73 -9.87 -8.02 -8.39
C GLU A 73 -8.46 -7.46 -8.61
N VAL A 74 -8.37 -6.14 -8.79
CA VAL A 74 -7.10 -5.48 -9.00
C VAL A 74 -6.89 -4.36 -7.99
N ALA A 75 -5.66 -4.23 -7.50
CA ALA A 75 -5.32 -3.19 -6.54
C ALA A 75 -5.00 -1.87 -7.23
N THR A 76 -5.63 -0.79 -6.75
CA THR A 76 -5.41 0.53 -7.33
C THR A 76 -4.69 1.45 -6.36
N ASP A 77 -3.81 2.30 -6.88
CA ASP A 77 -3.04 3.22 -6.05
C ASP A 77 -2.32 2.49 -4.94
N VAL A 78 -1.26 1.77 -5.30
CA VAL A 78 -0.48 1.01 -4.34
C VAL A 78 0.53 1.91 -3.62
N ARG A 79 0.53 1.87 -2.30
CA ARG A 79 1.44 2.68 -1.50
C ARG A 79 2.35 1.79 -0.66
N LEU A 80 3.66 1.98 -0.81
CA LEU A 80 4.64 1.21 -0.07
C LEU A 80 4.38 1.29 1.43
N LEU A 81 4.65 0.19 2.13
CA LEU A 81 4.45 0.14 3.58
C LEU A 81 5.75 0.45 4.32
N PRO A 82 5.61 0.85 5.59
CA PRO A 82 6.76 1.19 6.45
C PRO A 82 7.58 -0.04 6.82
N GLN A 83 8.88 0.14 6.92
CA GLN A 83 9.79 -0.96 7.27
C GLN A 83 10.64 -0.59 8.47
N GLY A 84 11.37 -1.58 9.00
CA GLY A 84 12.23 -1.34 10.15
C GLY A 84 13.61 -0.86 9.76
N THR A 85 14.60 -1.73 9.89
CA THR A 85 15.97 -1.38 9.55
C THR A 85 16.49 -0.27 10.46
N VAL A 86 17.40 -0.64 11.37
CA VAL A 86 17.98 0.31 12.30
C VAL A 86 19.12 1.09 11.65
N ILE A 87 19.27 2.35 12.05
CA ILE A 87 20.32 3.20 11.50
C ILE A 87 21.52 3.27 12.45
N PHE A 88 22.72 3.20 11.89
CA PHE A 88 23.94 3.26 12.69
C PHE A 88 24.51 4.67 12.71
N GLU A 89 23.63 5.66 12.53
CA GLU A 89 24.04 7.06 12.53
C GLU A 89 25.00 7.35 11.38
N ASP A 90 25.14 8.62 11.04
CA ASP A 90 26.03 9.03 9.96
C ASP A 90 26.85 10.26 10.36
N ILE A 91 27.43 10.21 11.54
CA ILE A 91 28.24 11.32 12.04
C ILE A 91 29.72 10.95 12.09
N SER A 92 30.11 10.01 11.23
CA SER A 92 31.49 9.56 11.18
C SER A 92 32.34 10.51 10.32
N GLY A 93 32.44 11.76 10.77
CA GLY A 93 33.23 12.74 10.04
C GLY A 93 32.35 13.74 9.32
N PRO A 94 31.78 14.69 10.08
CA PRO A 94 30.91 15.73 9.53
C PRO A 94 31.69 16.75 8.69
N SER A 95 31.77 16.48 7.39
CA SER A 95 32.48 17.36 6.48
C SER A 95 32.02 17.14 5.03
N SER A 96 31.93 18.22 4.27
CA SER A 96 31.50 18.15 2.88
C SER A 96 32.70 18.10 1.94
N GLY A 97 32.44 17.83 0.67
CA GLY A 97 33.50 17.76 -0.31
C GLY A 97 34.07 16.36 -0.46
N GLY A 1 -30.96 30.51 -1.28
CA GLY A 1 -30.83 30.53 0.17
C GLY A 1 -29.39 30.64 0.62
N SER A 2 -29.19 30.64 1.93
CA SER A 2 -27.84 30.74 2.50
C SER A 2 -27.49 29.48 3.28
N SER A 3 -27.86 28.33 2.74
CA SER A 3 -27.59 27.06 3.38
C SER A 3 -26.12 26.66 3.21
N GLY A 4 -25.46 26.36 4.32
CA GLY A 4 -24.06 25.98 4.26
C GLY A 4 -23.52 25.57 5.62
N SER A 5 -23.74 24.31 6.00
CA SER A 5 -23.28 23.81 7.28
C SER A 5 -21.87 23.24 7.16
N SER A 6 -20.94 23.81 7.93
CA SER A 6 -19.56 23.36 7.90
C SER A 6 -19.08 22.99 9.30
N GLY A 7 -18.90 21.69 9.54
CA GLY A 7 -18.45 21.22 10.83
C GLY A 7 -18.36 19.71 10.90
N ASN A 8 -17.14 19.19 10.78
CA ASN A 8 -16.92 17.74 10.83
C ASN A 8 -17.27 17.19 12.20
N ILE A 9 -17.45 15.87 12.27
CA ILE A 9 -17.79 15.22 13.53
C ILE A 9 -17.39 13.74 13.50
N MET A 10 -16.86 13.25 14.62
CA MET A 10 -16.44 11.86 14.73
C MET A 10 -15.31 11.56 13.75
N LEU A 11 -14.56 10.50 14.05
CA LEU A 11 -13.44 10.11 13.19
C LEU A 11 -13.87 9.04 12.19
N LEU A 12 -13.97 9.44 10.92
CA LEU A 12 -14.38 8.52 9.86
C LEU A 12 -15.78 7.98 10.11
N LYS A 13 -16.28 7.18 9.17
CA LYS A 13 -17.61 6.60 9.28
C LYS A 13 -17.54 5.07 9.27
N LYS A 14 -16.87 4.52 8.27
CA LYS A 14 -16.73 3.08 8.15
C LYS A 14 -15.26 2.66 8.24
N LYS A 15 -14.59 3.12 9.29
CA LYS A 15 -13.18 2.78 9.50
C LYS A 15 -12.35 3.23 8.31
N GLN A 16 -11.05 2.91 8.35
CA GLN A 16 -10.14 3.28 7.27
C GLN A 16 -10.30 2.32 6.09
N ALA A 17 -10.34 1.03 6.38
CA ALA A 17 -10.48 0.01 5.35
C ALA A 17 -9.29 0.01 4.41
N ARG A 18 -8.43 -0.99 4.54
CA ARG A 18 -7.24 -1.10 3.70
C ARG A 18 -6.66 -2.50 3.77
N CYS A 19 -5.90 -2.88 2.74
CA CYS A 19 -5.28 -4.20 2.69
C CYS A 19 -3.84 -4.11 2.19
N GLN A 20 -2.93 -4.73 2.92
CA GLN A 20 -1.52 -4.72 2.55
C GLN A 20 -0.94 -6.13 2.53
N GLY A 21 0.24 -6.28 1.94
CA GLY A 21 0.87 -7.57 1.85
C GLY A 21 2.36 -7.48 1.59
N VAL A 22 2.87 -8.38 0.76
CA VAL A 22 4.30 -8.39 0.43
C VAL A 22 4.51 -8.69 -1.05
N VAL A 23 5.30 -7.83 -1.71
CA VAL A 23 5.58 -8.01 -3.13
C VAL A 23 6.32 -9.32 -3.38
N CYS A 24 5.59 -10.31 -3.89
CA CYS A 24 6.18 -11.62 -4.18
C CYS A 24 6.65 -11.69 -5.63
N ALA A 25 5.92 -11.02 -6.52
CA ALA A 25 6.26 -11.01 -7.93
C ALA A 25 6.86 -9.67 -8.35
N MET A 26 7.92 -9.72 -9.15
CA MET A 26 8.58 -8.51 -9.61
C MET A 26 8.83 -8.58 -11.12
N LYS A 27 8.21 -7.66 -11.85
CA LYS A 27 8.37 -7.61 -13.30
C LYS A 27 8.57 -6.17 -13.78
N GLU A 28 8.83 -6.02 -15.07
CA GLU A 28 9.05 -4.69 -15.64
C GLU A 28 7.77 -4.15 -16.26
N ALA A 29 6.66 -4.33 -15.55
CA ALA A 29 5.36 -3.86 -16.03
C ALA A 29 4.30 -4.01 -14.95
N PHE A 30 4.22 -5.21 -14.36
CA PHE A 30 3.24 -5.49 -13.32
C PHE A 30 3.71 -6.62 -12.42
N GLY A 31 3.05 -6.76 -11.27
CA GLY A 31 3.43 -7.81 -10.33
C GLY A 31 2.27 -8.23 -9.44
N PHE A 32 2.57 -9.05 -8.44
CA PHE A 32 1.54 -9.53 -7.52
C PHE A 32 1.96 -9.29 -6.07
N ILE A 33 1.04 -9.56 -5.15
CA ILE A 33 1.31 -9.37 -3.73
C ILE A 33 0.78 -10.55 -2.91
N GLU A 34 1.53 -10.91 -1.87
CA GLU A 34 1.14 -12.03 -1.00
C GLU A 34 0.38 -11.52 0.22
N ARG A 35 -0.57 -12.31 0.69
CA ARG A 35 -1.36 -11.95 1.86
C ARG A 35 -0.75 -12.52 3.14
N GLY A 36 -0.81 -13.84 3.27
CA GLY A 36 -0.27 -14.49 4.44
C GLY A 36 -1.34 -15.08 5.34
N ASP A 37 -1.96 -14.23 6.14
CA ASP A 37 -3.02 -14.68 7.05
C ASP A 37 -4.15 -15.36 6.27
N VAL A 38 -4.36 -14.92 5.04
CA VAL A 38 -5.41 -15.49 4.20
C VAL A 38 -4.83 -16.13 2.95
N VAL A 39 -5.69 -16.65 2.09
CA VAL A 39 -5.26 -17.28 0.85
C VAL A 39 -5.84 -16.56 -0.37
N LYS A 40 -5.77 -15.23 -0.35
CA LYS A 40 -6.28 -14.42 -1.45
C LYS A 40 -5.20 -13.47 -1.97
N GLU A 41 -5.11 -13.36 -3.29
CA GLU A 41 -4.13 -12.48 -3.92
C GLU A 41 -4.79 -11.50 -4.87
N ILE A 42 -4.04 -10.51 -5.33
CA ILE A 42 -4.56 -9.50 -6.24
C ILE A 42 -3.51 -9.09 -7.26
N PHE A 43 -3.94 -8.39 -8.31
CA PHE A 43 -3.03 -7.94 -9.35
C PHE A 43 -2.97 -6.41 -9.38
N PHE A 44 -1.75 -5.87 -9.34
CA PHE A 44 -1.56 -4.42 -9.36
C PHE A 44 -0.57 -4.03 -10.46
N HIS A 45 -0.70 -2.80 -10.95
CA HIS A 45 0.18 -2.30 -11.99
C HIS A 45 1.13 -1.23 -11.45
N TYR A 46 2.42 -1.38 -11.75
CA TYR A 46 3.43 -0.45 -11.28
C TYR A 46 3.04 0.99 -11.64
N SER A 47 2.32 1.14 -12.74
CA SER A 47 1.90 2.46 -13.19
C SER A 47 1.19 3.21 -12.07
N GLU A 48 0.52 2.46 -11.19
CA GLU A 48 -0.20 3.06 -10.08
C GLU A 48 0.67 3.10 -8.82
N PHE A 49 1.63 2.17 -8.74
CA PHE A 49 2.52 2.09 -7.59
C PHE A 49 3.17 3.44 -7.32
N LYS A 50 3.05 3.91 -6.08
CA LYS A 50 3.63 5.19 -5.69
C LYS A 50 4.88 4.98 -4.85
N GLY A 51 6.00 4.71 -5.52
CA GLY A 51 7.25 4.50 -4.82
C GLY A 51 8.43 4.38 -5.77
N ASP A 52 9.60 4.13 -5.21
CA ASP A 52 10.82 4.00 -6.01
C ASP A 52 10.91 2.61 -6.63
N LEU A 53 10.61 2.51 -7.92
CA LEU A 53 10.65 1.24 -8.64
C LEU A 53 12.09 0.77 -8.81
N GLU A 54 13.03 1.67 -8.56
CA GLU A 54 14.45 1.34 -8.69
C GLU A 54 14.93 0.50 -7.50
N THR A 55 14.42 0.83 -6.31
CA THR A 55 14.79 0.12 -5.10
C THR A 55 13.56 -0.37 -4.35
N LEU A 56 13.10 -1.57 -4.69
CA LEU A 56 11.92 -2.15 -4.04
C LEU A 56 12.22 -3.57 -3.56
N GLN A 57 12.94 -4.32 -4.38
CA GLN A 57 13.28 -5.70 -4.04
C GLN A 57 13.90 -5.78 -2.65
N PRO A 58 13.83 -6.97 -2.04
CA PRO A 58 13.21 -8.15 -2.66
C PRO A 58 11.69 -8.01 -2.77
N GLY A 59 11.05 -7.62 -1.67
CA GLY A 59 9.61 -7.45 -1.68
C GLY A 59 9.13 -6.58 -0.53
N ASP A 60 9.49 -5.31 -0.55
CA ASP A 60 9.10 -4.37 0.49
C ASP A 60 7.58 -4.38 0.67
N ASP A 61 7.15 -4.30 1.92
CA ASP A 61 5.72 -4.29 2.23
C ASP A 61 5.01 -3.15 1.51
N VAL A 62 3.84 -3.45 0.95
CA VAL A 62 3.06 -2.45 0.23
C VAL A 62 1.58 -2.54 0.59
N GLU A 63 0.87 -1.43 0.44
CA GLU A 63 -0.56 -1.39 0.75
C GLU A 63 -1.37 -1.07 -0.49
N PHE A 64 -2.62 -1.51 -0.51
CA PHE A 64 -3.51 -1.28 -1.64
C PHE A 64 -4.98 -1.36 -1.22
N THR A 65 -5.87 -0.96 -2.11
CA THR A 65 -7.30 -0.98 -1.83
C THR A 65 -8.08 -1.59 -2.99
N ILE A 66 -8.47 -2.85 -2.83
CA ILE A 66 -9.23 -3.55 -3.86
C ILE A 66 -10.63 -2.97 -4.02
N LYS A 67 -11.00 -2.66 -5.26
CA LYS A 67 -12.32 -2.09 -5.54
C LYS A 67 -13.27 -3.16 -6.07
N ASP A 68 -14.51 -2.77 -6.29
CA ASP A 68 -15.53 -3.69 -6.79
C ASP A 68 -15.49 -3.77 -8.32
N ARG A 69 -14.67 -4.69 -8.83
CA ARG A 69 -14.54 -4.86 -10.28
C ARG A 69 -15.12 -6.20 -10.72
N ASN A 70 -16.21 -6.14 -11.49
CA ASN A 70 -16.86 -7.34 -11.98
C ASN A 70 -15.91 -8.19 -12.82
N GLY A 71 -15.48 -9.32 -12.26
CA GLY A 71 -14.56 -10.19 -12.97
C GLY A 71 -13.43 -10.68 -12.09
N LYS A 72 -12.31 -9.96 -12.10
CA LYS A 72 -11.15 -10.33 -11.30
C LYS A 72 -10.86 -9.26 -10.25
N GLU A 73 -10.05 -9.61 -9.25
CA GLU A 73 -9.69 -8.68 -8.20
C GLU A 73 -8.35 -8.01 -8.49
N VAL A 74 -8.38 -6.70 -8.70
CA VAL A 74 -7.17 -5.95 -8.99
C VAL A 74 -6.95 -4.84 -7.97
N ALA A 75 -5.70 -4.61 -7.61
CA ALA A 75 -5.36 -3.57 -6.64
C ALA A 75 -4.94 -2.28 -7.34
N THR A 76 -5.52 -1.17 -6.90
CA THR A 76 -5.21 0.13 -7.49
C THR A 76 -4.64 1.08 -6.44
N ASP A 77 -3.84 2.05 -6.90
CA ASP A 77 -3.23 3.02 -6.00
C ASP A 77 -2.41 2.33 -4.92
N VAL A 78 -1.35 1.65 -5.33
CA VAL A 78 -0.48 0.95 -4.39
C VAL A 78 0.51 1.90 -3.73
N ARG A 79 0.55 1.88 -2.40
CA ARG A 79 1.46 2.74 -1.65
C ARG A 79 2.37 1.91 -0.75
N LEU A 80 3.67 2.15 -0.86
CA LEU A 80 4.66 1.43 -0.05
C LEU A 80 4.33 1.55 1.43
N LEU A 81 4.75 0.56 2.21
CA LEU A 81 4.51 0.55 3.64
C LEU A 81 5.75 1.00 4.41
N PRO A 82 5.56 1.46 5.66
CA PRO A 82 6.65 1.92 6.52
C PRO A 82 7.56 0.78 6.97
N GLN A 83 8.86 1.05 7.02
CA GLN A 83 9.82 0.04 7.44
C GLN A 83 10.18 0.21 8.92
N GLY A 84 9.79 -0.79 9.71
CA GLY A 84 10.08 -0.73 11.14
C GLY A 84 11.56 -0.78 11.44
N THR A 85 12.24 -1.80 10.93
CA THR A 85 13.67 -1.95 11.14
C THR A 85 14.45 -1.71 9.86
N VAL A 86 15.23 -0.64 9.83
CA VAL A 86 16.03 -0.30 8.66
C VAL A 86 17.50 -0.61 8.89
N ILE A 87 18.20 -0.98 7.82
CA ILE A 87 19.62 -1.29 7.91
C ILE A 87 20.44 -0.42 6.96
N PHE A 88 21.64 -0.04 7.40
CA PHE A 88 22.52 0.79 6.58
C PHE A 88 23.75 0.00 6.13
N GLU A 89 24.30 0.37 4.99
CA GLU A 89 25.49 -0.30 4.45
C GLU A 89 26.72 0.58 4.58
N ASP A 90 27.88 -0.05 4.63
CA ASP A 90 29.14 0.69 4.75
C ASP A 90 30.22 0.07 3.87
N ILE A 91 29.84 -0.28 2.64
CA ILE A 91 30.77 -0.88 1.70
C ILE A 91 30.54 -0.34 0.28
N SER A 92 31.31 0.66 -0.10
CA SER A 92 31.20 1.27 -1.42
C SER A 92 32.31 2.28 -1.67
N GLY A 93 32.66 2.47 -2.93
CA GLY A 93 33.70 3.43 -3.27
C GLY A 93 34.35 3.11 -4.61
N PRO A 94 35.37 3.91 -4.97
CA PRO A 94 36.09 3.73 -6.23
C PRO A 94 36.96 2.46 -6.23
N SER A 95 37.75 2.30 -7.29
CA SER A 95 38.62 1.13 -7.41
C SER A 95 40.02 1.54 -7.87
N SER A 96 41.03 1.17 -7.10
CA SER A 96 42.41 1.49 -7.44
C SER A 96 42.86 0.74 -8.68
N GLY A 97 42.67 1.35 -9.84
CA GLY A 97 43.06 0.72 -11.09
C GLY A 97 42.24 -0.51 -11.40
N GLY A 1 -27.55 12.06 40.04
CA GLY A 1 -26.14 12.40 40.14
C GLY A 1 -25.36 12.01 38.90
N SER A 2 -25.53 12.79 37.83
CA SER A 2 -24.84 12.52 36.57
C SER A 2 -23.64 13.44 36.41
N SER A 3 -22.97 13.32 35.27
CA SER A 3 -21.79 14.14 34.99
C SER A 3 -21.46 14.12 33.50
N GLY A 4 -21.55 15.28 32.86
CA GLY A 4 -21.26 15.38 31.45
C GLY A 4 -19.78 15.46 31.17
N SER A 5 -19.10 14.33 31.22
CA SER A 5 -17.67 14.27 30.98
C SER A 5 -17.37 14.22 29.48
N SER A 6 -17.94 13.23 28.80
CA SER A 6 -17.73 13.07 27.37
C SER A 6 -19.01 12.62 26.68
N GLY A 7 -18.98 12.55 25.36
CA GLY A 7 -20.15 12.14 24.60
C GLY A 7 -19.79 11.54 23.25
N ASN A 8 -20.65 11.77 22.26
CA ASN A 8 -20.43 11.25 20.92
C ASN A 8 -19.12 11.80 20.35
N ILE A 9 -18.65 11.17 19.28
CA ILE A 9 -17.40 11.59 18.63
C ILE A 9 -17.22 10.88 17.30
N MET A 10 -16.73 11.62 16.30
CA MET A 10 -16.49 11.04 14.98
C MET A 10 -17.80 10.58 14.35
N LEU A 11 -17.80 10.47 13.02
CA LEU A 11 -18.98 10.03 12.29
C LEU A 11 -18.78 8.63 11.71
N LEU A 12 -17.54 8.31 11.39
CA LEU A 12 -17.21 7.00 10.83
C LEU A 12 -17.09 5.95 11.92
N LYS A 13 -17.24 4.69 11.54
CA LYS A 13 -17.14 3.59 12.50
C LYS A 13 -16.05 2.60 12.09
N LYS A 14 -16.31 1.84 11.04
CA LYS A 14 -15.36 0.86 10.54
C LYS A 14 -15.85 0.23 9.24
N LYS A 15 -15.68 0.94 8.14
CA LYS A 15 -16.10 0.45 6.83
C LYS A 15 -15.06 0.76 5.76
N GLN A 16 -13.81 0.91 6.20
CA GLN A 16 -12.72 1.20 5.27
C GLN A 16 -11.47 0.38 5.62
N ALA A 17 -11.60 -0.94 5.51
CA ALA A 17 -10.50 -1.84 5.81
C ALA A 17 -9.60 -2.01 4.59
N ARG A 18 -8.35 -1.57 4.72
CA ARG A 18 -7.39 -1.66 3.63
C ARG A 18 -6.78 -3.06 3.58
N CYS A 19 -5.87 -3.27 2.63
CA CYS A 19 -5.20 -4.56 2.48
C CYS A 19 -3.76 -4.38 2.04
N GLN A 20 -2.85 -5.06 2.74
CA GLN A 20 -1.42 -4.96 2.42
C GLN A 20 -0.77 -6.34 2.51
N GLY A 21 0.44 -6.45 1.95
CA GLY A 21 1.15 -7.71 1.97
C GLY A 21 2.63 -7.54 1.66
N VAL A 22 3.17 -8.44 0.85
CA VAL A 22 4.58 -8.39 0.47
C VAL A 22 4.76 -8.76 -1.00
N VAL A 23 5.48 -7.91 -1.73
CA VAL A 23 5.74 -8.15 -3.14
C VAL A 23 6.30 -9.54 -3.37
N CYS A 24 5.47 -10.44 -3.89
CA CYS A 24 5.89 -11.81 -4.15
C CYS A 24 6.41 -11.96 -5.58
N ALA A 25 5.65 -11.44 -6.54
CA ALA A 25 6.03 -11.50 -7.94
C ALA A 25 6.93 -10.34 -8.32
N MET A 26 7.94 -10.62 -9.14
CA MET A 26 8.88 -9.60 -9.58
C MET A 26 8.89 -9.48 -11.09
N LYS A 27 8.50 -8.32 -11.60
CA LYS A 27 8.46 -8.08 -13.04
C LYS A 27 8.79 -6.62 -13.36
N GLU A 28 8.89 -6.32 -14.65
CA GLU A 28 9.19 -4.95 -15.08
C GLU A 28 7.95 -4.28 -15.67
N ALA A 29 6.82 -4.47 -15.01
CA ALA A 29 5.57 -3.88 -15.47
C ALA A 29 4.45 -4.06 -14.43
N PHE A 30 4.44 -5.23 -13.79
CA PHE A 30 3.43 -5.53 -12.79
C PHE A 30 3.95 -6.58 -11.80
N GLY A 31 3.19 -6.79 -10.73
CA GLY A 31 3.59 -7.77 -9.73
C GLY A 31 2.42 -8.29 -8.92
N PHE A 32 2.70 -9.00 -7.84
CA PHE A 32 1.66 -9.56 -6.99
C PHE A 32 1.99 -9.35 -5.51
N ILE A 33 0.96 -9.30 -4.69
CA ILE A 33 1.13 -9.10 -3.26
C ILE A 33 0.53 -10.26 -2.46
N GLU A 34 1.36 -10.92 -1.66
CA GLU A 34 0.91 -12.04 -0.85
C GLU A 34 -0.08 -11.58 0.21
N ARG A 35 -1.22 -12.26 0.28
CA ARG A 35 -2.25 -11.92 1.25
C ARG A 35 -1.67 -11.85 2.67
N GLY A 36 -2.46 -11.35 3.61
CA GLY A 36 -2.00 -11.23 4.98
C GLY A 36 -3.11 -11.50 5.98
N ASP A 37 -4.17 -12.16 5.53
CA ASP A 37 -5.30 -12.49 6.39
C ASP A 37 -6.36 -13.26 5.63
N VAL A 38 -6.53 -12.93 4.35
CA VAL A 38 -7.52 -13.59 3.51
C VAL A 38 -6.88 -14.70 2.68
N VAL A 39 -7.67 -15.30 1.79
CA VAL A 39 -7.18 -16.38 0.94
C VAL A 39 -7.40 -16.06 -0.53
N LYS A 40 -7.10 -14.82 -0.91
CA LYS A 40 -7.26 -14.38 -2.29
C LYS A 40 -6.11 -13.46 -2.71
N GLU A 41 -5.75 -13.52 -3.98
CA GLU A 41 -4.66 -12.70 -4.51
C GLU A 41 -5.21 -11.59 -5.40
N ILE A 42 -4.35 -10.64 -5.75
CA ILE A 42 -4.74 -9.53 -6.61
C ILE A 42 -3.62 -9.13 -7.55
N PHE A 43 -3.95 -8.32 -8.55
CA PHE A 43 -2.98 -7.87 -9.54
C PHE A 43 -2.85 -6.36 -9.54
N PHE A 44 -1.65 -5.86 -9.28
CA PHE A 44 -1.40 -4.43 -9.24
C PHE A 44 -0.41 -4.02 -10.33
N HIS A 45 -0.60 -2.83 -10.88
CA HIS A 45 0.26 -2.31 -11.93
C HIS A 45 1.15 -1.19 -11.41
N TYR A 46 2.40 -1.17 -11.85
CA TYR A 46 3.35 -0.15 -11.42
C TYR A 46 2.82 1.25 -11.73
N SER A 47 1.96 1.33 -12.75
CA SER A 47 1.38 2.61 -13.15
C SER A 47 0.75 3.33 -11.95
N GLU A 48 0.15 2.55 -11.06
CA GLU A 48 -0.49 3.11 -9.88
C GLU A 48 0.50 3.17 -8.71
N PHE A 49 1.49 2.29 -8.72
CA PHE A 49 2.49 2.25 -7.67
C PHE A 49 3.12 3.62 -7.46
N LYS A 50 3.06 4.11 -6.22
CA LYS A 50 3.62 5.42 -5.89
C LYS A 50 4.87 5.26 -5.02
N GLY A 51 5.99 4.93 -5.65
CA GLY A 51 7.23 4.76 -4.90
C GLY A 51 8.43 4.62 -5.82
N ASP A 52 9.60 4.41 -5.23
CA ASP A 52 10.83 4.27 -6.00
C ASP A 52 10.91 2.89 -6.64
N LEU A 53 10.53 2.81 -7.91
CA LEU A 53 10.55 1.55 -8.64
C LEU A 53 11.99 1.09 -8.89
N GLU A 54 12.94 1.98 -8.65
CA GLU A 54 14.35 1.67 -8.85
C GLU A 54 14.89 0.82 -7.70
N THR A 55 14.42 1.10 -6.49
CA THR A 55 14.85 0.36 -5.31
C THR A 55 13.65 -0.16 -4.51
N LEU A 56 13.18 -1.35 -4.87
CA LEU A 56 12.05 -1.96 -4.19
C LEU A 56 12.38 -3.37 -3.72
N GLN A 57 13.13 -4.10 -4.54
CA GLN A 57 13.52 -5.46 -4.21
C GLN A 57 14.13 -5.52 -2.81
N PRO A 58 14.10 -6.73 -2.20
CA PRO A 58 13.53 -7.92 -2.83
C PRO A 58 12.01 -7.83 -2.96
N GLY A 59 11.35 -7.46 -1.86
CA GLY A 59 9.90 -7.36 -1.85
C GLY A 59 9.38 -6.51 -0.71
N ASP A 60 9.72 -5.22 -0.73
CA ASP A 60 9.28 -4.30 0.32
C ASP A 60 7.77 -4.34 0.47
N ASP A 61 7.30 -4.33 1.72
CA ASP A 61 5.88 -4.36 2.01
C ASP A 61 5.15 -3.24 1.27
N VAL A 62 3.96 -3.55 0.74
CA VAL A 62 3.17 -2.57 0.01
C VAL A 62 1.70 -2.64 0.42
N GLU A 63 1.00 -1.52 0.28
CA GLU A 63 -0.42 -1.47 0.63
C GLU A 63 -1.28 -1.27 -0.62
N PHE A 64 -2.57 -1.57 -0.50
CA PHE A 64 -3.49 -1.43 -1.62
C PHE A 64 -4.94 -1.55 -1.13
N THR A 65 -5.87 -1.09 -1.96
CA THR A 65 -7.29 -1.14 -1.63
C THR A 65 -8.10 -1.74 -2.78
N ILE A 66 -8.55 -2.98 -2.59
CA ILE A 66 -9.34 -3.65 -3.61
C ILE A 66 -10.72 -3.02 -3.75
N LYS A 67 -11.12 -2.75 -4.99
CA LYS A 67 -12.42 -2.14 -5.25
C LYS A 67 -13.29 -3.07 -6.09
N ASP A 68 -14.50 -2.63 -6.39
CA ASP A 68 -15.44 -3.42 -7.19
C ASP A 68 -15.08 -3.33 -8.67
N ARG A 69 -14.31 -4.30 -9.15
CA ARG A 69 -13.89 -4.32 -10.55
C ARG A 69 -14.54 -5.51 -11.28
N ASN A 70 -15.40 -5.20 -12.24
CA ASN A 70 -16.09 -6.23 -13.01
C ASN A 70 -15.08 -7.09 -13.77
N GLY A 71 -14.90 -8.33 -13.31
CA GLY A 71 -13.97 -9.23 -13.95
C GLY A 71 -13.04 -9.91 -12.95
N LYS A 72 -11.95 -9.25 -12.60
CA LYS A 72 -10.99 -9.79 -11.66
C LYS A 72 -10.70 -8.81 -10.53
N GLU A 73 -10.01 -9.27 -9.51
CA GLU A 73 -9.66 -8.43 -8.36
C GLU A 73 -8.27 -7.83 -8.53
N VAL A 74 -8.23 -6.53 -8.79
CA VAL A 74 -6.96 -5.83 -8.97
C VAL A 74 -6.82 -4.67 -7.98
N ALA A 75 -5.60 -4.41 -7.55
CA ALA A 75 -5.33 -3.35 -6.60
C ALA A 75 -5.16 -2.01 -7.32
N THR A 76 -5.67 -0.95 -6.70
CA THR A 76 -5.59 0.38 -7.28
C THR A 76 -4.83 1.34 -6.36
N ASP A 77 -3.98 2.17 -6.94
CA ASP A 77 -3.20 3.13 -6.17
C ASP A 77 -2.40 2.43 -5.08
N VAL A 78 -1.30 1.79 -5.47
CA VAL A 78 -0.46 1.08 -4.52
C VAL A 78 0.50 2.03 -3.81
N ARG A 79 0.62 1.87 -2.49
CA ARG A 79 1.50 2.72 -1.70
C ARG A 79 2.44 1.88 -0.84
N LEU A 80 3.74 2.13 -0.96
CA LEU A 80 4.73 1.40 -0.20
C LEU A 80 4.45 1.49 1.30
N LEU A 81 4.84 0.45 2.03
CA LEU A 81 4.63 0.41 3.47
C LEU A 81 5.90 0.82 4.22
N PRO A 82 5.73 1.24 5.48
CA PRO A 82 6.85 1.66 6.33
C PRO A 82 7.74 0.50 6.74
N GLN A 83 8.97 0.81 7.13
CA GLN A 83 9.92 -0.22 7.54
C GLN A 83 9.55 -0.79 8.91
N GLY A 84 8.71 -0.06 9.64
CA GLY A 84 8.30 -0.51 10.96
C GLY A 84 8.15 0.64 11.94
N THR A 85 7.50 1.71 11.49
CA THR A 85 7.30 2.88 12.33
C THR A 85 5.83 3.34 12.28
N VAL A 86 5.42 4.05 13.33
CA VAL A 86 4.04 4.54 13.41
C VAL A 86 3.95 5.99 12.91
N ILE A 87 2.83 6.32 12.29
CA ILE A 87 2.61 7.67 11.76
C ILE A 87 1.33 8.26 12.33
N PHE A 88 1.36 9.56 12.61
CA PHE A 88 0.20 10.26 13.16
C PHE A 88 -0.45 11.14 12.08
N GLU A 89 -1.78 11.12 12.03
CA GLU A 89 -2.52 11.90 11.06
C GLU A 89 -3.95 12.15 11.53
N ASP A 90 -4.62 13.11 10.90
CA ASP A 90 -6.00 13.44 11.26
C ASP A 90 -6.70 14.14 10.09
N ILE A 91 -6.08 15.19 9.58
CA ILE A 91 -6.65 15.95 8.47
C ILE A 91 -5.60 16.22 7.40
N SER A 92 -5.21 15.17 6.68
CA SER A 92 -4.22 15.30 5.62
C SER A 92 -4.82 15.95 4.38
N GLY A 93 -4.01 16.73 3.68
CA GLY A 93 -4.48 17.41 2.48
C GLY A 93 -4.68 18.89 2.69
N PRO A 94 -5.10 19.60 1.63
CA PRO A 94 -5.34 21.04 1.68
C PRO A 94 -6.57 21.40 2.53
N SER A 95 -6.53 22.57 3.15
CA SER A 95 -7.63 23.03 3.99
C SER A 95 -8.62 23.85 3.18
N SER A 96 -9.76 24.15 3.78
CA SER A 96 -10.80 24.94 3.12
C SER A 96 -11.23 26.11 3.99
N GLY A 97 -11.00 27.32 3.49
CA GLY A 97 -11.38 28.51 4.24
C GLY A 97 -10.66 29.75 3.74
N GLY A 1 -31.47 22.55 24.04
CA GLY A 1 -30.53 22.10 25.05
C GLY A 1 -31.12 21.05 25.97
N SER A 2 -31.06 19.79 25.55
CA SER A 2 -31.60 18.69 26.35
C SER A 2 -30.52 17.67 26.66
N SER A 3 -30.72 16.92 27.74
CA SER A 3 -29.76 15.90 28.16
C SER A 3 -30.42 14.53 28.20
N GLY A 4 -29.58 13.48 28.28
CA GLY A 4 -30.10 12.13 28.33
C GLY A 4 -29.80 11.35 27.06
N SER A 5 -30.85 11.05 26.29
CA SER A 5 -30.70 10.30 25.05
C SER A 5 -31.83 10.62 24.08
N SER A 6 -31.61 11.62 23.23
CA SER A 6 -32.61 12.02 22.25
C SER A 6 -31.98 12.28 20.89
N GLY A 7 -31.92 11.24 20.07
CA GLY A 7 -31.34 11.38 18.74
C GLY A 7 -30.00 10.67 18.63
N ASN A 8 -29.19 10.77 19.67
CA ASN A 8 -27.87 10.14 19.67
C ASN A 8 -27.99 8.67 20.04
N ILE A 9 -27.37 7.81 19.23
CA ILE A 9 -27.40 6.37 19.46
C ILE A 9 -26.52 5.63 18.46
N MET A 10 -26.18 4.38 18.79
CA MET A 10 -25.35 3.57 17.90
C MET A 10 -25.79 3.71 16.46
N LEU A 11 -24.84 3.61 15.53
CA LEU A 11 -25.14 3.73 14.11
C LEU A 11 -24.13 2.93 13.28
N LEU A 12 -24.64 2.18 12.31
CA LEU A 12 -23.78 1.36 11.45
C LEU A 12 -23.04 2.24 10.45
N LYS A 13 -21.81 1.86 10.14
CA LYS A 13 -20.99 2.60 9.20
C LYS A 13 -20.55 1.72 8.04
N LYS A 14 -19.97 2.33 7.01
CA LYS A 14 -19.50 1.59 5.84
C LYS A 14 -18.18 2.17 5.32
N LYS A 15 -17.25 2.41 6.23
CA LYS A 15 -15.95 2.96 5.89
C LYS A 15 -14.82 2.04 6.35
N GLN A 16 -13.59 2.50 6.18
CA GLN A 16 -12.42 1.72 6.58
C GLN A 16 -12.36 0.40 5.82
N ALA A 17 -11.52 0.34 4.80
CA ALA A 17 -11.37 -0.85 4.00
C ALA A 17 -10.06 -0.83 3.20
N ARG A 18 -9.06 -1.53 3.72
CA ARG A 18 -7.75 -1.58 3.06
C ARG A 18 -7.04 -2.89 3.38
N CYS A 19 -6.07 -3.25 2.55
CA CYS A 19 -5.31 -4.48 2.74
C CYS A 19 -3.88 -4.30 2.24
N GLN A 20 -2.92 -4.87 2.98
CA GLN A 20 -1.52 -4.79 2.62
C GLN A 20 -0.91 -6.17 2.48
N GLY A 21 0.27 -6.24 1.87
CA GLY A 21 0.94 -7.51 1.68
C GLY A 21 2.43 -7.35 1.42
N VAL A 22 2.98 -8.21 0.58
CA VAL A 22 4.40 -8.17 0.25
C VAL A 22 4.63 -8.52 -1.22
N VAL A 23 5.48 -7.73 -1.88
CA VAL A 23 5.80 -7.95 -3.28
C VAL A 23 6.38 -9.35 -3.51
N CYS A 24 5.57 -10.24 -4.05
CA CYS A 24 6.02 -11.61 -4.31
C CYS A 24 6.51 -11.76 -5.74
N ALA A 25 5.88 -11.02 -6.66
CA ALA A 25 6.26 -11.07 -8.07
C ALA A 25 6.99 -9.80 -8.48
N MET A 26 7.87 -9.92 -9.48
CA MET A 26 8.63 -8.79 -9.97
C MET A 26 8.73 -8.82 -11.49
N LYS A 27 8.26 -7.74 -12.13
CA LYS A 27 8.30 -7.65 -13.59
C LYS A 27 8.52 -6.20 -14.03
N GLU A 28 8.66 -6.01 -15.34
CA GLU A 28 8.88 -4.67 -15.89
C GLU A 28 7.59 -4.12 -16.49
N ALA A 29 6.49 -4.28 -15.76
CA ALA A 29 5.19 -3.80 -16.22
C ALA A 29 4.13 -3.96 -15.13
N PHE A 30 4.10 -5.13 -14.51
CA PHE A 30 3.13 -5.40 -13.45
C PHE A 30 3.65 -6.49 -12.52
N GLY A 31 2.96 -6.66 -11.39
CA GLY A 31 3.37 -7.66 -10.42
C GLY A 31 2.23 -8.09 -9.51
N PHE A 32 2.54 -8.94 -8.54
CA PHE A 32 1.53 -9.43 -7.60
C PHE A 32 1.96 -9.15 -6.16
N ILE A 33 1.06 -9.42 -5.22
CA ILE A 33 1.34 -9.21 -3.81
C ILE A 33 0.68 -10.28 -2.95
N GLU A 34 1.44 -10.81 -1.98
CA GLU A 34 0.93 -11.84 -1.09
C GLU A 34 0.55 -11.24 0.27
N ARG A 35 -0.44 -11.85 0.91
CA ARG A 35 -0.91 -11.38 2.21
C ARG A 35 -0.56 -12.39 3.30
N GLY A 36 -0.37 -11.89 4.52
CA GLY A 36 -0.02 -12.75 5.63
C GLY A 36 -1.25 -13.19 6.43
N ASP A 37 -1.97 -12.23 6.98
CA ASP A 37 -3.17 -12.52 7.76
C ASP A 37 -4.12 -13.43 6.98
N VAL A 38 -4.15 -13.25 5.66
CA VAL A 38 -5.01 -14.05 4.81
C VAL A 38 -4.22 -14.72 3.69
N VAL A 39 -4.92 -15.44 2.83
CA VAL A 39 -4.27 -16.13 1.71
C VAL A 39 -4.88 -15.69 0.38
N LYS A 40 -5.07 -14.39 0.21
CA LYS A 40 -5.63 -13.85 -1.01
C LYS A 40 -4.66 -12.87 -1.66
N GLU A 41 -4.42 -13.06 -2.96
CA GLU A 41 -3.51 -12.19 -3.70
C GLU A 41 -4.28 -11.34 -4.70
N ILE A 42 -3.62 -10.31 -5.23
CA ILE A 42 -4.24 -9.41 -6.19
C ILE A 42 -3.23 -8.96 -7.25
N PHE A 43 -3.74 -8.37 -8.33
CA PHE A 43 -2.88 -7.89 -9.40
C PHE A 43 -2.84 -6.37 -9.43
N PHE A 44 -1.64 -5.81 -9.43
CA PHE A 44 -1.46 -4.37 -9.45
C PHE A 44 -0.47 -3.95 -10.55
N HIS A 45 -0.60 -2.71 -11.00
CA HIS A 45 0.28 -2.19 -12.05
C HIS A 45 1.25 -1.15 -11.49
N TYR A 46 2.48 -1.17 -11.97
CA TYR A 46 3.50 -0.24 -11.51
C TYR A 46 3.08 1.20 -11.80
N SER A 47 2.27 1.39 -12.84
CA SER A 47 1.80 2.71 -13.22
C SER A 47 1.09 3.39 -12.05
N GLU A 48 0.41 2.60 -11.23
CA GLU A 48 -0.31 3.12 -10.08
C GLU A 48 0.58 3.15 -8.84
N PHE A 49 1.58 2.27 -8.82
CA PHE A 49 2.51 2.20 -7.70
C PHE A 49 3.09 3.57 -7.39
N LYS A 50 3.07 3.93 -6.11
CA LYS A 50 3.61 5.22 -5.68
C LYS A 50 4.76 5.03 -4.70
N GLY A 51 5.94 4.71 -5.24
CA GLY A 51 7.10 4.51 -4.40
C GLY A 51 8.39 4.46 -5.19
N ASP A 52 9.26 3.50 -4.87
CA ASP A 52 10.52 3.35 -5.56
C ASP A 52 10.47 2.19 -6.56
N LEU A 53 10.62 2.51 -7.83
CA LEU A 53 10.59 1.50 -8.88
C LEU A 53 11.95 0.84 -9.04
N GLU A 54 13.01 1.55 -8.66
CA GLU A 54 14.36 1.03 -8.75
C GLU A 54 14.75 0.29 -7.48
N THR A 55 14.35 0.83 -6.34
CA THR A 55 14.66 0.24 -5.04
C THR A 55 13.41 -0.34 -4.39
N LEU A 56 13.11 -1.60 -4.70
CA LEU A 56 11.94 -2.26 -4.14
C LEU A 56 12.10 -3.78 -4.17
N GLN A 57 12.91 -4.31 -3.26
CA GLN A 57 13.13 -5.74 -3.19
C GLN A 57 13.82 -6.12 -1.88
N PRO A 58 13.74 -7.42 -1.53
CA PRO A 58 13.05 -8.42 -2.34
C PRO A 58 11.53 -8.23 -2.33
N GLY A 59 10.97 -8.05 -1.14
CA GLY A 59 9.54 -7.85 -1.02
C GLY A 59 9.18 -6.82 0.03
N ASP A 60 9.27 -5.55 -0.34
CA ASP A 60 8.96 -4.46 0.58
C ASP A 60 7.46 -4.37 0.83
N ASP A 61 7.07 -4.23 2.10
CA ASP A 61 5.67 -4.13 2.46
C ASP A 61 4.96 -3.06 1.65
N VAL A 62 3.80 -3.42 1.09
CA VAL A 62 3.03 -2.47 0.28
C VAL A 62 1.55 -2.56 0.63
N GLU A 63 0.83 -1.45 0.41
CA GLU A 63 -0.60 -1.41 0.69
C GLU A 63 -1.39 -1.16 -0.58
N PHE A 64 -2.64 -1.64 -0.60
CA PHE A 64 -3.50 -1.48 -1.77
C PHE A 64 -4.97 -1.46 -1.34
N THR A 65 -5.83 -0.99 -2.25
CA THR A 65 -7.26 -0.93 -1.97
C THR A 65 -8.06 -1.77 -2.96
N ILE A 66 -8.86 -2.70 -2.44
CA ILE A 66 -9.66 -3.56 -3.27
C ILE A 66 -10.96 -2.88 -3.69
N LYS A 67 -11.18 -2.78 -5.00
CA LYS A 67 -12.38 -2.15 -5.53
C LYS A 67 -13.34 -3.19 -6.11
N ASP A 68 -14.43 -2.72 -6.70
CA ASP A 68 -15.41 -3.61 -7.30
C ASP A 68 -15.01 -4.01 -8.71
N ARG A 69 -14.96 -5.30 -8.97
CA ARG A 69 -14.58 -5.82 -10.29
C ARG A 69 -15.13 -7.22 -10.51
N ASN A 70 -16.06 -7.35 -11.44
CA ASN A 70 -16.67 -8.64 -11.74
C ASN A 70 -15.71 -9.52 -12.52
N GLY A 71 -15.17 -10.54 -11.86
CA GLY A 71 -14.24 -11.45 -12.51
C GLY A 71 -13.00 -11.70 -11.67
N LYS A 72 -12.10 -10.72 -11.65
CA LYS A 72 -10.86 -10.84 -10.89
C LYS A 72 -10.66 -9.63 -9.98
N GLU A 73 -9.95 -9.83 -8.88
CA GLU A 73 -9.69 -8.76 -7.93
C GLU A 73 -8.30 -8.16 -8.15
N VAL A 74 -8.26 -6.91 -8.58
CA VAL A 74 -6.99 -6.22 -8.82
C VAL A 74 -6.83 -5.01 -7.90
N ALA A 75 -5.60 -4.74 -7.50
CA ALA A 75 -5.30 -3.62 -6.61
C ALA A 75 -5.10 -2.34 -7.42
N THR A 76 -5.54 -1.22 -6.85
CA THR A 76 -5.41 0.07 -7.51
C THR A 76 -4.70 1.08 -6.61
N ASP A 77 -3.83 1.89 -7.21
CA ASP A 77 -3.08 2.88 -6.45
C ASP A 77 -2.33 2.25 -5.29
N VAL A 78 -1.25 1.55 -5.61
CA VAL A 78 -0.44 0.90 -4.58
C VAL A 78 0.53 1.87 -3.94
N ARG A 79 0.70 1.75 -2.63
CA ARG A 79 1.60 2.62 -1.89
C ARG A 79 2.47 1.82 -0.92
N LEU A 80 3.77 2.06 -0.97
CA LEU A 80 4.71 1.35 -0.09
C LEU A 80 4.38 1.61 1.38
N LEU A 81 4.57 0.59 2.20
CA LEU A 81 4.29 0.70 3.63
C LEU A 81 5.51 1.24 4.37
N PRO A 82 5.26 1.79 5.58
CA PRO A 82 6.33 2.35 6.42
C PRO A 82 7.24 1.27 6.98
N GLN A 83 8.44 1.67 7.39
CA GLN A 83 9.41 0.73 7.95
C GLN A 83 8.82 -0.01 9.14
N GLY A 84 9.50 -1.07 9.56
CA GLY A 84 9.02 -1.85 10.69
C GLY A 84 9.46 -1.28 12.02
N THR A 85 8.77 -0.24 12.47
CA THR A 85 9.09 0.40 13.74
C THR A 85 10.48 1.04 13.69
N VAL A 86 10.50 2.37 13.65
CA VAL A 86 11.76 3.11 13.60
C VAL A 86 11.99 3.90 14.88
N ILE A 87 13.25 4.01 15.29
CA ILE A 87 13.59 4.75 16.50
C ILE A 87 14.14 6.13 16.17
N PHE A 88 13.71 7.13 16.93
CA PHE A 88 14.17 8.50 16.71
C PHE A 88 14.98 8.99 17.91
N GLU A 89 14.88 8.27 19.02
CA GLU A 89 15.61 8.65 20.23
C GLU A 89 17.08 8.27 20.11
N ASP A 90 17.92 8.91 20.92
CA ASP A 90 19.36 8.65 20.90
C ASP A 90 19.88 8.43 22.32
N ILE A 91 19.56 9.34 23.22
CA ILE A 91 20.00 9.24 24.60
C ILE A 91 18.81 9.12 25.55
N SER A 92 17.67 9.68 25.14
CA SER A 92 16.46 9.64 25.95
C SER A 92 15.27 10.21 25.18
N GLY A 93 15.43 11.41 24.67
CA GLY A 93 14.36 12.06 23.91
C GLY A 93 13.58 13.05 24.75
N PRO A 94 14.21 14.22 25.02
CA PRO A 94 13.58 15.28 25.81
C PRO A 94 12.43 15.95 25.08
N SER A 95 11.34 16.19 25.78
CA SER A 95 10.17 16.81 25.20
C SER A 95 9.66 17.95 26.09
N SER A 96 9.06 17.59 27.22
CA SER A 96 8.53 18.57 28.15
C SER A 96 8.68 18.09 29.60
N GLY A 97 8.52 19.01 30.55
CA GLY A 97 8.64 18.65 31.95
C GLY A 97 10.07 18.73 32.44
N GLY A 1 7.45 10.20 -12.97
CA GLY A 1 7.27 9.80 -11.59
C GLY A 1 7.46 10.96 -10.63
N SER A 2 6.35 11.52 -10.16
CA SER A 2 6.40 12.65 -9.23
C SER A 2 6.33 12.16 -7.78
N SER A 3 6.69 13.03 -6.85
CA SER A 3 6.67 12.69 -5.44
C SER A 3 6.16 13.87 -4.61
N GLY A 4 6.20 13.72 -3.29
CA GLY A 4 5.74 14.77 -2.40
C GLY A 4 4.34 14.51 -1.88
N SER A 5 3.35 15.18 -2.47
CA SER A 5 1.96 15.03 -2.06
C SER A 5 1.02 15.59 -3.11
N SER A 6 -0.24 15.17 -3.06
CA SER A 6 -1.25 15.62 -4.01
C SER A 6 -2.65 15.52 -3.41
N GLY A 7 -3.59 16.26 -3.99
CA GLY A 7 -4.95 16.24 -3.51
C GLY A 7 -5.85 15.34 -4.33
N ASN A 8 -6.60 14.48 -3.66
CA ASN A 8 -7.51 13.56 -4.35
C ASN A 8 -8.96 13.99 -4.16
N ILE A 9 -9.34 14.24 -2.91
CA ILE A 9 -10.70 14.66 -2.60
C ILE A 9 -10.86 14.99 -1.13
N MET A 10 -11.91 15.72 -0.79
CA MET A 10 -12.17 16.10 0.59
C MET A 10 -11.91 14.93 1.54
N LEU A 11 -11.47 15.25 2.75
CA LEU A 11 -11.18 14.22 3.74
C LEU A 11 -12.45 13.48 4.14
N LEU A 12 -12.31 12.46 4.99
CA LEU A 12 -13.44 11.68 5.45
C LEU A 12 -13.12 10.97 6.76
N LYS A 13 -14.12 10.31 7.33
CA LYS A 13 -13.94 9.59 8.60
C LYS A 13 -14.17 8.09 8.40
N LYS A 14 -14.10 7.34 9.49
CA LYS A 14 -14.31 5.90 9.44
C LYS A 14 -13.31 5.25 8.48
N LYS A 15 -13.39 3.92 8.36
CA LYS A 15 -12.51 3.17 7.49
C LYS A 15 -13.29 2.51 6.35
N GLN A 16 -12.60 2.20 5.27
CA GLN A 16 -13.24 1.56 4.11
C GLN A 16 -12.56 0.23 3.79
N ALA A 17 -12.01 -0.42 4.81
CA ALA A 17 -11.34 -1.70 4.63
C ALA A 17 -10.12 -1.55 3.73
N ARG A 18 -9.22 -2.53 3.81
CA ARG A 18 -8.00 -2.51 3.00
C ARG A 18 -7.30 -3.86 3.05
N CYS A 19 -6.20 -3.97 2.31
CA CYS A 19 -5.44 -5.22 2.25
C CYS A 19 -3.98 -4.94 1.90
N GLN A 20 -3.08 -5.39 2.77
CA GLN A 20 -1.64 -5.20 2.54
C GLN A 20 -0.90 -6.53 2.59
N GLY A 21 0.33 -6.53 2.08
CA GLY A 21 1.13 -7.74 2.09
C GLY A 21 2.56 -7.49 1.64
N VAL A 22 3.19 -8.53 1.09
CA VAL A 22 4.56 -8.42 0.62
C VAL A 22 4.66 -8.76 -0.87
N VAL A 23 5.31 -7.87 -1.63
CA VAL A 23 5.47 -8.07 -3.06
C VAL A 23 6.05 -9.46 -3.36
N CYS A 24 5.20 -10.37 -3.81
CA CYS A 24 5.63 -11.73 -4.13
C CYS A 24 6.28 -11.78 -5.50
N ALA A 25 5.54 -11.40 -6.53
CA ALA A 25 6.04 -11.40 -7.89
C ALA A 25 6.71 -10.07 -8.23
N MET A 26 7.85 -10.16 -8.91
CA MET A 26 8.59 -8.96 -9.30
C MET A 26 8.94 -8.99 -10.79
N LYS A 27 8.32 -8.09 -11.55
CA LYS A 27 8.57 -8.02 -12.99
C LYS A 27 8.81 -6.57 -13.42
N GLU A 28 9.14 -6.39 -14.70
CA GLU A 28 9.39 -5.07 -15.23
C GLU A 28 8.15 -4.50 -15.91
N ALA A 29 7.01 -4.65 -15.24
CA ALA A 29 5.74 -4.15 -15.77
C ALA A 29 4.62 -4.31 -14.75
N PHE A 30 4.58 -5.47 -14.11
CA PHE A 30 3.55 -5.75 -13.11
C PHE A 30 4.03 -6.81 -12.11
N GLY A 31 3.26 -6.99 -11.05
CA GLY A 31 3.63 -7.97 -10.03
C GLY A 31 2.45 -8.41 -9.19
N PHE A 32 2.72 -9.07 -8.08
CA PHE A 32 1.68 -9.55 -7.19
C PHE A 32 2.04 -9.28 -5.73
N ILE A 33 1.11 -9.57 -4.83
CA ILE A 33 1.33 -9.36 -3.41
C ILE A 33 0.82 -10.54 -2.59
N GLU A 34 1.67 -11.06 -1.70
CA GLU A 34 1.31 -12.19 -0.87
C GLU A 34 0.40 -11.75 0.28
N ARG A 35 -0.79 -12.33 0.35
CA ARG A 35 -1.76 -11.99 1.39
C ARG A 35 -1.12 -12.13 2.77
N GLY A 36 -1.67 -11.40 3.74
CA GLY A 36 -1.15 -11.45 5.09
C GLY A 36 -2.23 -11.70 6.12
N ASP A 37 -3.40 -11.12 5.91
CA ASP A 37 -4.52 -11.28 6.83
C ASP A 37 -5.63 -12.10 6.19
N VAL A 38 -5.86 -11.87 4.90
CA VAL A 38 -6.90 -12.58 4.17
C VAL A 38 -6.30 -13.71 3.33
N VAL A 39 -7.16 -14.39 2.58
CA VAL A 39 -6.71 -15.50 1.73
C VAL A 39 -7.03 -15.23 0.26
N LYS A 40 -6.74 -14.02 -0.18
CA LYS A 40 -6.99 -13.63 -1.57
C LYS A 40 -5.84 -12.78 -2.11
N GLU A 41 -5.52 -12.98 -3.39
CA GLU A 41 -4.45 -12.23 -4.03
C GLU A 41 -5.01 -11.17 -4.97
N ILE A 42 -4.16 -10.23 -5.38
CA ILE A 42 -4.58 -9.16 -6.28
C ILE A 42 -3.48 -8.85 -7.30
N PHE A 43 -3.84 -8.09 -8.33
CA PHE A 43 -2.89 -7.72 -9.37
C PHE A 43 -2.72 -6.20 -9.44
N PHE A 44 -1.48 -5.75 -9.35
CA PHE A 44 -1.18 -4.32 -9.40
C PHE A 44 -0.17 -4.01 -10.51
N HIS A 45 -0.34 -2.86 -11.14
CA HIS A 45 0.55 -2.44 -12.22
C HIS A 45 1.58 -1.43 -11.72
N TYR A 46 2.76 -1.45 -12.32
CA TYR A 46 3.82 -0.53 -11.94
C TYR A 46 3.40 0.92 -12.13
N SER A 47 2.48 1.14 -13.06
CA SER A 47 1.98 2.48 -13.34
C SER A 47 1.21 3.04 -12.16
N GLU A 48 0.43 2.18 -11.51
CA GLU A 48 -0.36 2.58 -10.35
C GLU A 48 0.51 2.66 -9.10
N PHE A 49 1.59 1.88 -9.08
CA PHE A 49 2.50 1.87 -7.94
C PHE A 49 2.93 3.28 -7.57
N LYS A 50 2.83 3.60 -6.29
CA LYS A 50 3.22 4.92 -5.80
C LYS A 50 4.37 4.82 -4.80
N GLY A 51 5.58 4.64 -5.32
CA GLY A 51 6.75 4.53 -4.47
C GLY A 51 8.05 4.61 -5.25
N ASP A 52 9.03 3.83 -4.82
CA ASP A 52 10.33 3.81 -5.48
C ASP A 52 10.36 2.77 -6.61
N LEU A 53 10.49 3.24 -7.84
CA LEU A 53 10.52 2.35 -8.99
C LEU A 53 11.94 1.81 -9.22
N GLU A 54 12.93 2.54 -8.73
CA GLU A 54 14.32 2.13 -8.88
C GLU A 54 14.76 1.27 -7.70
N THR A 55 14.31 1.64 -6.51
CA THR A 55 14.65 0.90 -5.30
C THR A 55 13.44 0.18 -4.73
N LEU A 56 13.22 -1.06 -5.19
CA LEU A 56 12.10 -1.86 -4.73
C LEU A 56 12.42 -3.35 -4.81
N GLN A 57 13.17 -3.84 -3.83
CA GLN A 57 13.55 -5.25 -3.80
C GLN A 57 14.00 -5.65 -2.40
N PRO A 58 14.00 -6.97 -2.13
CA PRO A 58 13.59 -7.98 -3.11
C PRO A 58 12.09 -7.93 -3.39
N GLY A 59 11.34 -7.28 -2.51
CA GLY A 59 9.91 -7.17 -2.67
C GLY A 59 9.30 -6.10 -1.80
N ASP A 60 9.69 -6.08 -0.54
CA ASP A 60 9.18 -5.09 0.42
C ASP A 60 7.66 -5.25 0.59
N ASP A 61 7.13 -4.59 1.61
CA ASP A 61 5.70 -4.65 1.89
C ASP A 61 4.96 -3.51 1.19
N VAL A 62 3.74 -3.78 0.76
CA VAL A 62 2.93 -2.77 0.09
C VAL A 62 1.49 -2.79 0.58
N GLU A 63 0.78 -1.69 0.37
CA GLU A 63 -0.61 -1.59 0.80
C GLU A 63 -1.51 -1.15 -0.36
N PHE A 64 -2.77 -1.57 -0.33
CA PHE A 64 -3.73 -1.21 -1.37
C PHE A 64 -5.16 -1.28 -0.84
N THR A 65 -6.11 -0.83 -1.66
CA THR A 65 -7.50 -0.85 -1.27
C THR A 65 -8.38 -1.47 -2.36
N ILE A 66 -9.18 -2.46 -1.98
CA ILE A 66 -10.05 -3.13 -2.93
C ILE A 66 -11.46 -2.54 -2.90
N LYS A 67 -11.91 -2.03 -4.04
CA LYS A 67 -13.23 -1.43 -4.16
C LYS A 67 -14.24 -2.43 -4.73
N ASP A 68 -14.07 -2.74 -6.01
CA ASP A 68 -14.96 -3.69 -6.68
C ASP A 68 -14.52 -3.92 -8.13
N ARG A 69 -14.64 -5.16 -8.59
CA ARG A 69 -14.26 -5.50 -9.95
C ARG A 69 -14.69 -6.92 -10.30
N ASN A 70 -15.79 -7.05 -11.04
CA ASN A 70 -16.30 -8.35 -11.43
C ASN A 70 -15.29 -9.10 -12.28
N GLY A 71 -15.03 -10.35 -11.92
CA GLY A 71 -14.08 -11.16 -12.66
C GLY A 71 -12.74 -11.27 -11.97
N LYS A 72 -11.97 -10.19 -11.99
CA LYS A 72 -10.65 -10.19 -11.35
C LYS A 72 -10.52 -8.98 -10.42
N GLU A 73 -9.75 -9.16 -9.35
CA GLU A 73 -9.53 -8.09 -8.38
C GLU A 73 -8.16 -7.45 -8.57
N VAL A 74 -8.15 -6.18 -8.97
CA VAL A 74 -6.91 -5.46 -9.19
C VAL A 74 -6.76 -4.31 -8.20
N ALA A 75 -5.57 -4.17 -7.64
CA ALA A 75 -5.30 -3.10 -6.69
C ALA A 75 -4.89 -1.82 -7.39
N THR A 76 -5.47 -0.69 -6.96
CA THR A 76 -5.17 0.60 -7.56
C THR A 76 -4.48 1.52 -6.56
N ASP A 77 -3.55 2.33 -7.04
CA ASP A 77 -2.82 3.26 -6.18
C ASP A 77 -2.17 2.53 -5.01
N VAL A 78 -1.13 1.75 -5.32
CA VAL A 78 -0.42 1.00 -4.29
C VAL A 78 0.60 1.87 -3.57
N ARG A 79 0.64 1.76 -2.24
CA ARG A 79 1.56 2.54 -1.44
C ARG A 79 2.49 1.63 -0.63
N LEU A 80 3.80 1.86 -0.78
CA LEU A 80 4.79 1.06 -0.07
C LEU A 80 4.60 1.16 1.45
N LEU A 81 4.67 0.02 2.13
CA LEU A 81 4.51 -0.01 3.58
C LEU A 81 5.80 0.36 4.28
N PRO A 82 5.69 0.79 5.55
CA PRO A 82 6.84 1.17 6.36
C PRO A 82 7.73 -0.01 6.73
N GLN A 83 9.01 0.25 6.97
CA GLN A 83 9.95 -0.80 7.34
C GLN A 83 9.60 -1.41 8.68
N GLY A 84 10.31 -2.46 9.06
CA GLY A 84 10.05 -3.12 10.32
C GLY A 84 10.91 -2.58 11.45
N THR A 85 12.16 -2.25 11.14
CA THR A 85 13.08 -1.72 12.13
C THR A 85 12.96 -0.20 12.23
N VAL A 86 12.41 0.28 13.34
CA VAL A 86 12.24 1.71 13.56
C VAL A 86 12.68 2.10 14.97
N ILE A 87 13.16 3.32 15.10
CA ILE A 87 13.61 3.83 16.40
C ILE A 87 12.48 4.48 17.17
N PHE A 88 12.50 4.33 18.49
CA PHE A 88 11.47 4.90 19.35
C PHE A 88 11.60 6.42 19.43
N GLU A 89 10.48 7.12 19.41
CA GLU A 89 10.47 8.57 19.48
C GLU A 89 11.17 9.17 18.27
N ASP A 90 11.22 10.50 18.23
CA ASP A 90 11.87 11.21 17.12
C ASP A 90 12.59 12.45 17.63
N ILE A 91 11.82 13.47 17.99
CA ILE A 91 12.39 14.72 18.49
C ILE A 91 11.60 15.24 19.69
N SER A 92 11.22 14.33 20.57
CA SER A 92 10.45 14.70 21.76
C SER A 92 11.21 14.33 23.03
N GLY A 93 10.85 14.97 24.14
CA GLY A 93 11.52 14.69 25.40
C GLY A 93 11.61 15.90 26.29
N PRO A 94 10.45 16.38 26.78
CA PRO A 94 10.38 17.55 27.66
C PRO A 94 10.97 17.28 29.04
N SER A 95 11.51 18.33 29.66
CA SER A 95 12.11 18.21 30.98
C SER A 95 11.10 18.52 32.07
N SER A 96 10.61 19.76 32.08
CA SER A 96 9.63 20.18 33.08
C SER A 96 8.21 19.86 32.62
N GLY A 97 7.81 20.44 31.50
CA GLY A 97 6.48 20.21 30.97
C GLY A 97 5.53 21.35 31.25
N GLY A 1 -1.57 28.03 27.60
CA GLY A 1 -2.14 27.95 26.26
C GLY A 1 -3.16 26.84 26.12
N SER A 2 -2.92 25.94 25.17
CA SER A 2 -3.81 24.83 24.92
C SER A 2 -5.23 25.32 24.63
N SER A 3 -5.50 25.60 23.36
CA SER A 3 -6.82 26.09 22.95
C SER A 3 -7.48 25.12 21.99
N GLY A 4 -8.66 24.65 22.36
CA GLY A 4 -9.39 23.71 21.52
C GLY A 4 -10.82 23.50 21.99
N SER A 5 -11.43 24.55 22.53
CA SER A 5 -12.80 24.47 23.02
C SER A 5 -13.79 24.47 21.86
N SER A 6 -13.74 25.51 21.04
CA SER A 6 -14.63 25.63 19.90
C SER A 6 -16.09 25.65 20.35
N GLY A 7 -17.00 25.85 19.39
CA GLY A 7 -18.41 25.88 19.72
C GLY A 7 -19.28 25.99 18.48
N ASN A 8 -19.03 25.11 17.51
CA ASN A 8 -19.80 25.11 16.26
C ASN A 8 -20.50 23.77 16.07
N ILE A 9 -19.73 22.71 15.97
CA ILE A 9 -20.28 21.37 15.78
C ILE A 9 -19.21 20.30 15.97
N MET A 10 -19.61 19.17 16.57
CA MET A 10 -18.69 18.07 16.80
C MET A 10 -17.94 17.70 15.52
N LEU A 11 -16.66 17.37 15.68
CA LEU A 11 -15.83 16.99 14.54
C LEU A 11 -14.96 15.78 14.87
N LEU A 12 -15.17 14.69 14.13
CA LEU A 12 -14.41 13.47 14.35
C LEU A 12 -14.23 12.70 13.04
N LYS A 13 -13.23 11.83 13.00
CA LYS A 13 -12.96 11.03 11.81
C LYS A 13 -13.08 9.54 12.13
N LYS A 14 -13.96 8.86 11.42
CA LYS A 14 -14.16 7.43 11.61
C LYS A 14 -14.15 6.69 10.28
N LYS A 15 -13.09 5.94 10.03
CA LYS A 15 -12.95 5.17 8.80
C LYS A 15 -11.83 4.15 8.89
N GLN A 16 -11.98 3.04 8.19
CA GLN A 16 -10.96 1.99 8.20
C GLN A 16 -11.27 0.92 7.16
N ALA A 17 -10.52 0.93 6.07
CA ALA A 17 -10.72 -0.03 4.99
C ALA A 17 -9.51 -0.07 4.06
N ARG A 18 -8.69 -1.10 4.21
CA ARG A 18 -7.50 -1.26 3.39
C ARG A 18 -6.83 -2.61 3.65
N CYS A 19 -5.87 -2.95 2.80
CA CYS A 19 -5.15 -4.21 2.94
C CYS A 19 -3.72 -4.08 2.42
N GLN A 20 -2.78 -4.71 3.12
CA GLN A 20 -1.37 -4.66 2.74
C GLN A 20 -0.81 -6.07 2.55
N GLY A 21 0.37 -6.14 1.96
CA GLY A 21 1.01 -7.44 1.73
C GLY A 21 2.49 -7.32 1.45
N VAL A 22 3.01 -8.22 0.62
CA VAL A 22 4.43 -8.20 0.27
C VAL A 22 4.63 -8.55 -1.20
N VAL A 23 5.44 -7.74 -1.88
CA VAL A 23 5.73 -7.96 -3.29
C VAL A 23 6.45 -9.28 -3.51
N CYS A 24 5.70 -10.29 -3.97
CA CYS A 24 6.27 -11.60 -4.23
C CYS A 24 6.76 -11.72 -5.67
N ALA A 25 6.01 -11.14 -6.60
CA ALA A 25 6.36 -11.17 -8.01
C ALA A 25 7.04 -9.87 -8.43
N MET A 26 7.97 -9.98 -9.38
CA MET A 26 8.70 -8.82 -9.88
C MET A 26 8.82 -8.86 -11.41
N LYS A 27 8.36 -7.80 -12.07
CA LYS A 27 8.41 -7.72 -13.51
C LYS A 27 8.62 -6.28 -13.97
N GLU A 28 8.80 -6.10 -15.27
CA GLU A 28 9.01 -4.77 -15.83
C GLU A 28 7.70 -4.20 -16.40
N ALA A 29 6.59 -4.53 -15.75
CA ALA A 29 5.28 -4.06 -16.20
C ALA A 29 4.25 -4.18 -15.08
N PHE A 30 4.17 -5.36 -14.49
CA PHE A 30 3.22 -5.62 -13.41
C PHE A 30 3.71 -6.75 -12.52
N GLY A 31 3.06 -6.90 -11.36
CA GLY A 31 3.44 -7.95 -10.43
C GLY A 31 2.27 -8.40 -9.56
N PHE A 32 2.58 -9.21 -8.55
CA PHE A 32 1.55 -9.72 -7.64
C PHE A 32 2.01 -9.61 -6.20
N ILE A 33 1.04 -9.52 -5.28
CA ILE A 33 1.34 -9.42 -3.87
C ILE A 33 0.91 -10.67 -3.11
N GLU A 34 1.70 -11.04 -2.10
CA GLU A 34 1.40 -12.23 -1.31
C GLU A 34 0.59 -11.86 -0.08
N ARG A 35 -0.53 -12.55 0.12
CA ARG A 35 -1.39 -12.28 1.26
C ARG A 35 -0.63 -12.43 2.58
N GLY A 36 -1.28 -12.11 3.68
CA GLY A 36 -0.64 -12.20 4.97
C GLY A 36 -1.61 -12.58 6.07
N ASP A 37 -2.74 -13.17 5.69
CA ASP A 37 -3.76 -13.59 6.65
C ASP A 37 -4.94 -14.24 5.94
N VAL A 38 -5.30 -13.71 4.77
CA VAL A 38 -6.41 -14.25 4.00
C VAL A 38 -5.93 -15.31 3.01
N VAL A 39 -6.85 -15.81 2.19
CA VAL A 39 -6.52 -16.82 1.20
C VAL A 39 -6.89 -16.36 -0.20
N LYS A 40 -6.55 -15.12 -0.53
CA LYS A 40 -6.84 -14.56 -1.84
C LYS A 40 -5.68 -13.72 -2.34
N GLU A 41 -5.70 -13.41 -3.64
CA GLU A 41 -4.64 -12.61 -4.25
C GLU A 41 -5.22 -11.50 -5.13
N ILE A 42 -4.38 -10.56 -5.52
CA ILE A 42 -4.81 -9.45 -6.36
C ILE A 42 -3.74 -9.07 -7.36
N PHE A 43 -4.11 -8.26 -8.35
CA PHE A 43 -3.17 -7.81 -9.37
C PHE A 43 -3.01 -6.30 -9.33
N PHE A 44 -1.77 -5.83 -9.47
CA PHE A 44 -1.48 -4.41 -9.45
C PHE A 44 -0.47 -4.04 -10.53
N HIS A 45 -0.54 -2.81 -11.02
CA HIS A 45 0.36 -2.33 -12.06
C HIS A 45 1.35 -1.32 -11.48
N TYR A 46 2.62 -1.45 -11.88
CA TYR A 46 3.66 -0.55 -11.40
C TYR A 46 3.33 0.90 -11.76
N SER A 47 2.59 1.08 -12.85
CA SER A 47 2.20 2.41 -13.30
C SER A 47 1.47 3.17 -12.20
N GLU A 48 0.77 2.43 -11.35
CA GLU A 48 0.02 3.03 -10.24
C GLU A 48 0.87 3.09 -8.98
N PHE A 49 1.82 2.16 -8.87
CA PHE A 49 2.70 2.11 -7.71
C PHE A 49 3.37 3.46 -7.47
N LYS A 50 3.17 4.00 -6.28
CA LYS A 50 3.75 5.28 -5.91
C LYS A 50 4.85 5.11 -4.87
N GLY A 51 6.03 4.69 -5.32
CA GLY A 51 7.15 4.48 -4.41
C GLY A 51 8.48 4.47 -5.12
N ASP A 52 9.41 3.66 -4.62
CA ASP A 52 10.73 3.56 -5.22
C ASP A 52 10.79 2.41 -6.21
N LEU A 53 10.55 2.71 -7.48
CA LEU A 53 10.57 1.69 -8.53
C LEU A 53 11.99 1.16 -8.75
N GLU A 54 12.97 1.98 -8.40
CA GLU A 54 14.37 1.60 -8.56
C GLU A 54 14.82 0.67 -7.43
N THR A 55 14.32 0.95 -6.22
CA THR A 55 14.67 0.15 -5.06
C THR A 55 13.42 -0.32 -4.32
N LEU A 56 12.89 -1.48 -4.73
CA LEU A 56 11.70 -2.03 -4.11
C LEU A 56 11.96 -3.44 -3.59
N GLN A 57 12.77 -4.20 -4.33
CA GLN A 57 13.10 -5.57 -3.94
C GLN A 57 13.80 -5.59 -2.59
N PRO A 58 13.81 -6.77 -1.95
CA PRO A 58 13.18 -7.99 -2.51
C PRO A 58 11.66 -7.89 -2.53
N GLY A 59 11.08 -7.49 -1.40
CA GLY A 59 9.63 -7.37 -1.31
C GLY A 59 9.20 -6.42 -0.21
N ASP A 60 9.55 -5.15 -0.35
CA ASP A 60 9.19 -4.15 0.65
C ASP A 60 7.67 -4.12 0.87
N ASP A 61 7.27 -3.97 2.12
CA ASP A 61 5.85 -3.92 2.47
C ASP A 61 5.12 -2.89 1.62
N VAL A 62 3.91 -3.23 1.20
CA VAL A 62 3.11 -2.33 0.39
C VAL A 62 1.63 -2.37 0.80
N GLU A 63 0.89 -1.34 0.44
CA GLU A 63 -0.53 -1.26 0.77
C GLU A 63 -1.37 -1.05 -0.48
N PHE A 64 -2.59 -1.58 -0.45
CA PHE A 64 -3.50 -1.45 -1.59
C PHE A 64 -4.96 -1.40 -1.12
N THR A 65 -5.87 -1.17 -2.06
CA THR A 65 -7.29 -1.09 -1.74
C THR A 65 -8.10 -2.01 -2.65
N ILE A 66 -8.95 -2.83 -2.05
CA ILE A 66 -9.79 -3.75 -2.81
C ILE A 66 -11.12 -3.11 -3.19
N LYS A 67 -11.55 -3.32 -4.43
CA LYS A 67 -12.81 -2.76 -4.91
C LYS A 67 -13.77 -3.88 -5.32
N ASP A 68 -14.95 -3.48 -5.77
CA ASP A 68 -15.97 -4.44 -6.20
C ASP A 68 -15.83 -4.76 -7.68
N ARG A 69 -15.72 -6.04 -8.00
CA ARG A 69 -15.58 -6.48 -9.39
C ARG A 69 -15.96 -7.94 -9.53
N ASN A 70 -17.04 -8.20 -10.28
CA ASN A 70 -17.51 -9.56 -10.49
C ASN A 70 -16.41 -10.43 -11.08
N GLY A 71 -15.86 -11.33 -10.26
CA GLY A 71 -14.81 -12.21 -10.73
C GLY A 71 -13.63 -12.24 -9.77
N LYS A 72 -12.68 -11.34 -9.98
CA LYS A 72 -11.49 -11.27 -9.14
C LYS A 72 -11.33 -9.87 -8.54
N GLU A 73 -10.41 -9.74 -7.58
CA GLU A 73 -10.17 -8.45 -6.94
C GLU A 73 -8.79 -7.91 -7.31
N VAL A 74 -8.77 -6.73 -7.92
CA VAL A 74 -7.53 -6.10 -8.33
C VAL A 74 -7.21 -4.89 -7.47
N ALA A 75 -5.92 -4.63 -7.26
CA ALA A 75 -5.49 -3.50 -6.45
C ALA A 75 -5.17 -2.29 -7.32
N THR A 76 -5.51 -1.10 -6.83
CA THR A 76 -5.26 0.12 -7.58
C THR A 76 -4.54 1.16 -6.71
N ASP A 77 -3.62 1.89 -7.33
CA ASP A 77 -2.85 2.91 -6.61
C ASP A 77 -2.16 2.31 -5.38
N VAL A 78 -1.08 1.57 -5.63
CA VAL A 78 -0.34 0.94 -4.55
C VAL A 78 0.63 1.93 -3.91
N ARG A 79 0.68 1.92 -2.57
CA ARG A 79 1.56 2.82 -1.83
C ARG A 79 2.46 2.04 -0.88
N LEU A 80 3.76 2.28 -0.96
CA LEU A 80 4.72 1.59 -0.10
C LEU A 80 4.38 1.80 1.38
N LEU A 81 4.73 0.83 2.20
CA LEU A 81 4.47 0.92 3.64
C LEU A 81 5.70 1.42 4.39
N PRO A 82 5.47 1.94 5.60
CA PRO A 82 6.55 2.46 6.45
C PRO A 82 7.45 1.36 6.98
N GLN A 83 8.69 1.71 7.32
CA GLN A 83 9.65 0.76 7.84
C GLN A 83 10.77 1.46 8.59
N GLY A 84 11.45 0.73 9.47
CA GLY A 84 12.53 1.31 10.24
C GLY A 84 12.55 0.81 11.67
N THR A 85 13.68 0.24 12.09
CA THR A 85 13.82 -0.28 13.44
C THR A 85 12.85 -1.42 13.70
N VAL A 86 12.97 -2.04 14.87
CA VAL A 86 12.10 -3.15 15.24
C VAL A 86 10.96 -2.66 16.14
N ILE A 87 9.81 -3.31 16.03
CA ILE A 87 8.64 -2.95 16.83
C ILE A 87 8.58 -3.79 18.10
N PHE A 88 8.13 -3.17 19.19
CA PHE A 88 8.01 -3.86 20.47
C PHE A 88 7.09 -5.08 20.35
N GLU A 89 7.03 -5.87 21.41
CA GLU A 89 6.19 -7.06 21.42
C GLU A 89 5.50 -7.23 22.77
N ASP A 90 4.71 -8.28 22.89
CA ASP A 90 3.98 -8.55 24.13
C ASP A 90 3.35 -9.94 24.10
N ILE A 91 4.05 -10.92 24.66
CA ILE A 91 3.55 -12.28 24.69
C ILE A 91 3.33 -12.76 26.12
N SER A 92 3.00 -11.82 27.00
CA SER A 92 2.77 -12.13 28.40
C SER A 92 2.11 -10.96 29.12
N GLY A 93 1.14 -11.26 29.97
CA GLY A 93 0.45 -10.22 30.71
C GLY A 93 -1.01 -10.53 30.94
N PRO A 94 -1.30 -11.46 31.87
CA PRO A 94 -2.67 -11.87 32.20
C PRO A 94 -3.44 -10.77 32.91
N SER A 95 -4.77 -10.91 32.92
CA SER A 95 -5.63 -9.92 33.56
C SER A 95 -6.58 -10.59 34.55
N SER A 96 -6.46 -10.24 35.82
CA SER A 96 -7.30 -10.80 36.86
C SER A 96 -7.48 -9.81 38.00
N GLY A 97 -8.46 -10.09 38.86
CA GLY A 97 -8.74 -9.22 39.99
C GLY A 97 -7.91 -9.57 41.20
N GLY A 1 -40.36 28.09 -1.77
CA GLY A 1 -40.23 26.74 -2.30
C GLY A 1 -40.14 25.70 -1.21
N SER A 2 -40.55 24.47 -1.53
CA SER A 2 -40.53 23.38 -0.57
C SER A 2 -39.39 22.40 -0.88
N SER A 3 -39.24 21.39 -0.04
CA SER A 3 -38.19 20.39 -0.21
C SER A 3 -38.76 18.98 -0.09
N GLY A 4 -38.91 18.31 -1.22
CA GLY A 4 -39.43 16.96 -1.22
C GLY A 4 -38.48 15.96 -0.60
N SER A 5 -37.75 15.22 -1.44
CA SER A 5 -36.80 14.24 -0.96
C SER A 5 -35.80 13.86 -2.05
N SER A 6 -34.54 13.74 -1.67
CA SER A 6 -33.48 13.40 -2.61
C SER A 6 -33.79 12.07 -3.31
N GLY A 7 -33.93 11.01 -2.51
CA GLY A 7 -34.23 9.70 -3.06
C GLY A 7 -33.03 8.76 -2.98
N ASN A 8 -32.73 8.30 -1.77
CA ASN A 8 -31.61 7.40 -1.56
C ASN A 8 -31.70 6.72 -0.20
N ILE A 9 -31.03 5.58 -0.06
CA ILE A 9 -31.04 4.84 1.20
C ILE A 9 -29.84 3.91 1.30
N MET A 10 -29.29 3.77 2.50
CA MET A 10 -28.13 2.91 2.73
C MET A 10 -28.37 1.52 2.15
N LEU A 11 -27.32 0.92 1.61
CA LEU A 11 -27.42 -0.41 1.03
C LEU A 11 -27.56 -1.48 2.12
N LEU A 12 -26.58 -1.52 3.02
CA LEU A 12 -26.59 -2.49 4.11
C LEU A 12 -25.51 -2.17 5.13
N LYS A 13 -25.53 -2.89 6.25
CA LYS A 13 -24.55 -2.69 7.31
C LYS A 13 -23.18 -3.24 6.90
N LYS A 14 -22.38 -2.40 6.24
CA LYS A 14 -21.06 -2.79 5.79
C LYS A 14 -20.12 -1.59 5.72
N LYS A 15 -18.83 -1.84 5.84
CA LYS A 15 -17.84 -0.77 5.78
C LYS A 15 -16.64 -1.19 4.94
N GLN A 16 -15.97 -0.21 4.34
CA GLN A 16 -14.80 -0.47 3.51
C GLN A 16 -13.67 -1.08 4.33
N ALA A 17 -12.68 -1.66 3.64
CA ALA A 17 -11.55 -2.26 4.31
C ALA A 17 -10.32 -2.26 3.40
N ARG A 18 -9.15 -2.08 4.01
CA ARG A 18 -7.89 -2.06 3.26
C ARG A 18 -7.23 -3.43 3.27
N CYS A 19 -6.15 -3.57 2.51
CA CYS A 19 -5.43 -4.83 2.44
C CYS A 19 -3.98 -4.60 2.02
N GLN A 20 -3.06 -5.25 2.73
CA GLN A 20 -1.64 -5.10 2.44
C GLN A 20 -0.91 -6.43 2.62
N GLY A 21 0.32 -6.50 2.13
CA GLY A 21 1.11 -7.72 2.25
C GLY A 21 2.56 -7.51 1.89
N VAL A 22 3.08 -8.37 1.00
CA VAL A 22 4.47 -8.27 0.57
C VAL A 22 4.62 -8.65 -0.90
N VAL A 23 5.30 -7.80 -1.66
CA VAL A 23 5.51 -8.05 -3.08
C VAL A 23 6.08 -9.44 -3.32
N CYS A 24 5.24 -10.34 -3.81
CA CYS A 24 5.66 -11.71 -4.08
C CYS A 24 6.26 -11.83 -5.48
N ALA A 25 5.53 -11.34 -6.47
CA ALA A 25 5.98 -11.39 -7.85
C ALA A 25 6.80 -10.15 -8.21
N MET A 26 7.85 -10.34 -8.99
CA MET A 26 8.71 -9.24 -9.41
C MET A 26 8.93 -9.25 -10.92
N LYS A 27 8.30 -8.31 -11.61
CA LYS A 27 8.42 -8.21 -13.06
C LYS A 27 8.81 -6.79 -13.48
N GLU A 28 9.05 -6.62 -14.77
CA GLU A 28 9.42 -5.31 -15.30
C GLU A 28 8.22 -4.59 -15.90
N ALA A 29 7.11 -4.60 -15.17
CA ALA A 29 5.88 -3.95 -15.62
C ALA A 29 4.78 -4.08 -14.58
N PHE A 30 4.72 -5.22 -13.92
CA PHE A 30 3.70 -5.47 -12.89
C PHE A 30 4.18 -6.51 -11.89
N GLY A 31 3.42 -6.67 -10.81
CA GLY A 31 3.79 -7.64 -9.79
C GLY A 31 2.58 -8.13 -9.00
N PHE A 32 2.84 -8.88 -7.94
CA PHE A 32 1.77 -9.41 -7.11
C PHE A 32 2.07 -9.18 -5.62
N ILE A 33 1.10 -9.49 -4.78
CA ILE A 33 1.25 -9.32 -3.34
C ILE A 33 0.71 -10.51 -2.58
N GLU A 34 1.52 -11.07 -1.69
CA GLU A 34 1.11 -12.22 -0.89
C GLU A 34 0.14 -11.80 0.21
N ARG A 35 -1.08 -12.34 0.15
CA ARG A 35 -2.10 -12.03 1.15
C ARG A 35 -1.57 -12.23 2.56
N GLY A 36 -2.29 -11.69 3.55
CA GLY A 36 -1.87 -11.84 4.93
C GLY A 36 -3.04 -12.08 5.86
N ASP A 37 -4.13 -11.35 5.64
CA ASP A 37 -5.33 -11.50 6.47
C ASP A 37 -6.35 -12.40 5.79
N VAL A 38 -6.41 -12.33 4.46
CA VAL A 38 -7.35 -13.13 3.69
C VAL A 38 -6.62 -14.19 2.86
N VAL A 39 -7.38 -15.00 2.14
CA VAL A 39 -6.81 -16.04 1.30
C VAL A 39 -7.06 -15.76 -0.17
N LYS A 40 -6.83 -14.53 -0.58
CA LYS A 40 -7.04 -14.13 -1.97
C LYS A 40 -5.92 -13.19 -2.44
N GLU A 41 -5.47 -13.38 -3.68
CA GLU A 41 -4.41 -12.55 -4.24
C GLU A 41 -4.99 -11.51 -5.18
N ILE A 42 -4.16 -10.53 -5.55
CA ILE A 42 -4.58 -9.47 -6.45
C ILE A 42 -3.45 -9.05 -7.39
N PHE A 43 -3.80 -8.29 -8.42
CA PHE A 43 -2.81 -7.83 -9.39
C PHE A 43 -2.71 -6.31 -9.39
N PHE A 44 -1.49 -5.80 -9.48
CA PHE A 44 -1.26 -4.37 -9.49
C PHE A 44 -0.23 -3.98 -10.55
N HIS A 45 -0.41 -2.80 -11.14
CA HIS A 45 0.51 -2.32 -12.17
C HIS A 45 1.37 -1.18 -11.63
N TYR A 46 2.63 -1.17 -12.04
CA TYR A 46 3.57 -0.13 -11.60
C TYR A 46 3.03 1.26 -11.91
N SER A 47 2.21 1.34 -12.96
CA SER A 47 1.63 2.62 -13.36
C SER A 47 0.91 3.29 -12.20
N GLU A 48 0.30 2.48 -11.34
CA GLU A 48 -0.42 2.99 -10.19
C GLU A 48 0.48 3.06 -8.97
N PHE A 49 1.51 2.21 -8.94
CA PHE A 49 2.45 2.17 -7.83
C PHE A 49 3.01 3.57 -7.54
N LYS A 50 2.92 3.97 -6.28
CA LYS A 50 3.41 5.29 -5.87
C LYS A 50 4.55 5.15 -4.88
N GLY A 51 5.75 4.85 -5.39
CA GLY A 51 6.91 4.70 -4.54
C GLY A 51 8.20 4.71 -5.32
N ASP A 52 9.10 3.79 -5.00
CA ASP A 52 10.39 3.69 -5.68
C ASP A 52 10.38 2.58 -6.72
N LEU A 53 10.50 2.97 -7.99
CA LEU A 53 10.51 2.01 -9.09
C LEU A 53 11.90 1.42 -9.29
N GLU A 54 12.92 2.17 -8.88
CA GLU A 54 14.30 1.73 -9.03
C GLU A 54 14.75 0.94 -7.79
N THR A 55 14.33 1.40 -6.62
CA THR A 55 14.70 0.75 -5.38
C THR A 55 13.49 0.07 -4.74
N LEU A 56 13.26 -1.18 -5.10
CA LEU A 56 12.14 -1.94 -4.57
C LEU A 56 12.42 -3.44 -4.61
N GLN A 57 13.28 -3.90 -3.71
CA GLN A 57 13.64 -5.31 -3.64
C GLN A 57 14.05 -5.71 -2.24
N PRO A 58 14.03 -7.01 -1.95
CA PRO A 58 13.62 -8.03 -2.94
C PRO A 58 12.13 -7.97 -3.25
N GLY A 59 11.38 -7.30 -2.39
CA GLY A 59 9.95 -7.17 -2.59
C GLY A 59 9.33 -6.06 -1.77
N ASP A 60 9.70 -6.00 -0.49
CA ASP A 60 9.17 -4.98 0.40
C ASP A 60 7.66 -5.11 0.55
N ASP A 61 7.12 -4.47 1.59
CA ASP A 61 5.68 -4.51 1.84
C ASP A 61 4.96 -3.38 1.12
N VAL A 62 3.74 -3.65 0.68
CA VAL A 62 2.94 -2.65 -0.01
C VAL A 62 1.49 -2.69 0.42
N GLU A 63 0.80 -1.55 0.32
CA GLU A 63 -0.59 -1.47 0.70
C GLU A 63 -1.48 -1.17 -0.51
N PHE A 64 -2.77 -1.48 -0.38
CA PHE A 64 -3.72 -1.25 -1.46
C PHE A 64 -5.15 -1.36 -0.96
N THR A 65 -6.11 -1.01 -1.82
CA THR A 65 -7.51 -1.06 -1.46
C THR A 65 -8.33 -1.74 -2.55
N ILE A 66 -9.01 -2.83 -2.19
CA ILE A 66 -9.83 -3.56 -3.14
C ILE A 66 -11.22 -2.95 -3.26
N LYS A 67 -11.69 -2.81 -4.50
CA LYS A 67 -13.01 -2.24 -4.75
C LYS A 67 -13.92 -3.26 -5.41
N ASP A 68 -15.17 -2.86 -5.64
CA ASP A 68 -16.15 -3.74 -6.27
C ASP A 68 -15.82 -3.94 -7.75
N ARG A 69 -15.26 -5.10 -8.09
CA ARG A 69 -14.90 -5.41 -9.46
C ARG A 69 -15.55 -6.71 -9.92
N ASN A 70 -15.83 -6.81 -11.20
CA ASN A 70 -16.46 -8.00 -11.77
C ASN A 70 -15.40 -8.94 -12.36
N GLY A 71 -15.27 -10.13 -11.76
CA GLY A 71 -14.30 -11.09 -12.24
C GLY A 71 -13.13 -11.25 -11.31
N LYS A 72 -12.20 -10.31 -11.36
CA LYS A 72 -11.02 -10.34 -10.50
C LYS A 72 -10.87 -9.04 -9.72
N GLU A 73 -9.99 -9.05 -8.73
CA GLU A 73 -9.76 -7.87 -7.90
C GLU A 73 -8.35 -7.32 -8.12
N VAL A 74 -8.27 -6.05 -8.50
CA VAL A 74 -6.98 -5.40 -8.74
C VAL A 74 -6.72 -4.30 -7.72
N ALA A 75 -5.46 -4.15 -7.32
CA ALA A 75 -5.08 -3.13 -6.35
C ALA A 75 -4.81 -1.80 -7.04
N THR A 76 -5.61 -0.79 -6.73
CA THR A 76 -5.45 0.54 -7.31
C THR A 76 -4.66 1.45 -6.39
N ASP A 77 -3.75 2.22 -6.97
CA ASP A 77 -2.93 3.15 -6.20
C ASP A 77 -2.20 2.42 -5.08
N VAL A 78 -1.19 1.64 -5.44
CA VAL A 78 -0.40 0.89 -4.47
C VAL A 78 0.67 1.77 -3.83
N ARG A 79 0.69 1.78 -2.50
CA ARG A 79 1.66 2.58 -1.76
C ARG A 79 2.53 1.69 -0.88
N LEU A 80 3.84 1.86 -0.99
CA LEU A 80 4.79 1.08 -0.21
C LEU A 80 4.49 1.20 1.28
N LEU A 81 4.86 0.17 2.04
CA LEU A 81 4.62 0.15 3.48
C LEU A 81 5.92 0.46 4.24
N PRO A 82 5.77 0.91 5.51
CA PRO A 82 6.91 1.25 6.36
C PRO A 82 7.70 0.01 6.78
N GLN A 83 8.73 0.22 7.61
CA GLN A 83 9.56 -0.87 8.08
C GLN A 83 10.28 -1.56 6.92
N GLY A 84 11.51 -1.12 6.66
CA GLY A 84 12.29 -1.70 5.58
C GLY A 84 12.45 -0.75 4.41
N THR A 85 12.73 0.51 4.71
CA THR A 85 12.90 1.52 3.68
C THR A 85 14.30 2.14 3.75
N VAL A 86 14.94 2.25 2.58
CA VAL A 86 16.28 2.82 2.51
C VAL A 86 16.28 4.29 2.90
N ILE A 87 17.36 4.74 3.51
CA ILE A 87 17.48 6.13 3.93
C ILE A 87 18.37 6.93 2.97
N PHE A 88 18.01 8.19 2.76
CA PHE A 88 18.77 9.05 1.87
C PHE A 88 20.09 9.48 2.50
N GLU A 89 21.08 9.74 1.66
CA GLU A 89 22.40 10.14 2.15
C GLU A 89 22.31 11.47 2.91
N ASP A 90 23.45 11.91 3.44
CA ASP A 90 23.50 13.16 4.19
C ASP A 90 24.07 14.28 3.34
N ILE A 91 25.13 13.99 2.61
CA ILE A 91 25.77 14.98 1.75
C ILE A 91 24.86 15.36 0.58
N SER A 92 24.00 14.42 0.18
CA SER A 92 23.08 14.65 -0.92
C SER A 92 21.67 14.93 -0.42
N GLY A 93 21.22 16.17 -0.57
CA GLY A 93 19.90 16.55 -0.11
C GLY A 93 19.12 17.31 -1.17
N PRO A 94 18.74 16.60 -2.25
CA PRO A 94 17.98 17.19 -3.36
C PRO A 94 16.55 17.53 -2.97
N SER A 95 15.89 18.34 -3.79
CA SER A 95 14.52 18.73 -3.52
C SER A 95 13.91 19.44 -4.73
N SER A 96 12.64 19.84 -4.61
CA SER A 96 11.95 20.51 -5.70
C SER A 96 10.72 21.26 -5.17
N GLY A 97 9.78 20.53 -4.61
CA GLY A 97 8.57 21.15 -4.08
C GLY A 97 8.86 22.02 -2.89
N GLY A 1 -21.84 9.47 -1.36
CA GLY A 1 -22.55 10.37 -2.26
C GLY A 1 -23.49 9.63 -3.20
N SER A 2 -23.45 10.00 -4.47
CA SER A 2 -24.30 9.38 -5.47
C SER A 2 -23.49 8.48 -6.41
N SER A 3 -23.79 7.19 -6.39
CA SER A 3 -23.08 6.22 -7.22
C SER A 3 -23.47 6.38 -8.68
N GLY A 4 -24.69 5.95 -9.00
CA GLY A 4 -25.18 6.05 -10.37
C GLY A 4 -26.39 5.19 -10.62
N SER A 5 -26.16 3.95 -11.05
CA SER A 5 -27.26 3.02 -11.33
C SER A 5 -27.71 2.32 -10.06
N SER A 6 -29.02 2.26 -9.84
CA SER A 6 -29.58 1.62 -8.67
C SER A 6 -29.81 0.12 -8.92
N GLY A 7 -28.73 -0.64 -8.87
CA GLY A 7 -28.83 -2.07 -9.10
C GLY A 7 -28.88 -2.87 -7.80
N ASN A 8 -29.95 -2.67 -7.03
CA ASN A 8 -30.11 -3.37 -5.76
C ASN A 8 -30.63 -4.79 -5.98
N ILE A 9 -29.73 -5.68 -6.39
CA ILE A 9 -30.09 -7.06 -6.64
C ILE A 9 -28.86 -7.94 -6.77
N MET A 10 -28.95 -9.17 -6.27
CA MET A 10 -27.83 -10.11 -6.33
C MET A 10 -26.62 -9.56 -5.59
N LEU A 11 -25.57 -10.37 -5.50
CA LEU A 11 -24.34 -9.96 -4.82
C LEU A 11 -24.61 -9.68 -3.35
N LEU A 12 -23.57 -9.27 -2.62
CA LEU A 12 -23.69 -8.95 -1.21
C LEU A 12 -22.86 -7.72 -0.85
N LYS A 13 -23.49 -6.79 -0.14
CA LYS A 13 -22.82 -5.56 0.27
C LYS A 13 -22.35 -5.65 1.72
N LYS A 14 -21.10 -5.26 1.96
CA LYS A 14 -20.54 -5.30 3.31
C LYS A 14 -19.44 -4.27 3.47
N LYS A 15 -18.82 -4.23 4.64
CA LYS A 15 -17.75 -3.28 4.92
C LYS A 15 -16.38 -3.96 4.78
N GLN A 16 -15.42 -3.22 4.23
CA GLN A 16 -14.08 -3.75 4.03
C GLN A 16 -13.06 -2.91 4.79
N ALA A 17 -11.83 -3.41 4.87
CA ALA A 17 -10.76 -2.71 5.58
C ALA A 17 -9.45 -2.79 4.81
N ARG A 18 -9.55 -2.73 3.48
CA ARG A 18 -8.37 -2.79 2.63
C ARG A 18 -7.56 -4.06 2.91
N CYS A 19 -6.41 -4.17 2.27
CA CYS A 19 -5.54 -5.33 2.45
C CYS A 19 -4.10 -4.99 2.09
N GLN A 20 -3.16 -5.61 2.80
CA GLN A 20 -1.74 -5.37 2.57
C GLN A 20 -0.93 -6.65 2.73
N GLY A 21 0.19 -6.72 2.02
CA GLY A 21 1.03 -7.91 2.09
C GLY A 21 2.48 -7.62 1.73
N VAL A 22 3.20 -8.64 1.30
CA VAL A 22 4.60 -8.49 0.92
C VAL A 22 4.80 -8.78 -0.57
N VAL A 23 5.40 -7.84 -1.27
CA VAL A 23 5.67 -7.99 -2.70
C VAL A 23 6.51 -9.23 -2.97
N CYS A 24 5.87 -10.27 -3.48
CA CYS A 24 6.56 -11.52 -3.80
C CYS A 24 6.80 -11.65 -5.29
N ALA A 25 5.95 -11.00 -6.08
CA ALA A 25 6.08 -11.05 -7.54
C ALA A 25 6.52 -9.69 -8.08
N MET A 26 7.49 -9.72 -8.99
CA MET A 26 8.01 -8.50 -9.60
C MET A 26 8.27 -8.71 -11.09
N LYS A 27 7.84 -7.73 -11.89
CA LYS A 27 8.03 -7.79 -13.34
C LYS A 27 8.23 -6.41 -13.93
N GLU A 28 8.51 -6.35 -15.23
CA GLU A 28 8.73 -5.08 -15.91
C GLU A 28 7.44 -4.56 -16.53
N ALA A 29 6.36 -4.60 -15.76
CA ALA A 29 5.06 -4.13 -16.23
C ALA A 29 4.01 -4.24 -15.13
N PHE A 30 3.88 -5.43 -14.56
CA PHE A 30 2.91 -5.66 -13.49
C PHE A 30 3.34 -6.82 -12.59
N GLY A 31 2.67 -6.95 -11.45
CA GLY A 31 3.01 -8.03 -10.53
C GLY A 31 1.90 -8.28 -9.52
N PHE A 32 2.21 -9.09 -8.51
CA PHE A 32 1.23 -9.41 -7.47
C PHE A 32 1.84 -9.26 -6.09
N ILE A 33 1.00 -9.35 -5.06
CA ILE A 33 1.46 -9.22 -3.68
C ILE A 33 1.12 -10.47 -2.88
N GLU A 34 2.01 -10.84 -1.97
CA GLU A 34 1.81 -12.01 -1.12
C GLU A 34 0.85 -11.71 0.01
N ARG A 35 -0.27 -12.44 0.06
CA ARG A 35 -1.27 -12.25 1.09
C ARG A 35 -0.63 -12.29 2.48
N GLY A 36 -1.05 -11.38 3.35
CA GLY A 36 -0.52 -11.33 4.69
C GLY A 36 -1.52 -11.77 5.74
N ASP A 37 -2.48 -10.89 6.05
CA ASP A 37 -3.50 -11.20 7.03
C ASP A 37 -4.57 -12.12 6.45
N VAL A 38 -4.89 -11.90 5.18
CA VAL A 38 -5.90 -12.70 4.50
C VAL A 38 -5.25 -13.80 3.66
N VAL A 39 -6.06 -14.52 2.89
CA VAL A 39 -5.57 -15.59 2.05
C VAL A 39 -5.97 -15.37 0.59
N LYS A 40 -5.79 -14.15 0.10
CA LYS A 40 -6.13 -13.81 -1.27
C LYS A 40 -5.10 -12.86 -1.87
N GLU A 41 -4.92 -12.94 -3.18
CA GLU A 41 -3.97 -12.07 -3.87
C GLU A 41 -4.68 -11.09 -4.79
N ILE A 42 -3.94 -10.12 -5.32
CA ILE A 42 -4.51 -9.12 -6.20
C ILE A 42 -3.52 -8.75 -7.32
N PHE A 43 -4.02 -8.06 -8.33
CA PHE A 43 -3.18 -7.64 -9.46
C PHE A 43 -3.01 -6.13 -9.47
N PHE A 44 -1.76 -5.68 -9.38
CA PHE A 44 -1.47 -4.26 -9.38
C PHE A 44 -0.49 -3.91 -10.51
N HIS A 45 -0.55 -2.66 -10.98
CA HIS A 45 0.31 -2.21 -12.05
C HIS A 45 1.34 -1.21 -11.53
N TYR A 46 2.58 -1.36 -11.97
CA TYR A 46 3.66 -0.47 -11.54
C TYR A 46 3.33 0.99 -11.86
N SER A 47 2.64 1.19 -12.99
CA SER A 47 2.26 2.54 -13.42
C SER A 47 1.54 3.27 -12.30
N GLU A 48 0.83 2.53 -11.46
CA GLU A 48 0.10 3.10 -10.34
C GLU A 48 0.95 3.13 -9.07
N PHE A 49 1.90 2.21 -8.99
CA PHE A 49 2.78 2.12 -7.83
C PHE A 49 3.42 3.47 -7.54
N LYS A 50 3.17 3.99 -6.33
CA LYS A 50 3.73 5.27 -5.92
C LYS A 50 4.83 5.08 -4.89
N GLY A 51 6.03 4.73 -5.36
CA GLY A 51 7.15 4.51 -4.47
C GLY A 51 8.48 4.60 -5.18
N ASP A 52 9.35 3.64 -4.91
CA ASP A 52 10.67 3.61 -5.54
C ASP A 52 10.75 2.51 -6.60
N LEU A 53 10.42 2.88 -7.84
CA LEU A 53 10.46 1.93 -8.95
C LEU A 53 11.88 1.45 -9.21
N GLU A 54 12.86 2.27 -8.82
CA GLU A 54 14.26 1.92 -9.02
C GLU A 54 14.78 1.05 -7.88
N THR A 55 14.26 1.29 -6.67
CA THR A 55 14.67 0.52 -5.50
C THR A 55 13.47 -0.10 -4.81
N LEU A 56 13.11 -1.30 -5.23
CA LEU A 56 11.97 -2.01 -4.65
C LEU A 56 12.26 -3.51 -4.53
N GLN A 57 13.11 -3.86 -3.57
CA GLN A 57 13.46 -5.26 -3.35
C GLN A 57 13.91 -5.50 -1.92
N PRO A 58 13.89 -6.76 -1.48
CA PRO A 58 13.46 -7.88 -2.33
C PRO A 58 11.96 -7.84 -2.61
N GLY A 59 11.23 -7.02 -1.86
CA GLY A 59 9.80 -6.90 -2.05
C GLY A 59 9.18 -5.88 -1.12
N ASP A 60 9.48 -6.00 0.17
CA ASP A 60 8.94 -5.07 1.17
C ASP A 60 7.43 -5.18 1.23
N ASP A 61 6.85 -4.62 2.29
CA ASP A 61 5.40 -4.65 2.47
C ASP A 61 4.73 -3.55 1.65
N VAL A 62 3.53 -3.83 1.17
CA VAL A 62 2.78 -2.87 0.37
C VAL A 62 1.29 -2.97 0.65
N GLU A 63 0.60 -1.83 0.58
CA GLU A 63 -0.83 -1.78 0.83
C GLU A 63 -1.60 -1.38 -0.43
N PHE A 64 -2.77 -1.98 -0.62
CA PHE A 64 -3.60 -1.69 -1.79
C PHE A 64 -5.04 -1.45 -1.39
N THR A 65 -5.88 -1.13 -2.37
CA THR A 65 -7.29 -0.88 -2.12
C THR A 65 -8.17 -1.65 -3.10
N ILE A 66 -8.72 -2.77 -2.64
CA ILE A 66 -9.59 -3.59 -3.48
C ILE A 66 -10.70 -2.77 -4.09
N LYS A 67 -10.70 -2.66 -5.41
CA LYS A 67 -11.72 -1.89 -6.12
C LYS A 67 -12.89 -2.79 -6.53
N ASP A 68 -13.82 -2.23 -7.29
CA ASP A 68 -14.99 -2.98 -7.75
C ASP A 68 -14.56 -4.16 -8.60
N ARG A 69 -15.52 -4.73 -9.33
CA ARG A 69 -15.25 -5.87 -10.20
C ARG A 69 -14.95 -7.12 -9.37
N ASN A 70 -15.96 -7.95 -9.15
CA ASN A 70 -15.80 -9.17 -8.37
C ASN A 70 -15.05 -10.22 -9.18
N GLY A 71 -14.59 -11.27 -8.50
CA GLY A 71 -13.86 -12.32 -9.15
C GLY A 71 -12.38 -12.02 -9.29
N LYS A 72 -12.07 -10.85 -9.84
CA LYS A 72 -10.68 -10.44 -10.02
C LYS A 72 -10.34 -9.26 -9.10
N GLU A 73 -9.46 -9.51 -8.14
CA GLU A 73 -9.04 -8.48 -7.20
C GLU A 73 -7.89 -7.65 -7.77
N VAL A 74 -8.19 -6.43 -8.17
CA VAL A 74 -7.19 -5.53 -8.73
C VAL A 74 -6.80 -4.44 -7.74
N ALA A 75 -5.51 -4.21 -7.59
CA ALA A 75 -5.01 -3.19 -6.68
C ALA A 75 -4.60 -1.93 -7.43
N THR A 76 -5.26 -0.82 -7.12
CA THR A 76 -4.98 0.45 -7.77
C THR A 76 -4.28 1.41 -6.81
N ASP A 77 -3.34 2.19 -7.34
CA ASP A 77 -2.60 3.15 -6.53
C ASP A 77 -2.02 2.48 -5.28
N VAL A 78 -1.05 1.59 -5.49
CA VAL A 78 -0.41 0.89 -4.39
C VAL A 78 0.67 1.74 -3.74
N ARG A 79 0.73 1.70 -2.41
CA ARG A 79 1.72 2.48 -1.67
C ARG A 79 2.49 1.59 -0.70
N LEU A 80 3.82 1.64 -0.78
CA LEU A 80 4.67 0.84 0.09
C LEU A 80 4.32 1.07 1.56
N LEU A 81 4.37 0.00 2.34
CA LEU A 81 4.07 0.08 3.76
C LEU A 81 5.28 0.54 4.56
N PRO A 82 5.03 1.06 5.77
CA PRO A 82 6.09 1.55 6.66
C PRO A 82 6.95 0.42 7.21
N GLN A 83 8.26 0.67 7.31
CA GLN A 83 9.18 -0.34 7.83
C GLN A 83 10.40 0.32 8.44
N GLY A 84 11.41 -0.49 8.78
CA GLY A 84 12.62 0.04 9.38
C GLY A 84 13.85 -0.73 8.95
N THR A 85 14.92 0.01 8.61
CA THR A 85 16.16 -0.60 8.18
C THR A 85 17.36 0.04 8.87
N VAL A 86 18.49 -0.65 8.85
CA VAL A 86 19.72 -0.14 9.46
C VAL A 86 20.61 0.53 8.43
N ILE A 87 21.33 1.56 8.86
CA ILE A 87 22.23 2.28 7.97
C ILE A 87 23.69 1.90 8.24
N PHE A 88 24.45 1.72 7.17
CA PHE A 88 25.86 1.36 7.29
C PHE A 88 26.75 2.59 7.16
N GLU A 89 26.20 3.75 7.51
CA GLU A 89 26.94 5.00 7.44
C GLU A 89 27.36 5.31 6.00
N ASP A 90 27.92 6.49 5.79
CA ASP A 90 28.36 6.90 4.46
C ASP A 90 29.50 7.93 4.56
N ILE A 91 30.46 7.64 5.42
CA ILE A 91 31.60 8.55 5.60
C ILE A 91 32.53 8.51 4.40
N SER A 92 33.02 7.32 4.07
CA SER A 92 33.93 7.15 2.94
C SER A 92 33.19 7.35 1.62
N GLY A 93 32.00 6.76 1.52
CA GLY A 93 31.21 6.89 0.30
C GLY A 93 30.43 5.64 -0.02
N PRO A 94 31.14 4.58 -0.41
CA PRO A 94 30.52 3.28 -0.75
C PRO A 94 29.96 2.57 0.46
N SER A 95 28.64 2.42 0.49
CA SER A 95 27.97 1.75 1.61
C SER A 95 27.18 0.55 1.13
N SER A 96 27.55 -0.64 1.61
CA SER A 96 26.88 -1.87 1.21
C SER A 96 26.02 -2.40 2.36
N GLY A 97 25.00 -1.63 2.73
CA GLY A 97 24.12 -2.05 3.81
C GLY A 97 22.80 -2.60 3.31
N GLY A 1 -40.15 19.97 33.09
CA GLY A 1 -39.19 19.91 32.01
C GLY A 1 -39.12 18.53 31.38
N SER A 2 -38.07 18.30 30.59
CA SER A 2 -37.87 17.02 29.92
C SER A 2 -36.97 16.11 30.74
N SER A 3 -37.52 14.99 31.19
CA SER A 3 -36.76 14.04 32.00
C SER A 3 -36.14 12.95 31.11
N GLY A 4 -34.81 12.98 30.99
CA GLY A 4 -34.13 12.00 30.18
C GLY A 4 -32.62 12.12 30.28
N SER A 5 -31.91 11.23 29.58
CA SER A 5 -30.45 11.24 29.60
C SER A 5 -29.90 11.65 28.24
N SER A 6 -29.89 12.95 27.98
CA SER A 6 -29.39 13.47 26.71
C SER A 6 -27.87 13.39 26.66
N GLY A 7 -27.35 12.25 26.20
CA GLY A 7 -25.93 12.05 26.11
C GLY A 7 -25.31 12.85 24.97
N ASN A 8 -24.32 13.68 25.31
CA ASN A 8 -23.65 14.51 24.31
C ASN A 8 -22.16 14.22 24.28
N ILE A 9 -21.74 13.41 23.32
CA ILE A 9 -20.32 13.05 23.18
C ILE A 9 -20.03 12.52 21.78
N MET A 10 -18.85 12.86 21.27
CA MET A 10 -18.44 12.42 19.93
C MET A 10 -18.62 10.90 19.79
N LEU A 11 -19.04 10.48 18.62
CA LEU A 11 -19.26 9.05 18.35
C LEU A 11 -18.08 8.47 17.57
N LEU A 12 -18.13 7.17 17.29
CA LEU A 12 -17.08 6.50 16.55
C LEU A 12 -17.66 5.73 15.37
N LYS A 13 -17.39 6.22 14.16
CA LYS A 13 -17.87 5.57 12.94
C LYS A 13 -16.85 5.70 11.82
N LYS A 14 -15.61 5.33 12.11
CA LYS A 14 -14.54 5.39 11.12
C LYS A 14 -14.44 4.08 10.34
N LYS A 15 -14.06 4.18 9.07
CA LYS A 15 -13.93 3.00 8.22
C LYS A 15 -12.61 3.05 7.45
N GLN A 16 -11.67 2.20 7.84
CA GLN A 16 -10.37 2.15 7.18
C GLN A 16 -10.07 0.73 6.69
N ALA A 17 -11.04 0.13 6.01
CA ALA A 17 -10.88 -1.22 5.48
C ALA A 17 -9.88 -1.25 4.34
N ARG A 18 -8.70 -1.81 4.60
CA ARG A 18 -7.66 -1.90 3.60
C ARG A 18 -7.02 -3.29 3.59
N CYS A 19 -6.02 -3.48 2.74
CA CYS A 19 -5.33 -4.76 2.63
C CYS A 19 -3.88 -4.57 2.23
N GLN A 20 -2.99 -5.32 2.87
CA GLN A 20 -1.56 -5.22 2.58
C GLN A 20 -0.94 -6.61 2.45
N GLY A 21 0.27 -6.66 1.90
CA GLY A 21 0.95 -7.93 1.73
C GLY A 21 2.43 -7.76 1.44
N VAL A 22 2.98 -8.67 0.66
CA VAL A 22 4.40 -8.62 0.31
C VAL A 22 4.61 -8.94 -1.16
N VAL A 23 5.37 -8.09 -1.86
CA VAL A 23 5.64 -8.29 -3.27
C VAL A 23 6.32 -9.63 -3.51
N CYS A 24 5.57 -10.58 -4.03
CA CYS A 24 6.08 -11.91 -4.31
C CYS A 24 6.54 -12.02 -5.77
N ALA A 25 5.86 -11.28 -6.65
CA ALA A 25 6.19 -11.30 -8.07
C ALA A 25 7.06 -10.09 -8.44
N MET A 26 8.04 -10.33 -9.30
CA MET A 26 8.95 -9.27 -9.74
C MET A 26 9.06 -9.25 -11.27
N LYS A 27 8.54 -8.19 -11.87
CA LYS A 27 8.58 -8.04 -13.32
C LYS A 27 8.86 -6.59 -13.71
N GLU A 28 9.04 -6.36 -15.01
CA GLU A 28 9.33 -5.02 -15.51
C GLU A 28 8.07 -4.38 -16.10
N ALA A 29 6.94 -4.58 -15.43
CA ALA A 29 5.68 -4.01 -15.88
C ALA A 29 4.61 -4.14 -14.80
N PHE A 30 4.45 -5.34 -14.25
CA PHE A 30 3.47 -5.58 -13.21
C PHE A 30 3.90 -6.74 -12.31
N GLY A 31 3.19 -6.92 -11.20
CA GLY A 31 3.51 -7.98 -10.27
C GLY A 31 2.33 -8.38 -9.41
N PHE A 32 2.61 -9.08 -8.32
CA PHE A 32 1.56 -9.53 -7.40
C PHE A 32 1.94 -9.25 -5.95
N ILE A 33 1.00 -9.49 -5.05
CA ILE A 33 1.23 -9.27 -3.62
C ILE A 33 0.72 -10.44 -2.79
N GLU A 34 1.61 -11.07 -2.05
CA GLU A 34 1.23 -12.20 -1.20
C GLU A 34 0.42 -11.74 0.00
N ARG A 35 -0.77 -12.33 0.16
CA ARG A 35 -1.65 -11.97 1.26
C ARG A 35 -0.97 -12.24 2.61
N GLY A 36 -1.48 -11.60 3.66
CA GLY A 36 -0.91 -11.78 4.98
C GLY A 36 -1.97 -12.02 6.04
N ASP A 37 -2.92 -11.10 6.13
CA ASP A 37 -4.00 -11.22 7.12
C ASP A 37 -5.16 -12.05 6.56
N VAL A 38 -5.41 -11.92 5.26
CA VAL A 38 -6.48 -12.66 4.61
C VAL A 38 -5.92 -13.72 3.66
N VAL A 39 -6.82 -14.41 2.97
CA VAL A 39 -6.42 -15.46 2.03
C VAL A 39 -6.83 -15.10 0.61
N LYS A 40 -6.59 -13.85 0.22
CA LYS A 40 -6.94 -13.38 -1.12
C LYS A 40 -5.84 -12.49 -1.67
N GLU A 41 -5.47 -12.73 -2.93
CA GLU A 41 -4.44 -11.94 -3.59
C GLU A 41 -5.04 -10.99 -4.61
N ILE A 42 -4.22 -10.05 -5.09
CA ILE A 42 -4.68 -9.07 -6.07
C ILE A 42 -3.58 -8.74 -7.07
N PHE A 43 -3.96 -8.08 -8.16
CA PHE A 43 -3.00 -7.71 -9.19
C PHE A 43 -2.87 -6.19 -9.29
N PHE A 44 -1.64 -5.71 -9.19
CA PHE A 44 -1.37 -4.28 -9.26
C PHE A 44 -0.39 -3.96 -10.39
N HIS A 45 -0.52 -2.78 -10.95
CA HIS A 45 0.36 -2.35 -12.05
C HIS A 45 1.33 -1.27 -11.57
N TYR A 46 2.59 -1.41 -11.97
CA TYR A 46 3.62 -0.45 -11.58
C TYR A 46 3.20 0.98 -11.96
N SER A 47 2.41 1.10 -13.01
CA SER A 47 1.94 2.40 -13.47
C SER A 47 1.21 3.14 -12.37
N GLU A 48 0.52 2.39 -11.51
CA GLU A 48 -0.23 2.97 -10.41
C GLU A 48 0.63 3.03 -9.15
N PHE A 49 1.59 2.13 -9.05
CA PHE A 49 2.48 2.07 -7.90
C PHE A 49 3.10 3.44 -7.62
N LYS A 50 2.80 4.00 -6.45
CA LYS A 50 3.33 5.30 -6.08
C LYS A 50 4.46 5.15 -5.06
N GLY A 51 5.66 4.88 -5.55
CA GLY A 51 6.82 4.73 -4.68
C GLY A 51 8.12 4.89 -5.42
N ASP A 52 9.09 4.04 -5.08
CA ASP A 52 10.40 4.08 -5.72
C ASP A 52 10.65 2.82 -6.54
N LEU A 53 10.29 2.87 -7.81
CA LEU A 53 10.48 1.73 -8.71
C LEU A 53 11.96 1.45 -8.94
N GLU A 54 12.80 2.41 -8.58
CA GLU A 54 14.24 2.26 -8.72
C GLU A 54 14.82 1.36 -7.64
N THR A 55 14.29 1.49 -6.43
CA THR A 55 14.74 0.68 -5.31
C THR A 55 13.58 -0.02 -4.62
N LEU A 56 13.25 -1.22 -5.09
CA LEU A 56 12.16 -2.00 -4.52
C LEU A 56 12.47 -3.49 -4.57
N GLN A 57 13.09 -3.98 -3.50
CA GLN A 57 13.44 -5.40 -3.41
C GLN A 57 14.01 -5.73 -2.03
N PRO A 58 14.01 -7.03 -1.69
CA PRO A 58 13.50 -8.08 -2.58
C PRO A 58 11.98 -8.02 -2.74
N GLY A 59 11.29 -7.64 -1.67
CA GLY A 59 9.84 -7.55 -1.71
C GLY A 59 9.29 -6.71 -0.58
N ASP A 60 9.64 -5.43 -0.55
CA ASP A 60 9.18 -4.53 0.48
C ASP A 60 7.66 -4.57 0.60
N ASP A 61 7.17 -4.56 1.84
CA ASP A 61 5.72 -4.61 2.09
C ASP A 61 5.01 -3.46 1.38
N VAL A 62 3.83 -3.74 0.85
CA VAL A 62 3.05 -2.72 0.15
C VAL A 62 1.60 -2.72 0.63
N GLU A 63 0.89 -1.65 0.31
CA GLU A 63 -0.52 -1.52 0.71
C GLU A 63 -1.41 -1.25 -0.49
N PHE A 64 -2.61 -1.83 -0.46
CA PHE A 64 -3.56 -1.66 -1.57
C PHE A 64 -4.99 -1.71 -1.04
N THR A 65 -5.92 -1.20 -1.85
CA THR A 65 -7.33 -1.18 -1.47
C THR A 65 -8.20 -1.68 -2.62
N ILE A 66 -8.79 -2.85 -2.43
CA ILE A 66 -9.66 -3.45 -3.44
C ILE A 66 -11.04 -2.80 -3.44
N LYS A 67 -11.41 -2.18 -4.55
CA LYS A 67 -12.70 -1.52 -4.69
C LYS A 67 -13.69 -2.41 -5.44
N ASP A 68 -13.50 -2.52 -6.75
CA ASP A 68 -14.36 -3.34 -7.58
C ASP A 68 -13.86 -3.38 -9.03
N ARG A 69 -14.18 -4.45 -9.74
CA ARG A 69 -13.76 -4.61 -11.12
C ARG A 69 -14.44 -5.81 -11.76
N ASN A 70 -14.68 -5.72 -13.07
CA ASN A 70 -15.33 -6.80 -13.80
C ASN A 70 -14.31 -7.80 -14.33
N GLY A 71 -14.51 -9.07 -14.01
CA GLY A 71 -13.60 -10.11 -14.46
C GLY A 71 -12.68 -10.59 -13.36
N LYS A 72 -11.64 -9.81 -13.08
CA LYS A 72 -10.69 -10.16 -12.04
C LYS A 72 -10.56 -9.03 -11.01
N GLU A 73 -9.90 -9.32 -9.89
CA GLU A 73 -9.71 -8.33 -8.84
C GLU A 73 -8.31 -7.73 -8.91
N VAL A 74 -8.25 -6.42 -9.16
CA VAL A 74 -6.98 -5.72 -9.26
C VAL A 74 -6.90 -4.59 -8.25
N ALA A 75 -5.69 -4.33 -7.75
CA ALA A 75 -5.48 -3.26 -6.77
C ALA A 75 -5.21 -1.93 -7.45
N THR A 76 -5.58 -0.84 -6.79
CA THR A 76 -5.39 0.49 -7.33
C THR A 76 -4.71 1.41 -6.32
N ASP A 77 -3.86 2.31 -6.81
CA ASP A 77 -3.15 3.24 -5.94
C ASP A 77 -2.36 2.50 -4.87
N VAL A 78 -1.30 1.83 -5.29
CA VAL A 78 -0.46 1.08 -4.36
C VAL A 78 0.54 1.99 -3.65
N ARG A 79 0.68 1.80 -2.35
CA ARG A 79 1.60 2.61 -1.54
C ARG A 79 2.50 1.72 -0.68
N LEU A 80 3.81 1.93 -0.78
CA LEU A 80 4.76 1.15 -0.01
C LEU A 80 4.47 1.26 1.48
N LEU A 81 4.70 0.16 2.20
CA LEU A 81 4.47 0.13 3.64
C LEU A 81 5.72 0.57 4.41
N PRO A 82 5.52 1.00 5.66
CA PRO A 82 6.62 1.44 6.53
C PRO A 82 7.53 0.29 6.96
N GLN A 83 8.81 0.59 7.13
CA GLN A 83 9.78 -0.41 7.54
C GLN A 83 9.99 -0.40 9.05
N GLY A 84 8.95 -0.81 9.79
CA GLY A 84 9.03 -0.84 11.24
C GLY A 84 9.43 0.51 11.81
N THR A 85 8.63 1.53 11.52
CA THR A 85 8.91 2.87 12.02
C THR A 85 7.71 3.43 12.77
N VAL A 86 7.92 4.56 13.46
CA VAL A 86 6.86 5.19 14.23
C VAL A 86 6.57 6.59 13.71
N ILE A 87 5.32 7.01 13.80
CA ILE A 87 4.92 8.34 13.35
C ILE A 87 4.50 9.22 14.52
N PHE A 88 4.80 10.51 14.43
CA PHE A 88 4.45 11.46 15.48
C PHE A 88 2.94 11.56 15.64
N GLU A 89 2.21 11.09 14.63
CA GLU A 89 0.75 11.12 14.67
C GLU A 89 0.19 9.88 15.33
N ASP A 90 -1.03 9.99 15.84
CA ASP A 90 -1.69 8.86 16.51
C ASP A 90 -2.16 7.83 15.50
N ILE A 91 -2.43 8.27 14.28
CA ILE A 91 -2.89 7.39 13.22
C ILE A 91 -4.13 6.62 13.65
N SER A 92 -5.25 7.33 13.75
CA SER A 92 -6.51 6.71 14.15
C SER A 92 -7.68 7.32 13.40
N GLY A 93 -7.58 7.35 12.06
CA GLY A 93 -8.63 7.91 11.25
C GLY A 93 -8.72 9.41 11.37
N PRO A 94 -7.75 10.12 10.76
CA PRO A 94 -7.70 11.58 10.79
C PRO A 94 -8.81 12.21 9.96
N SER A 95 -9.15 13.45 10.28
CA SER A 95 -10.20 14.17 9.57
C SER A 95 -9.63 14.87 8.35
N SER A 96 -10.36 14.77 7.23
CA SER A 96 -9.93 15.39 5.99
C SER A 96 -11.14 15.74 5.11
N GLY A 97 -11.47 17.03 5.05
CA GLY A 97 -12.59 17.46 4.24
C GLY A 97 -13.91 16.88 4.73
N GLY A 1 6.53 -10.05 47.45
CA GLY A 1 6.61 -10.54 46.08
C GLY A 1 7.63 -9.78 45.25
N SER A 2 8.00 -10.35 44.11
CA SER A 2 8.98 -9.73 43.23
C SER A 2 8.49 -8.35 42.76
N SER A 3 9.43 -7.49 42.40
CA SER A 3 9.11 -6.15 41.94
C SER A 3 8.66 -6.17 40.48
N GLY A 4 7.65 -5.35 40.17
CA GLY A 4 7.14 -5.30 38.81
C GLY A 4 6.80 -3.88 38.38
N SER A 5 6.24 -3.75 37.18
CA SER A 5 5.88 -2.45 36.65
C SER A 5 4.37 -2.37 36.40
N SER A 6 3.82 -1.17 36.55
CA SER A 6 2.39 -0.95 36.34
C SER A 6 2.14 0.05 35.23
N GLY A 7 1.17 -0.24 34.37
CA GLY A 7 0.85 0.65 33.27
C GLY A 7 0.12 -0.07 32.15
N ASN A 8 -0.17 0.67 31.08
CA ASN A 8 -0.86 0.10 29.92
C ASN A 8 0.03 0.11 28.69
N ILE A 9 0.45 -1.08 28.26
CA ILE A 9 1.31 -1.20 27.08
C ILE A 9 0.57 -0.78 25.81
N MET A 10 -0.76 -0.87 25.85
CA MET A 10 -1.58 -0.50 24.70
C MET A 10 -2.48 0.68 25.04
N LEU A 11 -3.18 1.19 24.03
CA LEU A 11 -4.08 2.33 24.23
C LEU A 11 -5.30 2.22 23.32
N LEU A 12 -5.07 2.37 22.01
CA LEU A 12 -6.15 2.28 21.04
C LEU A 12 -5.73 1.43 19.84
N LYS A 13 -6.68 0.67 19.30
CA LYS A 13 -6.41 -0.18 18.14
C LYS A 13 -7.23 0.26 16.95
N LYS A 14 -6.57 0.76 15.92
CA LYS A 14 -7.24 1.22 14.71
C LYS A 14 -7.05 0.22 13.58
N LYS A 15 -7.70 -0.94 13.69
CA LYS A 15 -7.59 -1.97 12.67
C LYS A 15 -8.59 -1.73 11.55
N GLN A 16 -8.68 -2.68 10.62
CA GLN A 16 -9.60 -2.56 9.49
C GLN A 16 -9.29 -1.32 8.67
N ALA A 17 -8.02 -1.18 8.27
CA ALA A 17 -7.60 -0.04 7.47
C ALA A 17 -6.89 -0.50 6.20
N ARG A 18 -7.63 -0.55 5.09
CA ARG A 18 -7.06 -0.97 3.82
C ARG A 18 -6.51 -2.39 3.91
N CYS A 19 -5.84 -2.82 2.84
CA CYS A 19 -5.26 -4.16 2.80
C CYS A 19 -3.83 -4.12 2.28
N GLN A 20 -2.90 -4.68 3.07
CA GLN A 20 -1.50 -4.70 2.67
C GLN A 20 -0.95 -6.13 2.67
N GLY A 21 0.23 -6.30 2.11
CA GLY A 21 0.84 -7.62 2.03
C GLY A 21 2.33 -7.57 1.75
N VAL A 22 2.82 -8.54 1.00
CA VAL A 22 4.23 -8.61 0.65
C VAL A 22 4.41 -8.88 -0.84
N VAL A 23 5.21 -8.05 -1.49
CA VAL A 23 5.48 -8.20 -2.92
C VAL A 23 6.23 -9.51 -3.20
N CYS A 24 5.50 -10.50 -3.71
CA CYS A 24 6.10 -11.79 -4.02
C CYS A 24 6.48 -11.87 -5.49
N ALA A 25 5.78 -11.11 -6.32
CA ALA A 25 6.05 -11.10 -7.75
C ALA A 25 6.70 -9.78 -8.18
N MET A 26 7.67 -9.88 -9.09
CA MET A 26 8.37 -8.70 -9.57
C MET A 26 8.55 -8.76 -11.09
N LYS A 27 8.06 -7.74 -11.78
CA LYS A 27 8.17 -7.67 -13.23
C LYS A 27 8.36 -6.23 -13.70
N GLU A 28 8.58 -6.06 -15.00
CA GLU A 28 8.79 -4.74 -15.57
C GLU A 28 7.49 -4.23 -16.22
N ALA A 29 6.37 -4.47 -15.55
CA ALA A 29 5.07 -4.03 -16.06
C ALA A 29 3.99 -4.19 -15.00
N PHE A 30 3.95 -5.35 -14.35
CA PHE A 30 2.96 -5.63 -13.32
C PHE A 30 3.47 -6.70 -12.35
N GLY A 31 2.75 -6.88 -11.25
CA GLY A 31 3.14 -7.87 -10.26
C GLY A 31 2.00 -8.26 -9.36
N PHE A 32 2.30 -9.03 -8.32
CA PHE A 32 1.29 -9.48 -7.37
C PHE A 32 1.80 -9.38 -5.94
N ILE A 33 0.87 -9.31 -4.98
CA ILE A 33 1.23 -9.22 -3.57
C ILE A 33 0.55 -10.31 -2.75
N GLU A 34 1.27 -10.86 -1.79
CA GLU A 34 0.75 -11.91 -0.94
C GLU A 34 0.35 -11.36 0.42
N ARG A 35 -0.91 -11.59 0.80
CA ARG A 35 -1.42 -11.12 2.08
C ARG A 35 -0.57 -11.66 3.24
N GLY A 36 -0.68 -12.97 3.48
CA GLY A 36 0.09 -13.58 4.55
C GLY A 36 -0.67 -14.71 5.22
N ASP A 37 -1.46 -14.37 6.23
CA ASP A 37 -2.23 -15.38 6.95
C ASP A 37 -3.12 -16.17 6.00
N VAL A 38 -3.53 -15.53 4.91
CA VAL A 38 -4.38 -16.17 3.92
C VAL A 38 -3.67 -16.32 2.59
N VAL A 39 -4.36 -16.89 1.60
CA VAL A 39 -3.78 -17.09 0.27
C VAL A 39 -4.48 -16.22 -0.76
N LYS A 40 -4.71 -14.96 -0.42
CA LYS A 40 -5.36 -14.02 -1.32
C LYS A 40 -4.34 -13.11 -2.00
N GLU A 41 -4.42 -13.00 -3.32
CA GLU A 41 -3.51 -12.17 -4.07
C GLU A 41 -4.28 -11.21 -4.99
N ILE A 42 -3.58 -10.21 -5.51
CA ILE A 42 -4.20 -9.23 -6.40
C ILE A 42 -3.23 -8.80 -7.50
N PHE A 43 -3.75 -8.13 -8.52
CA PHE A 43 -2.94 -7.66 -9.63
C PHE A 43 -2.84 -6.15 -9.63
N PHE A 44 -1.61 -5.64 -9.50
CA PHE A 44 -1.37 -4.21 -9.48
C PHE A 44 -0.38 -3.81 -10.57
N HIS A 45 -0.59 -2.62 -11.14
CA HIS A 45 0.28 -2.13 -12.20
C HIS A 45 1.25 -1.08 -11.65
N TYR A 46 2.53 -1.24 -11.99
CA TYR A 46 3.56 -0.32 -11.53
C TYR A 46 3.18 1.12 -11.85
N SER A 47 2.43 1.30 -12.93
CA SER A 47 2.01 2.63 -13.35
C SER A 47 1.25 3.34 -12.23
N GLU A 48 0.56 2.55 -11.41
CA GLU A 48 -0.20 3.10 -10.29
C GLU A 48 0.66 3.19 -9.03
N PHE A 49 1.65 2.31 -8.94
CA PHE A 49 2.54 2.28 -7.79
C PHE A 49 3.12 3.66 -7.51
N LYS A 50 3.11 4.06 -6.24
CA LYS A 50 3.63 5.36 -5.84
C LYS A 50 4.78 5.21 -4.85
N GLY A 51 5.97 4.93 -5.37
CA GLY A 51 7.13 4.76 -4.50
C GLY A 51 8.43 4.84 -5.27
N ASP A 52 9.38 3.97 -4.92
CA ASP A 52 10.68 3.94 -5.58
C ASP A 52 10.84 2.67 -6.41
N LEU A 53 10.49 2.77 -7.69
CA LEU A 53 10.60 1.63 -8.60
C LEU A 53 12.06 1.27 -8.85
N GLU A 54 12.96 2.17 -8.49
CA GLU A 54 14.40 1.94 -8.67
C GLU A 54 14.93 1.00 -7.60
N THR A 55 14.42 1.15 -6.38
CA THR A 55 14.86 0.32 -5.26
C THR A 55 13.66 -0.33 -4.56
N LEU A 56 13.26 -1.50 -5.05
CA LEU A 56 12.13 -2.22 -4.46
C LEU A 56 12.36 -3.72 -4.52
N GLN A 57 12.96 -4.27 -3.47
CA GLN A 57 13.23 -5.70 -3.40
C GLN A 57 13.80 -6.08 -2.04
N PRO A 58 13.73 -7.38 -1.71
CA PRO A 58 13.15 -8.38 -2.60
C PRO A 58 11.63 -8.24 -2.71
N GLY A 59 10.98 -7.96 -1.59
CA GLY A 59 9.54 -7.80 -1.60
C GLY A 59 9.05 -6.93 -0.46
N ASP A 60 9.48 -5.67 -0.44
CA ASP A 60 9.08 -4.74 0.60
C ASP A 60 7.56 -4.71 0.76
N ASP A 61 7.09 -4.46 1.98
CA ASP A 61 5.66 -4.42 2.26
C ASP A 61 5.01 -3.28 1.49
N VAL A 62 3.83 -3.55 0.93
CA VAL A 62 3.09 -2.56 0.17
C VAL A 62 1.61 -2.57 0.52
N GLU A 63 0.93 -1.46 0.27
CA GLU A 63 -0.50 -1.35 0.57
C GLU A 63 -1.31 -1.24 -0.72
N PHE A 64 -2.58 -1.63 -0.64
CA PHE A 64 -3.47 -1.57 -1.80
C PHE A 64 -4.92 -1.65 -1.36
N THR A 65 -5.83 -1.34 -2.29
CA THR A 65 -7.26 -1.37 -2.01
C THR A 65 -7.99 -2.32 -2.96
N ILE A 66 -9.03 -2.96 -2.45
CA ILE A 66 -9.81 -3.90 -3.25
C ILE A 66 -11.16 -3.30 -3.62
N LYS A 67 -11.37 -3.11 -4.92
CA LYS A 67 -12.63 -2.54 -5.41
C LYS A 67 -13.71 -3.62 -5.52
N ASP A 68 -14.88 -3.23 -6.03
CA ASP A 68 -15.97 -4.17 -6.19
C ASP A 68 -15.95 -4.81 -7.57
N ARG A 69 -14.87 -5.52 -7.87
CA ARG A 69 -14.73 -6.18 -9.16
C ARG A 69 -15.13 -7.65 -9.08
N ASN A 70 -15.64 -8.18 -10.17
CA ASN A 70 -16.07 -9.58 -10.21
C ASN A 70 -15.14 -10.41 -11.10
N GLY A 71 -14.86 -11.63 -10.67
CA GLY A 71 -13.99 -12.51 -11.43
C GLY A 71 -12.54 -12.37 -11.03
N LYS A 72 -11.93 -11.24 -11.39
CA LYS A 72 -10.53 -10.98 -11.07
C LYS A 72 -10.40 -9.77 -10.16
N GLU A 73 -9.61 -9.91 -9.10
CA GLU A 73 -9.40 -8.83 -8.16
C GLU A 73 -8.09 -8.10 -8.44
N VAL A 74 -8.19 -6.82 -8.80
CA VAL A 74 -7.01 -6.01 -9.09
C VAL A 74 -6.85 -4.87 -8.09
N ALA A 75 -5.62 -4.57 -7.72
CA ALA A 75 -5.33 -3.51 -6.78
C ALA A 75 -5.12 -2.19 -7.49
N THR A 76 -5.52 -1.10 -6.84
CA THR A 76 -5.37 0.24 -7.42
C THR A 76 -4.71 1.20 -6.44
N ASP A 77 -3.85 2.06 -6.96
CA ASP A 77 -3.14 3.03 -6.12
C ASP A 77 -2.29 2.32 -5.06
N VAL A 78 -1.26 1.62 -5.50
CA VAL A 78 -0.38 0.90 -4.59
C VAL A 78 0.67 1.83 -3.99
N ARG A 79 0.81 1.77 -2.67
CA ARG A 79 1.78 2.60 -1.96
C ARG A 79 2.63 1.78 -1.01
N LEU A 80 3.94 1.94 -1.11
CA LEU A 80 4.87 1.19 -0.26
C LEU A 80 4.53 1.40 1.21
N LEU A 81 4.93 0.45 2.05
CA LEU A 81 4.68 0.51 3.48
C LEU A 81 5.92 0.96 4.23
N PRO A 82 5.72 1.49 5.46
CA PRO A 82 6.81 1.96 6.31
C PRO A 82 7.69 0.82 6.82
N GLN A 83 8.92 1.15 7.20
CA GLN A 83 9.85 0.15 7.71
C GLN A 83 10.29 0.49 9.12
N GLY A 84 10.32 -0.51 10.00
CA GLY A 84 10.72 -0.30 11.37
C GLY A 84 11.65 -1.38 11.87
N THR A 85 12.86 -0.99 12.28
CA THR A 85 13.85 -1.93 12.78
C THR A 85 14.41 -1.48 14.13
N VAL A 86 14.25 -2.32 15.14
CA VAL A 86 14.74 -2.00 16.48
C VAL A 86 16.18 -2.48 16.67
N ILE A 87 16.94 -1.74 17.47
CA ILE A 87 18.33 -2.08 17.72
C ILE A 87 18.57 -2.33 19.21
N PHE A 88 19.38 -3.35 19.50
CA PHE A 88 19.69 -3.70 20.89
C PHE A 88 21.20 -3.66 21.14
N GLU A 89 21.90 -2.86 20.34
CA GLU A 89 23.35 -2.74 20.48
C GLU A 89 23.74 -1.30 20.79
N ASP A 90 24.81 -1.14 21.57
CA ASP A 90 25.30 0.18 21.95
C ASP A 90 26.74 0.11 22.45
N ILE A 91 27.66 -0.20 21.56
CA ILE A 91 29.07 -0.30 21.91
C ILE A 91 29.94 0.49 20.94
N SER A 92 29.36 1.48 20.30
CA SER A 92 30.07 2.32 19.34
C SER A 92 29.37 3.66 19.14
N GLY A 93 29.99 4.72 19.61
CA GLY A 93 29.42 6.05 19.47
C GLY A 93 30.16 7.09 20.28
N PRO A 94 29.76 8.36 20.11
CA PRO A 94 30.38 9.48 20.82
C PRO A 94 30.04 9.47 22.32
N SER A 95 30.74 10.32 23.07
CA SER A 95 30.52 10.40 24.52
C SER A 95 30.24 11.83 24.93
N SER A 96 29.69 12.00 26.14
CA SER A 96 29.35 13.31 26.66
C SER A 96 29.09 13.26 28.16
N GLY A 97 29.81 12.37 28.84
CA GLY A 97 29.64 12.23 30.28
C GLY A 97 30.77 12.89 31.06
N GLY A 1 -26.93 28.06 0.63
CA GLY A 1 -26.06 27.69 -0.49
C GLY A 1 -24.60 27.68 -0.12
N SER A 2 -24.26 26.94 0.94
CA SER A 2 -22.88 26.85 1.41
C SER A 2 -21.99 26.26 0.32
N SER A 3 -20.97 27.01 -0.08
CA SER A 3 -20.04 26.56 -1.10
C SER A 3 -18.75 26.03 -0.48
N GLY A 4 -18.33 24.85 -0.92
CA GLY A 4 -17.12 24.25 -0.39
C GLY A 4 -17.39 23.30 0.76
N SER A 5 -16.37 23.08 1.59
CA SER A 5 -16.51 22.18 2.73
C SER A 5 -15.31 22.30 3.66
N SER A 6 -15.46 21.79 4.88
CA SER A 6 -14.40 21.85 5.87
C SER A 6 -14.68 20.90 7.04
N GLY A 7 -13.62 20.42 7.67
CA GLY A 7 -13.76 19.50 8.78
C GLY A 7 -14.10 18.09 8.33
N ASN A 8 -14.61 17.29 9.26
CA ASN A 8 -14.97 15.91 8.96
C ASN A 8 -16.49 15.75 8.90
N ILE A 9 -16.94 14.53 8.62
CA ILE A 9 -18.36 14.24 8.53
C ILE A 9 -18.64 12.77 8.77
N MET A 10 -19.72 12.48 9.50
CA MET A 10 -20.10 11.10 9.79
C MET A 10 -19.02 10.41 10.63
N LEU A 11 -19.42 9.36 11.33
CA LEU A 11 -18.48 8.60 12.17
C LEU A 11 -18.42 7.14 11.74
N LEU A 12 -19.56 6.60 11.31
CA LEU A 12 -19.64 5.22 10.87
C LEU A 12 -18.85 5.02 9.58
N LYS A 13 -17.98 4.01 9.57
CA LYS A 13 -17.17 3.71 8.40
C LYS A 13 -16.33 4.92 7.99
N LYS A 14 -15.22 5.13 8.68
CA LYS A 14 -14.33 6.25 8.38
C LYS A 14 -13.07 5.77 7.66
N LYS A 15 -12.64 4.55 7.98
CA LYS A 15 -11.45 3.99 7.36
C LYS A 15 -11.83 3.13 6.14
N GLN A 16 -13.07 2.67 6.12
CA GLN A 16 -13.56 1.85 5.02
C GLN A 16 -12.89 0.47 5.05
N ALA A 17 -11.64 0.42 4.62
CA ALA A 17 -10.89 -0.83 4.59
C ALA A 17 -9.46 -0.61 4.10
N ARG A 18 -8.68 -1.68 4.05
CA ARG A 18 -7.30 -1.60 3.60
C ARG A 18 -6.67 -3.00 3.51
N CYS A 19 -5.84 -3.19 2.50
CA CYS A 19 -5.18 -4.48 2.29
C CYS A 19 -3.70 -4.29 1.94
N GLN A 20 -2.83 -4.90 2.74
CA GLN A 20 -1.40 -4.78 2.51
C GLN A 20 -0.76 -6.16 2.35
N GLY A 21 0.48 -6.19 1.87
CA GLY A 21 1.17 -7.45 1.67
C GLY A 21 2.63 -7.25 1.30
N VAL A 22 3.18 -8.20 0.55
CA VAL A 22 4.58 -8.14 0.12
C VAL A 22 4.71 -8.52 -1.35
N VAL A 23 5.58 -7.80 -2.06
CA VAL A 23 5.81 -8.07 -3.47
C VAL A 23 6.28 -9.49 -3.69
N CYS A 24 5.39 -10.35 -4.17
CA CYS A 24 5.72 -11.74 -4.43
C CYS A 24 6.31 -11.92 -5.82
N ALA A 25 5.66 -11.28 -6.80
CA ALA A 25 6.13 -11.36 -8.19
C ALA A 25 7.02 -10.17 -8.54
N MET A 26 8.00 -10.41 -9.40
CA MET A 26 8.92 -9.37 -9.82
C MET A 26 9.07 -9.35 -11.35
N LYS A 27 8.50 -8.32 -11.97
CA LYS A 27 8.58 -8.18 -13.42
C LYS A 27 8.93 -6.75 -13.82
N GLU A 28 9.13 -6.53 -15.11
CA GLU A 28 9.47 -5.21 -15.62
C GLU A 28 8.26 -4.53 -16.24
N ALA A 29 7.14 -4.56 -15.53
CA ALA A 29 5.91 -3.95 -16.01
C ALA A 29 4.80 -4.05 -14.97
N PHE A 30 4.69 -5.22 -14.35
CA PHE A 30 3.66 -5.45 -13.33
C PHE A 30 4.10 -6.55 -12.36
N GLY A 31 3.34 -6.71 -11.28
CA GLY A 31 3.67 -7.73 -10.30
C GLY A 31 2.48 -8.08 -9.43
N PHE A 32 2.69 -8.99 -8.49
CA PHE A 32 1.62 -9.42 -7.59
C PHE A 32 2.03 -9.21 -6.13
N ILE A 33 1.09 -9.45 -5.22
CA ILE A 33 1.35 -9.30 -3.79
C ILE A 33 0.79 -10.47 -2.99
N GLU A 34 1.58 -10.97 -2.06
CA GLU A 34 1.16 -12.09 -1.23
C GLU A 34 0.25 -11.62 -0.10
N ARG A 35 -0.77 -12.43 0.22
CA ARG A 35 -1.71 -12.09 1.26
C ARG A 35 -0.99 -11.76 2.57
N GLY A 36 -1.59 -10.91 3.38
CA GLY A 36 -0.98 -10.52 4.64
C GLY A 36 -1.76 -11.04 5.84
N ASP A 37 -3.08 -11.13 5.69
CA ASP A 37 -3.94 -11.61 6.77
C ASP A 37 -5.21 -12.23 6.20
N VAL A 38 -5.13 -12.74 4.98
CA VAL A 38 -6.27 -13.37 4.33
C VAL A 38 -5.82 -14.46 3.36
N VAL A 39 -6.78 -15.09 2.71
CA VAL A 39 -6.49 -16.16 1.75
C VAL A 39 -6.89 -15.75 0.33
N LYS A 40 -6.54 -14.52 -0.04
CA LYS A 40 -6.86 -14.00 -1.37
C LYS A 40 -5.72 -13.15 -1.91
N GLU A 41 -5.50 -13.23 -3.21
CA GLU A 41 -4.43 -12.47 -3.86
C GLU A 41 -5.02 -11.44 -4.84
N ILE A 42 -4.19 -10.50 -5.25
CA ILE A 42 -4.62 -9.46 -6.19
C ILE A 42 -3.49 -9.10 -7.16
N PHE A 43 -3.84 -8.38 -8.22
CA PHE A 43 -2.87 -7.97 -9.21
C PHE A 43 -2.82 -6.44 -9.33
N PHE A 44 -1.61 -5.90 -9.36
CA PHE A 44 -1.41 -4.46 -9.46
C PHE A 44 -0.38 -4.12 -10.53
N HIS A 45 -0.48 -2.92 -11.09
CA HIS A 45 0.46 -2.47 -12.11
C HIS A 45 1.38 -1.39 -11.57
N TYR A 46 2.61 -1.38 -12.07
CA TYR A 46 3.61 -0.39 -11.63
C TYR A 46 3.13 1.02 -11.93
N SER A 47 2.29 1.16 -12.96
CA SER A 47 1.76 2.46 -13.34
C SER A 47 1.00 3.10 -12.19
N GLU A 48 0.27 2.28 -11.45
CA GLU A 48 -0.51 2.76 -10.32
C GLU A 48 0.34 2.85 -9.06
N PHE A 49 1.39 2.04 -9.00
CA PHE A 49 2.29 2.02 -7.85
C PHE A 49 2.79 3.43 -7.53
N LYS A 50 2.76 3.79 -6.25
CA LYS A 50 3.20 5.10 -5.82
C LYS A 50 4.32 4.98 -4.79
N GLY A 51 5.54 4.72 -5.27
CA GLY A 51 6.68 4.59 -4.38
C GLY A 51 8.00 4.62 -5.11
N ASP A 52 8.87 3.67 -4.82
CA ASP A 52 10.17 3.60 -5.46
C ASP A 52 10.20 2.49 -6.51
N LEU A 53 10.36 2.89 -7.77
CA LEU A 53 10.41 1.93 -8.87
C LEU A 53 11.80 1.35 -9.03
N GLU A 54 12.81 2.10 -8.58
CA GLU A 54 14.19 1.66 -8.67
C GLU A 54 14.59 0.86 -7.43
N THR A 55 14.13 1.32 -6.26
CA THR A 55 14.44 0.66 -5.01
C THR A 55 13.21 -0.01 -4.42
N LEU A 56 12.99 -1.26 -4.80
CA LEU A 56 11.83 -2.02 -4.31
C LEU A 56 12.06 -3.53 -4.49
N GLN A 57 12.85 -4.10 -3.60
CA GLN A 57 13.14 -5.53 -3.65
C GLN A 57 13.91 -5.98 -2.42
N PRO A 58 13.88 -7.29 -2.14
CA PRO A 58 13.13 -8.26 -2.95
C PRO A 58 11.62 -8.08 -2.83
N GLY A 59 11.14 -7.98 -1.59
CA GLY A 59 9.72 -7.81 -1.36
C GLY A 59 9.43 -6.85 -0.23
N ASP A 60 9.34 -5.56 -0.56
CA ASP A 60 9.07 -4.53 0.43
C ASP A 60 7.57 -4.44 0.72
N ASP A 61 7.22 -4.35 1.99
CA ASP A 61 5.82 -4.25 2.41
C ASP A 61 5.11 -3.12 1.67
N VAL A 62 3.92 -3.41 1.14
CA VAL A 62 3.15 -2.42 0.43
C VAL A 62 1.68 -2.47 0.83
N GLU A 63 0.99 -1.35 0.64
CA GLU A 63 -0.43 -1.26 1.00
C GLU A 63 -1.27 -0.90 -0.23
N PHE A 64 -2.57 -1.17 -0.13
CA PHE A 64 -3.49 -0.88 -1.23
C PHE A 64 -4.94 -1.12 -0.81
N THR A 65 -5.87 -0.72 -1.67
CA THR A 65 -7.28 -0.89 -1.39
C THR A 65 -8.02 -1.47 -2.59
N ILE A 66 -8.58 -2.66 -2.41
CA ILE A 66 -9.32 -3.32 -3.48
C ILE A 66 -10.72 -2.77 -3.61
N LYS A 67 -11.18 -2.60 -4.85
CA LYS A 67 -12.51 -2.07 -5.12
C LYS A 67 -13.31 -3.02 -5.99
N ASP A 68 -14.56 -2.66 -6.26
CA ASP A 68 -15.43 -3.49 -7.10
C ASP A 68 -14.89 -3.58 -8.51
N ARG A 69 -14.47 -4.78 -8.91
CA ARG A 69 -13.93 -5.00 -10.25
C ARG A 69 -14.51 -6.27 -10.86
N ASN A 70 -15.41 -6.11 -11.82
CA ASN A 70 -16.03 -7.26 -12.49
C ASN A 70 -15.00 -8.04 -13.30
N GLY A 71 -14.98 -9.35 -13.12
CA GLY A 71 -14.05 -10.19 -13.84
C GLY A 71 -12.89 -10.65 -12.97
N LYS A 72 -11.94 -9.75 -12.74
CA LYS A 72 -10.78 -10.07 -11.92
C LYS A 72 -10.58 -9.03 -10.82
N GLU A 73 -9.84 -9.41 -9.79
CA GLU A 73 -9.58 -8.51 -8.66
C GLU A 73 -8.17 -7.91 -8.77
N VAL A 74 -8.11 -6.61 -8.99
CA VAL A 74 -6.84 -5.90 -9.11
C VAL A 74 -6.75 -4.74 -8.13
N ALA A 75 -5.57 -4.54 -7.56
CA ALA A 75 -5.36 -3.45 -6.60
C ALA A 75 -5.04 -2.15 -7.33
N THR A 76 -5.44 -1.03 -6.73
CA THR A 76 -5.20 0.28 -7.31
C THR A 76 -4.62 1.24 -6.27
N ASP A 77 -3.83 2.20 -6.75
CA ASP A 77 -3.21 3.19 -5.87
C ASP A 77 -2.41 2.50 -4.77
N VAL A 78 -1.33 1.82 -5.16
CA VAL A 78 -0.48 1.12 -4.21
C VAL A 78 0.50 2.08 -3.55
N ARG A 79 0.68 1.94 -2.24
CA ARG A 79 1.60 2.79 -1.50
C ARG A 79 2.51 1.96 -0.61
N LEU A 80 3.82 2.16 -0.76
CA LEU A 80 4.81 1.42 0.03
C LEU A 80 4.53 1.58 1.52
N LEU A 81 4.73 0.50 2.27
CA LEU A 81 4.51 0.51 3.72
C LEU A 81 5.76 1.00 4.45
N PRO A 82 5.57 1.47 5.69
CA PRO A 82 6.66 1.96 6.53
C PRO A 82 7.59 0.86 6.99
N GLN A 83 8.76 1.24 7.51
CA GLN A 83 9.74 0.27 7.98
C GLN A 83 9.39 -0.22 9.38
N GLY A 84 10.19 -1.15 9.90
CA GLY A 84 9.94 -1.68 11.22
C GLY A 84 10.61 -0.86 12.31
N THR A 85 9.95 0.21 12.74
CA THR A 85 10.49 1.07 13.78
C THR A 85 9.58 1.08 15.00
N VAL A 86 10.13 1.52 16.14
CA VAL A 86 9.37 1.57 17.38
C VAL A 86 9.13 3.02 17.82
N ILE A 87 8.01 3.25 18.48
CA ILE A 87 7.66 4.59 18.95
C ILE A 87 7.98 4.74 20.42
N PHE A 88 8.49 5.92 20.80
CA PHE A 88 8.83 6.19 22.19
C PHE A 88 7.81 7.13 22.82
N GLU A 89 7.39 6.81 24.03
CA GLU A 89 6.40 7.61 24.75
C GLU A 89 6.91 7.99 26.14
N ASP A 90 6.30 9.00 26.75
CA ASP A 90 6.68 9.45 28.07
C ASP A 90 5.46 9.80 28.92
N ILE A 91 4.72 8.78 29.32
CA ILE A 91 3.52 8.98 30.13
C ILE A 91 3.48 8.01 31.31
N SER A 92 4.64 7.75 31.89
CA SER A 92 4.74 6.85 33.02
C SER A 92 4.55 7.60 34.35
N GLY A 93 3.56 7.17 35.12
CA GLY A 93 3.29 7.81 36.39
C GLY A 93 2.69 6.86 37.41
N PRO A 94 2.45 7.36 38.63
CA PRO A 94 1.88 6.56 39.71
C PRO A 94 0.41 6.21 39.47
N SER A 95 -0.09 5.24 40.22
CA SER A 95 -1.47 4.80 40.08
C SER A 95 -2.34 5.38 41.19
N SER A 96 -3.57 4.90 41.29
CA SER A 96 -4.51 5.37 42.31
C SER A 96 -4.76 6.86 42.15
N GLY A 97 -5.55 7.41 43.07
CA GLY A 97 -5.87 8.83 43.02
C GLY A 97 -5.88 9.47 44.39
#